data_1RXL
#
_entry.id   1RXL
#
_entity_poly.entity_id   1
_entity_poly.type   'polypeptide(L)'
_entity_poly.pdbx_seq_one_letter_code
;HHHHHHGLVPRGSEECQVRVGDLTVAKTRGQLTDAAPIGPVTVQALGCNARQVALKADTDNFEQGKFFLISDNNRDKLYV
NIRPMDNSAWTTDNGVFYKNDVGSWGGTIGIYVDGQQTNTPPGNYTLTLTGGYWAKDNKQGFTPSGTTGTTKLTVT
;
_entity_poly.pdbx_strand_id   A
#
# COMPACT_ATOMS: atom_id res chain seq x y z
N GLU A 14 -14.03 -16.80 -1.87
CA GLU A 14 -12.63 -17.22 -2.02
C GLU A 14 -11.76 -16.58 -0.96
N GLU A 15 -10.81 -17.33 -0.45
CA GLU A 15 -9.92 -16.82 0.57
C GLU A 15 -8.59 -16.44 -0.07
N CYS A 16 -8.39 -15.15 -0.22
CA CYS A 16 -7.20 -14.65 -0.89
C CYS A 16 -6.02 -14.55 0.06
N GLN A 17 -5.11 -15.50 -0.06
CA GLN A 17 -3.89 -15.46 0.70
C GLN A 17 -2.87 -14.60 -0.03
N VAL A 18 -2.56 -13.45 0.53
CA VAL A 18 -1.68 -12.50 -0.11
C VAL A 18 -0.34 -12.41 0.61
N ARG A 19 0.73 -12.58 -0.14
CA ARG A 19 2.07 -12.45 0.38
C ARG A 19 2.52 -11.01 0.33
N VAL A 20 2.59 -10.36 1.48
CA VAL A 20 3.06 -8.99 1.56
C VAL A 20 4.40 -8.96 2.28
N GLY A 21 5.41 -8.44 1.60
CA GLY A 21 6.75 -8.42 2.17
C GLY A 21 7.02 -7.18 2.99
N ASP A 22 7.62 -7.39 4.16
CA ASP A 22 8.04 -6.29 5.02
C ASP A 22 9.25 -5.61 4.42
N LEU A 23 9.12 -4.34 4.07
CA LEU A 23 10.20 -3.64 3.38
C LEU A 23 10.74 -2.48 4.20
N THR A 24 11.84 -2.69 4.90
CA THR A 24 12.52 -1.60 5.56
C THR A 24 13.74 -1.19 4.73
N VAL A 25 13.68 0.02 4.18
CA VAL A 25 14.70 0.51 3.25
C VAL A 25 14.76 2.03 3.33
N ALA A 26 15.94 2.60 3.11
CA ALA A 26 16.13 4.05 3.26
C ALA A 26 15.87 4.80 1.95
N LYS A 27 14.91 5.74 1.99
CA LYS A 27 14.67 6.64 0.87
C LYS A 27 14.31 8.03 1.38
N THR A 28 14.13 8.95 0.45
CA THR A 28 13.61 10.27 0.74
C THR A 28 12.22 10.42 0.13
N ARG A 29 11.36 11.23 0.75
CA ARG A 29 10.00 11.42 0.25
C ARG A 29 10.01 12.53 -0.79
N GLY A 30 11.18 13.15 -0.95
CA GLY A 30 11.38 14.12 -2.01
C GLY A 30 11.82 13.44 -3.28
N GLN A 31 12.50 12.30 -3.11
CA GLN A 31 12.84 11.44 -4.22
C GLN A 31 11.55 10.87 -4.80
N LEU A 32 10.59 10.63 -3.92
CA LEU A 32 9.24 10.30 -4.33
C LEU A 32 8.63 11.51 -5.03
N THR A 33 8.69 11.51 -6.34
CA THR A 33 8.19 12.63 -7.13
C THR A 33 6.84 12.28 -7.73
N ASP A 34 5.86 12.13 -6.84
CA ASP A 34 4.52 11.67 -7.20
C ASP A 34 4.55 10.24 -7.72
N ALA A 35 4.88 10.09 -8.99
CA ALA A 35 4.91 8.78 -9.61
C ALA A 35 6.32 8.19 -9.57
N ALA A 36 6.71 7.72 -8.40
CA ALA A 36 8.02 7.09 -8.23
C ALA A 36 7.91 5.92 -7.26
N PRO A 37 7.83 4.69 -7.79
CA PRO A 37 7.73 3.49 -6.97
C PRO A 37 9.06 3.10 -6.33
N ILE A 38 9.23 3.43 -5.07
CA ILE A 38 10.46 3.07 -4.37
C ILE A 38 10.14 2.09 -3.24
N GLY A 39 8.93 1.55 -3.27
CA GLY A 39 8.58 0.47 -2.39
C GLY A 39 7.83 -0.63 -3.12
N PRO A 40 8.44 -1.25 -4.14
CA PRO A 40 7.82 -2.37 -4.86
C PRO A 40 7.60 -3.60 -3.98
N VAL A 41 6.36 -3.81 -3.58
CA VAL A 41 6.00 -4.96 -2.77
C VAL A 41 5.63 -6.14 -3.67
N THR A 42 6.31 -7.25 -3.49
CA THR A 42 6.04 -8.45 -4.27
C THR A 42 4.81 -9.17 -3.72
N VAL A 43 3.66 -8.80 -4.24
CA VAL A 43 2.39 -9.34 -3.78
C VAL A 43 1.99 -10.56 -4.57
N GLN A 44 1.89 -11.67 -3.88
CA GLN A 44 1.40 -12.90 -4.48
C GLN A 44 0.06 -13.26 -3.86
N ALA A 45 -0.96 -13.42 -4.70
CA ALA A 45 -2.30 -13.67 -4.23
C ALA A 45 -2.78 -15.06 -4.68
N LEU A 46 -3.04 -15.91 -3.70
CA LEU A 46 -3.52 -17.27 -3.98
C LEU A 46 -5.03 -17.24 -4.25
N GLY A 47 -5.41 -17.68 -5.43
CA GLY A 47 -6.82 -17.75 -5.78
C GLY A 47 -7.35 -16.44 -6.32
N CYS A 48 -8.41 -15.94 -5.70
CA CYS A 48 -9.02 -14.67 -6.09
C CYS A 48 -9.61 -14.75 -7.50
N ASN A 49 -9.93 -15.97 -7.94
CA ASN A 49 -10.33 -16.22 -9.33
C ASN A 49 -11.42 -15.27 -9.79
N ALA A 50 -12.39 -15.02 -8.92
CA ALA A 50 -13.45 -14.08 -9.24
C ALA A 50 -13.46 -12.93 -8.24
N ARG A 51 -12.31 -12.65 -7.65
CA ARG A 51 -12.23 -11.68 -6.57
C ARG A 51 -11.27 -10.55 -6.90
N GLN A 52 -11.60 -9.35 -6.45
CA GLN A 52 -10.70 -8.22 -6.52
C GLN A 52 -9.72 -8.28 -5.35
N VAL A 53 -8.52 -7.77 -5.55
CA VAL A 53 -7.53 -7.72 -4.49
C VAL A 53 -7.34 -6.27 -4.08
N ALA A 54 -7.41 -6.01 -2.78
CA ALA A 54 -7.33 -4.66 -2.28
C ALA A 54 -6.43 -4.58 -1.06
N LEU A 55 -5.66 -3.54 -0.99
CA LEU A 55 -4.74 -3.34 0.12
C LEU A 55 -5.31 -2.33 1.09
N LYS A 56 -4.97 -2.47 2.36
CA LYS A 56 -5.40 -1.54 3.38
C LYS A 56 -4.22 -1.21 4.25
N ALA A 57 -4.21 -0.02 4.83
CA ALA A 57 -3.18 0.33 5.77
C ALA A 57 -3.59 -0.11 7.16
N ASP A 58 -2.63 -0.30 8.03
CA ASP A 58 -2.90 -0.66 9.41
C ASP A 58 -3.07 0.60 10.24
N THR A 59 -3.49 0.43 11.48
CA THR A 59 -3.84 1.54 12.36
C THR A 59 -2.78 2.65 12.42
N ASP A 60 -1.52 2.31 12.13
CA ASP A 60 -0.44 3.28 12.22
C ASP A 60 -0.59 4.38 11.17
N ASN A 61 -1.05 4.01 9.98
CA ASN A 61 -1.13 4.94 8.87
C ASN A 61 -2.50 4.88 8.18
N PHE A 62 -3.49 4.34 8.88
CA PHE A 62 -4.84 4.26 8.37
C PHE A 62 -5.80 4.97 9.32
N GLU A 63 -6.18 6.19 8.96
CA GLU A 63 -7.10 6.95 9.78
C GLU A 63 -8.47 7.02 9.14
N GLN A 64 -9.37 6.15 9.61
CA GLN A 64 -10.76 6.07 9.16
C GLN A 64 -10.84 5.44 7.76
N GLY A 65 -10.03 5.94 6.84
CA GLY A 65 -10.02 5.41 5.50
C GLY A 65 -9.05 6.17 4.62
N LYS A 66 -7.92 6.55 5.20
CA LYS A 66 -6.86 7.21 4.45
C LYS A 66 -5.52 6.60 4.85
N PHE A 67 -4.67 6.30 3.88
CA PHE A 67 -3.34 5.82 4.20
C PHE A 67 -2.26 6.79 3.75
N PHE A 68 -1.16 6.78 4.48
CA PHE A 68 -0.09 7.74 4.29
C PHE A 68 1.22 7.20 4.85
N LEU A 69 2.28 7.98 4.73
CA LEU A 69 3.53 7.69 5.39
C LEU A 69 3.57 8.43 6.71
N ILE A 70 3.52 7.70 7.81
CA ILE A 70 3.61 8.32 9.13
C ILE A 70 4.97 8.02 9.74
N SER A 71 5.55 9.01 10.40
CA SER A 71 6.87 8.86 10.98
C SER A 71 6.79 8.09 12.29
N ASP A 72 7.90 7.47 12.66
CA ASP A 72 8.02 6.73 13.93
C ASP A 72 7.65 7.61 15.13
N ASN A 73 7.85 8.93 14.97
CA ASN A 73 7.52 9.86 16.04
C ASN A 73 6.30 10.71 15.68
N ASN A 74 5.58 10.29 14.63
CA ASN A 74 4.35 10.96 14.17
C ASN A 74 4.55 12.46 13.96
N ARG A 75 5.75 12.85 13.51
CA ARG A 75 6.06 14.27 13.32
C ARG A 75 5.48 14.80 12.01
N ASP A 76 5.32 13.92 11.03
CA ASP A 76 4.88 14.32 9.71
C ASP A 76 4.09 13.20 9.06
N LYS A 77 3.02 13.54 8.36
CA LYS A 77 2.22 12.55 7.64
C LYS A 77 2.03 13.00 6.19
N LEU A 78 2.25 12.08 5.26
CA LEU A 78 2.11 12.40 3.85
C LEU A 78 1.46 11.24 3.10
N TYR A 79 0.37 11.54 2.41
CA TYR A 79 -0.43 10.52 1.76
C TYR A 79 0.29 9.90 0.57
N VAL A 80 0.10 8.60 0.39
CA VAL A 80 0.71 7.87 -0.70
C VAL A 80 -0.32 6.99 -1.37
N ASN A 81 0.04 6.40 -2.49
CA ASN A 81 -0.83 5.46 -3.18
C ASN A 81 -0.06 4.19 -3.51
N ILE A 82 -0.63 3.05 -3.14
CA ILE A 82 -0.03 1.77 -3.45
C ILE A 82 -0.47 1.33 -4.84
N ARG A 83 0.25 1.81 -5.83
CA ARG A 83 -0.17 1.64 -7.21
C ARG A 83 0.74 0.65 -7.91
N PRO A 84 0.18 -0.22 -8.75
CA PRO A 84 0.96 -1.20 -9.52
C PRO A 84 2.10 -0.54 -10.28
N MET A 85 3.26 -1.18 -10.22
CA MET A 85 4.45 -0.66 -10.90
C MET A 85 4.17 -0.55 -12.40
N ASP A 86 3.84 -1.69 -13.00
CA ASP A 86 3.47 -1.76 -14.40
C ASP A 86 2.99 -3.16 -14.73
N ASN A 87 1.67 -3.32 -14.85
CA ASN A 87 1.07 -4.63 -15.07
C ASN A 87 -0.44 -4.55 -15.23
N SER A 88 -1.07 -3.60 -14.56
CA SER A 88 -2.52 -3.45 -14.60
C SER A 88 -2.96 -2.10 -14.08
N ALA A 89 -4.27 -1.86 -14.10
CA ALA A 89 -4.84 -0.64 -13.54
C ALA A 89 -5.73 -0.98 -12.36
N TRP A 90 -5.52 -0.28 -11.26
CA TRP A 90 -6.29 -0.50 -10.04
C TRP A 90 -7.06 0.76 -9.67
N THR A 91 -8.20 0.57 -9.00
CA THR A 91 -9.01 1.69 -8.53
C THR A 91 -8.41 2.25 -7.25
N THR A 92 -7.93 3.48 -7.32
CA THR A 92 -7.27 4.10 -6.18
C THR A 92 -8.26 4.80 -5.25
N ASP A 93 -8.36 4.27 -4.05
CA ASP A 93 -9.03 4.93 -2.95
C ASP A 93 -7.96 5.24 -1.91
N ASN A 94 -8.22 6.13 -0.98
CA ASN A 94 -7.21 6.49 0.00
C ASN A 94 -7.19 5.46 1.13
N GLY A 95 -8.25 4.68 1.25
CA GLY A 95 -8.31 3.66 2.28
C GLY A 95 -7.98 2.29 1.74
N VAL A 96 -8.43 2.00 0.53
CA VAL A 96 -8.22 0.70 -0.08
C VAL A 96 -7.70 0.86 -1.50
N PHE A 97 -7.04 -0.16 -1.99
CA PHE A 97 -6.52 -0.13 -3.34
C PHE A 97 -6.81 -1.45 -4.00
N TYR A 98 -7.79 -1.47 -4.90
CA TYR A 98 -8.22 -2.72 -5.52
C TYR A 98 -8.39 -2.57 -7.01
N LYS A 99 -8.05 -3.64 -7.72
CA LYS A 99 -8.22 -3.66 -9.15
C LYS A 99 -9.70 -3.85 -9.50
N ASN A 100 -10.10 -3.31 -10.64
CA ASN A 100 -11.44 -3.53 -11.16
C ASN A 100 -11.52 -4.93 -11.76
N ASP A 101 -10.35 -5.50 -11.98
CA ASP A 101 -10.22 -6.86 -12.49
C ASP A 101 -10.43 -7.87 -11.36
N VAL A 102 -10.82 -9.07 -11.73
CA VAL A 102 -10.96 -10.14 -10.75
C VAL A 102 -10.07 -11.33 -11.15
N GLY A 103 -9.30 -11.82 -10.21
CA GLY A 103 -8.37 -12.89 -10.49
C GLY A 103 -7.11 -12.76 -9.66
N SER A 104 -6.24 -13.76 -9.74
CA SER A 104 -4.96 -13.72 -9.07
C SER A 104 -4.10 -12.63 -9.69
N TRP A 105 -3.64 -11.71 -8.86
CA TRP A 105 -2.89 -10.57 -9.34
C TRP A 105 -1.40 -10.88 -9.36
N GLY A 106 -0.91 -11.37 -8.21
CA GLY A 106 0.50 -11.74 -8.03
C GLY A 106 1.49 -10.93 -8.86
N GLY A 107 1.86 -9.77 -8.37
CA GLY A 107 2.81 -8.93 -9.08
C GLY A 107 3.47 -7.92 -8.17
N THR A 108 3.84 -6.76 -8.72
CA THR A 108 4.50 -5.74 -7.94
C THR A 108 3.75 -4.41 -7.97
N ILE A 109 3.43 -3.90 -6.78
CA ILE A 109 2.93 -2.55 -6.64
C ILE A 109 3.99 -1.73 -5.91
N GLY A 110 3.83 -0.42 -5.87
CA GLY A 110 4.83 0.40 -5.25
C GLY A 110 4.21 1.56 -4.49
N ILE A 111 4.98 2.14 -3.58
CA ILE A 111 4.55 3.33 -2.88
C ILE A 111 4.94 4.57 -3.67
N TYR A 112 3.93 5.28 -4.16
CA TYR A 112 4.12 6.56 -4.80
C TYR A 112 3.54 7.63 -3.89
N VAL A 113 4.31 8.64 -3.56
CA VAL A 113 3.79 9.73 -2.74
C VAL A 113 2.81 10.55 -3.56
N ASP A 114 1.68 10.91 -2.96
CA ASP A 114 0.64 11.61 -3.69
C ASP A 114 1.08 13.03 -4.06
N GLY A 115 1.53 13.20 -5.30
CA GLY A 115 1.85 14.52 -5.82
C GLY A 115 3.13 15.12 -5.27
N GLN A 116 4.03 14.28 -4.75
CA GLN A 116 5.26 14.75 -4.09
C GLN A 116 4.94 15.79 -3.01
N GLN A 117 4.90 15.35 -1.78
CA GLN A 117 4.45 16.20 -0.70
C GLN A 117 5.44 17.33 -0.42
N THR A 118 6.64 16.94 0.00
CA THR A 118 7.62 17.89 0.55
C THR A 118 8.91 17.18 0.93
N ASN A 119 8.76 16.18 1.81
CA ASN A 119 9.89 15.54 2.50
C ASN A 119 10.45 16.49 3.54
N THR A 120 9.76 16.55 4.67
CA THR A 120 10.20 17.37 5.79
C THR A 120 11.18 16.58 6.63
N PRO A 121 12.40 17.13 6.88
CA PRO A 121 13.52 16.45 7.54
C PRO A 121 13.12 15.26 8.41
N PRO A 122 13.06 14.08 7.76
CA PRO A 122 12.54 12.86 8.36
C PRO A 122 13.56 12.07 9.18
N GLY A 123 13.27 10.79 9.33
CA GLY A 123 14.11 9.89 10.08
C GLY A 123 13.67 8.47 9.84
N ASN A 124 12.63 8.06 10.55
CA ASN A 124 12.05 6.74 10.34
C ASN A 124 10.56 6.87 10.10
N TYR A 125 10.05 6.11 9.13
CA TYR A 125 8.63 6.12 8.79
C TYR A 125 8.06 4.71 8.85
N THR A 126 6.85 4.59 9.34
CA THR A 126 6.20 3.30 9.50
C THR A 126 4.86 3.27 8.79
N LEU A 127 4.77 2.47 7.75
CA LEU A 127 3.51 2.32 7.04
C LEU A 127 3.15 0.83 6.94
N THR A 128 2.47 0.34 7.96
CA THR A 128 2.06 -1.04 8.01
C THR A 128 0.93 -1.29 7.02
N LEU A 129 1.13 -2.23 6.10
CA LEU A 129 0.14 -2.50 5.07
C LEU A 129 -0.49 -3.87 5.30
N THR A 130 -1.80 -3.87 5.48
CA THR A 130 -2.53 -5.10 5.72
C THR A 130 -3.04 -5.68 4.40
N GLY A 131 -2.63 -6.89 4.09
CA GLY A 131 -3.08 -7.54 2.89
C GLY A 131 -4.50 -8.07 3.04
N GLY A 132 -5.11 -8.39 1.91
CA GLY A 132 -6.45 -8.94 1.94
C GLY A 132 -7.12 -8.83 0.59
N TYR A 133 -8.34 -9.31 0.51
CA TYR A 133 -9.09 -9.20 -0.72
C TYR A 133 -10.23 -8.22 -0.55
N TRP A 134 -10.97 -8.02 -1.62
CA TRP A 134 -12.07 -7.09 -1.64
C TRP A 134 -13.21 -7.70 -2.45
N ALA A 135 -14.46 -7.46 -2.04
CA ALA A 135 -15.60 -8.10 -2.67
C ALA A 135 -16.80 -7.18 -2.82
N LYS A 136 -16.62 -6.09 -3.56
CA LYS A 136 -17.72 -5.20 -3.96
C LYS A 136 -17.15 -3.92 -4.57
N ASP A 137 -17.51 -2.78 -4.01
CA ASP A 137 -17.05 -1.49 -4.53
C ASP A 137 -17.32 -0.36 -3.54
N ASN A 138 -16.22 0.25 -3.08
CA ASN A 138 -16.21 1.44 -2.20
C ASN A 138 -16.88 1.25 -0.83
N LYS A 139 -17.89 0.38 -0.75
CA LYS A 139 -18.61 0.14 0.51
C LYS A 139 -17.70 -0.49 1.56
N GLN A 140 -16.46 -0.75 1.17
CA GLN A 140 -15.44 -1.32 2.05
C GLN A 140 -15.72 -2.79 2.31
N GLY A 141 -16.03 -3.50 1.25
CA GLY A 141 -16.14 -4.93 1.34
C GLY A 141 -14.79 -5.58 1.29
N PHE A 142 -13.94 -5.24 2.24
CA PHE A 142 -12.59 -5.73 2.27
C PHE A 142 -12.44 -6.79 3.37
N THR A 143 -11.60 -7.77 3.13
CA THR A 143 -11.32 -8.78 4.14
C THR A 143 -9.83 -8.97 4.30
N PRO A 144 -9.28 -8.61 5.48
CA PRO A 144 -7.86 -8.79 5.79
C PRO A 144 -7.46 -10.26 5.76
N SER A 145 -6.55 -10.60 4.87
CA SER A 145 -6.16 -11.99 4.66
C SER A 145 -4.68 -12.07 4.30
N GLY A 146 -4.07 -13.21 4.58
CA GLY A 146 -2.67 -13.41 4.24
C GLY A 146 -1.73 -12.86 5.28
N THR A 147 -0.85 -11.96 4.86
CA THR A 147 0.18 -11.43 5.75
C THR A 147 0.12 -9.90 5.78
N THR A 148 0.37 -9.33 6.96
CA THR A 148 0.48 -7.89 7.10
C THR A 148 1.95 -7.48 6.97
N GLY A 149 2.26 -6.75 5.92
CA GLY A 149 3.63 -6.34 5.68
C GLY A 149 3.90 -4.94 6.18
N THR A 150 4.91 -4.79 7.01
CA THR A 150 5.26 -3.51 7.56
C THR A 150 6.33 -2.83 6.71
N THR A 151 5.91 -1.92 5.85
CA THR A 151 6.86 -1.16 5.07
C THR A 151 7.43 -0.03 5.92
N LYS A 152 8.74 -0.06 6.11
CA LYS A 152 9.40 0.92 6.95
C LYS A 152 10.30 1.80 6.10
N LEU A 153 10.01 3.09 6.10
CA LEU A 153 10.69 4.03 5.25
C LEU A 153 11.62 4.93 6.07
N THR A 154 12.87 4.52 6.12
CA THR A 154 13.91 5.26 6.81
C THR A 154 14.58 6.22 5.84
N VAL A 155 15.03 7.37 6.29
CA VAL A 155 15.83 8.25 5.44
C VAL A 155 17.31 8.14 5.78
N THR A 156 18.11 7.81 4.78
CA THR A 156 19.55 7.69 4.94
C THR A 156 20.23 7.86 3.57
N GLU A 14 -11.17 -21.66 -1.43
CA GLU A 14 -11.31 -20.28 -1.90
C GLU A 14 -10.89 -19.30 -0.82
N GLU A 15 -9.59 -19.01 -0.78
CA GLU A 15 -9.04 -18.07 0.16
C GLU A 15 -7.79 -17.47 -0.43
N CYS A 16 -7.94 -16.29 -1.01
CA CYS A 16 -6.83 -15.66 -1.70
C CYS A 16 -5.98 -14.87 -0.72
N GLN A 17 -4.88 -15.47 -0.32
CA GLN A 17 -3.94 -14.81 0.57
C GLN A 17 -2.97 -13.96 -0.22
N VAL A 18 -2.66 -12.79 0.31
CA VAL A 18 -1.67 -11.92 -0.29
C VAL A 18 -0.45 -11.85 0.62
N ARG A 19 0.72 -12.16 0.08
CA ARG A 19 1.94 -12.12 0.86
C ARG A 19 2.68 -10.81 0.63
N VAL A 20 2.58 -9.93 1.61
CA VAL A 20 3.24 -8.64 1.56
C VAL A 20 4.47 -8.67 2.45
N GLY A 21 5.64 -8.49 1.85
CA GLY A 21 6.87 -8.51 2.61
C GLY A 21 7.11 -7.20 3.33
N ASP A 22 7.81 -7.28 4.46
CA ASP A 22 8.13 -6.08 5.23
C ASP A 22 9.24 -5.31 4.54
N LEU A 23 8.90 -4.13 4.04
CA LEU A 23 9.85 -3.32 3.29
C LEU A 23 10.55 -2.33 4.20
N THR A 24 11.70 -2.69 4.72
CA THR A 24 12.52 -1.73 5.44
C THR A 24 13.55 -1.14 4.49
N VAL A 25 13.41 0.15 4.21
CA VAL A 25 14.25 0.80 3.21
C VAL A 25 14.78 2.12 3.75
N ALA A 26 16.01 2.44 3.38
CA ALA A 26 16.60 3.71 3.77
C ALA A 26 16.55 4.68 2.60
N LYS A 27 15.53 5.54 2.59
CA LYS A 27 15.30 6.47 1.49
C LYS A 27 14.72 7.79 2.02
N THR A 28 14.59 8.77 1.15
CA THR A 28 13.93 10.01 1.47
C THR A 28 12.56 10.06 0.77
N ARG A 29 11.71 11.02 1.14
CA ARG A 29 10.40 11.15 0.49
C ARG A 29 10.56 12.01 -0.75
N GLY A 30 11.68 12.71 -0.82
CA GLY A 30 12.03 13.46 -2.01
C GLY A 30 12.29 12.55 -3.19
N GLN A 31 12.64 11.30 -2.89
CA GLN A 31 12.75 10.25 -3.90
C GLN A 31 11.42 10.09 -4.62
N LEU A 32 10.35 10.34 -3.89
CA LEU A 32 9.01 10.20 -4.43
C LEU A 32 8.50 11.55 -4.90
N THR A 33 8.46 11.74 -6.21
CA THR A 33 7.98 12.97 -6.78
C THR A 33 6.61 12.72 -7.42
N ASP A 34 5.63 12.50 -6.55
CA ASP A 34 4.27 12.11 -6.95
C ASP A 34 4.27 10.71 -7.56
N ALA A 35 4.66 10.60 -8.82
CA ALA A 35 4.68 9.31 -9.48
C ALA A 35 6.11 8.76 -9.54
N ALA A 36 6.65 8.51 -8.36
CA ALA A 36 7.94 7.86 -8.22
C ALA A 36 7.91 6.94 -7.02
N PRO A 37 8.09 5.64 -7.24
CA PRO A 37 8.03 4.62 -6.21
C PRO A 37 9.39 4.33 -5.55
N ILE A 38 9.33 3.68 -4.40
CA ILE A 38 10.53 3.22 -3.70
C ILE A 38 10.53 1.71 -3.56
N GLY A 39 9.48 1.18 -2.94
CA GLY A 39 9.40 -0.24 -2.70
C GLY A 39 8.24 -0.89 -3.44
N PRO A 40 8.50 -1.51 -4.59
CA PRO A 40 7.50 -2.28 -5.32
C PRO A 40 7.31 -3.68 -4.73
N VAL A 41 6.21 -3.87 -4.03
CA VAL A 41 5.90 -5.17 -3.45
C VAL A 41 5.43 -6.12 -4.53
N THR A 42 6.08 -7.27 -4.62
CA THR A 42 5.67 -8.28 -5.58
C THR A 42 4.51 -9.11 -5.01
N VAL A 43 3.31 -8.57 -5.17
CA VAL A 43 2.11 -9.21 -4.67
C VAL A 43 1.80 -10.47 -5.46
N GLN A 44 1.86 -11.60 -4.79
CA GLN A 44 1.46 -12.85 -5.39
C GLN A 44 0.18 -13.33 -4.74
N ALA A 45 -0.78 -13.74 -5.55
CA ALA A 45 -2.09 -14.13 -5.06
C ALA A 45 -2.22 -15.65 -5.01
N LEU A 46 -2.61 -16.17 -3.86
CA LEU A 46 -2.78 -17.61 -3.70
C LEU A 46 -4.26 -17.97 -3.63
N GLY A 47 -4.75 -18.67 -4.66
CA GLY A 47 -6.12 -19.14 -4.66
C GLY A 47 -7.14 -18.02 -4.68
N CYS A 48 -7.09 -17.19 -5.70
CA CYS A 48 -7.99 -16.04 -5.81
C CYS A 48 -9.31 -16.41 -6.49
N ASN A 49 -9.23 -16.68 -7.80
CA ASN A 49 -10.40 -17.01 -8.63
C ASN A 49 -11.31 -15.80 -8.82
N ALA A 50 -11.85 -15.30 -7.71
CA ALA A 50 -12.80 -14.20 -7.74
C ALA A 50 -12.54 -13.27 -6.57
N ARG A 51 -11.44 -12.55 -6.64
CA ARG A 51 -11.06 -11.63 -5.58
C ARG A 51 -10.42 -10.37 -6.14
N GLN A 52 -10.86 -9.22 -5.68
CA GLN A 52 -10.26 -7.96 -6.06
C GLN A 52 -9.10 -7.66 -5.12
N VAL A 53 -7.88 -7.81 -5.63
CA VAL A 53 -6.69 -7.61 -4.83
C VAL A 53 -6.62 -6.18 -4.33
N ALA A 54 -6.83 -6.00 -3.04
CA ALA A 54 -6.87 -4.69 -2.44
C ALA A 54 -5.91 -4.63 -1.28
N LEU A 55 -5.19 -3.54 -1.17
CA LEU A 55 -4.27 -3.37 -0.07
C LEU A 55 -4.85 -2.39 0.94
N LYS A 56 -4.87 -2.80 2.19
CA LYS A 56 -5.30 -1.92 3.27
C LYS A 56 -4.11 -1.58 4.11
N ALA A 57 -4.14 -0.43 4.74
CA ALA A 57 -3.07 -0.05 5.63
C ALA A 57 -3.49 -0.28 7.06
N ASP A 58 -2.51 -0.47 7.91
CA ASP A 58 -2.76 -0.66 9.32
C ASP A 58 -3.15 0.68 9.94
N THR A 59 -3.98 0.66 10.98
CA THR A 59 -4.54 1.88 11.55
C THR A 59 -3.45 2.83 12.04
N ASP A 60 -2.25 2.32 12.24
CA ASP A 60 -1.12 3.15 12.67
C ASP A 60 -0.77 4.18 11.60
N ASN A 61 -1.08 3.83 10.36
CA ASN A 61 -0.79 4.68 9.22
C ASN A 61 -1.99 4.73 8.29
N PHE A 62 -3.18 4.54 8.87
CA PHE A 62 -4.44 4.54 8.12
C PHE A 62 -5.52 5.23 8.96
N GLU A 63 -5.81 6.47 8.62
CA GLU A 63 -6.82 7.24 9.34
C GLU A 63 -8.08 7.36 8.52
N GLN A 64 -9.18 6.79 9.05
CA GLN A 64 -10.49 6.83 8.42
C GLN A 64 -10.54 6.00 7.14
N GLY A 65 -9.67 6.32 6.20
CA GLY A 65 -9.64 5.61 4.95
C GLY A 65 -8.57 6.13 4.02
N LYS A 66 -7.47 6.60 4.61
CA LYS A 66 -6.34 7.03 3.83
C LYS A 66 -5.07 6.37 4.38
N PHE A 67 -4.23 5.85 3.50
CA PHE A 67 -2.96 5.31 3.92
C PHE A 67 -1.85 6.31 3.68
N PHE A 68 -0.94 6.39 4.65
CA PHE A 68 0.10 7.39 4.63
C PHE A 68 1.30 6.91 5.45
N LEU A 69 2.39 7.65 5.40
CA LEU A 69 3.52 7.41 6.29
C LEU A 69 3.25 8.08 7.62
N ILE A 70 3.43 7.36 8.72
CA ILE A 70 3.30 7.97 10.02
C ILE A 70 4.68 8.17 10.63
N SER A 71 4.88 9.35 11.18
CA SER A 71 6.17 9.75 11.72
C SER A 71 6.53 8.93 12.96
N ASP A 72 7.70 9.23 13.53
CA ASP A 72 8.21 8.49 14.68
C ASP A 72 7.22 8.51 15.84
N ASN A 73 6.63 9.67 16.10
CA ASN A 73 5.64 9.80 17.15
C ASN A 73 4.27 10.15 16.57
N ASN A 74 4.20 11.30 15.92
CA ASN A 74 2.95 11.80 15.32
C ASN A 74 3.19 13.18 14.72
N ARG A 75 4.43 13.43 14.35
CA ARG A 75 4.85 14.77 13.95
C ARG A 75 4.32 15.12 12.57
N ASP A 76 4.45 14.19 11.64
CA ASP A 76 4.12 14.44 10.25
C ASP A 76 3.40 13.24 9.64
N LYS A 77 2.64 13.50 8.60
CA LYS A 77 1.99 12.44 7.84
C LYS A 77 1.99 12.78 6.36
N LEU A 78 2.24 11.78 5.53
CA LEU A 78 2.23 11.97 4.09
C LEU A 78 1.59 10.77 3.40
N TYR A 79 0.54 11.01 2.64
CA TYR A 79 -0.24 9.93 2.04
C TYR A 79 0.52 9.25 0.91
N VAL A 80 0.19 7.98 0.67
CA VAL A 80 0.85 7.21 -0.38
C VAL A 80 -0.14 6.77 -1.44
N ASN A 81 0.39 6.40 -2.60
CA ASN A 81 -0.40 5.84 -3.68
C ASN A 81 0.19 4.52 -4.12
N ILE A 82 -0.59 3.45 -4.06
CA ILE A 82 -0.08 2.14 -4.41
C ILE A 82 -0.42 1.83 -5.87
N ARG A 83 0.42 2.26 -6.79
CA ARG A 83 0.11 2.08 -8.19
C ARG A 83 0.73 0.79 -8.74
N PRO A 84 -0.08 -0.04 -9.40
CA PRO A 84 0.42 -1.22 -10.09
C PRO A 84 1.56 -0.88 -11.05
N MET A 85 2.61 -1.69 -10.99
CA MET A 85 3.75 -1.50 -11.87
C MET A 85 3.44 -2.07 -13.25
N ASP A 86 2.71 -1.27 -14.05
CA ASP A 86 2.36 -1.64 -15.44
C ASP A 86 1.41 -2.84 -15.49
N ASN A 87 0.72 -3.11 -14.40
CA ASN A 87 -0.14 -4.29 -14.33
C ASN A 87 -1.60 -3.93 -14.08
N SER A 88 -2.42 -4.09 -15.12
CA SER A 88 -3.89 -4.00 -15.06
C SER A 88 -4.40 -2.64 -14.59
N ALA A 89 -5.72 -2.52 -14.53
CA ALA A 89 -6.37 -1.31 -14.08
C ALA A 89 -6.95 -1.48 -12.68
N TRP A 90 -6.47 -0.69 -11.75
CA TRP A 90 -6.92 -0.75 -10.38
C TRP A 90 -7.75 0.48 -10.02
N THR A 91 -8.70 0.30 -9.12
CA THR A 91 -9.48 1.40 -8.62
C THR A 91 -8.71 2.09 -7.49
N THR A 92 -8.30 3.31 -7.75
CA THR A 92 -7.39 4.01 -6.85
C THR A 92 -8.15 4.75 -5.74
N ASP A 93 -8.36 4.05 -4.64
CA ASP A 93 -8.79 4.69 -3.40
C ASP A 93 -7.57 4.88 -2.54
N ASN A 94 -7.56 5.93 -1.74
CA ASN A 94 -6.37 6.25 -0.96
C ASN A 94 -6.40 5.51 0.36
N GLY A 95 -7.32 4.56 0.48
CA GLY A 95 -7.36 3.72 1.66
C GLY A 95 -7.30 2.25 1.30
N VAL A 96 -7.77 1.93 0.10
CA VAL A 96 -7.73 0.58 -0.41
C VAL A 96 -7.37 0.61 -1.89
N PHE A 97 -6.51 -0.28 -2.34
CA PHE A 97 -6.15 -0.28 -3.73
C PHE A 97 -6.48 -1.64 -4.32
N TYR A 98 -7.50 -1.67 -5.16
CA TYR A 98 -8.01 -2.94 -5.67
C TYR A 98 -8.31 -2.85 -7.15
N LYS A 99 -7.96 -3.90 -7.87
CA LYS A 99 -8.38 -4.01 -9.25
C LYS A 99 -9.86 -4.33 -9.32
N ASN A 100 -10.53 -3.77 -10.29
CA ASN A 100 -11.96 -4.04 -10.51
C ASN A 100 -12.16 -5.51 -10.88
N ASP A 101 -11.12 -6.09 -11.47
CA ASP A 101 -11.14 -7.50 -11.86
C ASP A 101 -11.06 -8.39 -10.64
N VAL A 102 -11.64 -9.58 -10.74
CA VAL A 102 -11.56 -10.54 -9.67
C VAL A 102 -10.75 -11.76 -10.11
N GLY A 103 -9.70 -12.07 -9.37
CA GLY A 103 -8.89 -13.23 -9.69
C GLY A 103 -7.43 -12.99 -9.42
N SER A 104 -6.59 -13.95 -9.81
CA SER A 104 -5.16 -13.86 -9.62
C SER A 104 -4.60 -12.58 -10.24
N TRP A 105 -3.59 -12.04 -9.60
CA TRP A 105 -2.95 -10.84 -10.08
C TRP A 105 -1.44 -11.06 -10.20
N GLY A 106 -0.85 -11.50 -9.09
CA GLY A 106 0.57 -11.84 -9.03
C GLY A 106 1.48 -10.96 -9.88
N GLY A 107 1.92 -9.85 -9.31
CA GLY A 107 2.77 -8.94 -10.03
C GLY A 107 3.56 -8.04 -9.10
N THR A 108 3.55 -6.75 -9.38
CA THR A 108 4.24 -5.77 -8.55
C THR A 108 3.46 -4.46 -8.46
N ILE A 109 3.33 -3.95 -7.23
CA ILE A 109 2.74 -2.64 -6.99
C ILE A 109 3.73 -1.78 -6.21
N GLY A 110 3.77 -0.49 -6.49
CA GLY A 110 4.75 0.36 -5.86
C GLY A 110 4.12 1.43 -5.03
N ILE A 111 4.83 1.87 -3.99
CA ILE A 111 4.35 2.95 -3.16
C ILE A 111 4.94 4.28 -3.61
N TYR A 112 4.06 5.14 -4.12
CA TYR A 112 4.42 6.47 -4.54
C TYR A 112 3.90 7.44 -3.48
N VAL A 113 4.49 8.63 -3.39
CA VAL A 113 3.97 9.63 -2.48
C VAL A 113 2.87 10.43 -3.16
N ASP A 114 1.76 10.62 -2.47
CA ASP A 114 0.60 11.29 -3.06
C ASP A 114 0.91 12.73 -3.43
N GLY A 115 1.14 12.97 -4.72
CA GLY A 115 1.30 14.32 -5.23
C GLY A 115 2.58 15.00 -4.80
N GLN A 116 3.60 14.20 -4.46
CA GLN A 116 4.86 14.73 -3.93
C GLN A 116 4.63 15.56 -2.67
N GLN A 117 4.82 14.95 -1.51
CA GLN A 117 4.53 15.59 -0.24
C GLN A 117 5.69 16.46 0.23
N THR A 118 6.61 16.73 -0.71
CA THR A 118 7.68 17.69 -0.49
C THR A 118 8.77 17.16 0.46
N ASN A 119 8.55 15.96 1.01
CA ASN A 119 9.46 15.37 1.98
C ASN A 119 9.51 16.22 3.25
N THR A 120 8.58 15.97 4.14
CA THR A 120 8.49 16.69 5.40
C THR A 120 9.58 16.21 6.33
N PRO A 121 10.22 17.15 7.10
CA PRO A 121 11.34 16.87 8.02
C PRO A 121 11.28 15.48 8.65
N PRO A 122 11.91 14.52 7.96
CA PRO A 122 11.75 13.11 8.25
C PRO A 122 12.77 12.52 9.20
N GLY A 123 12.77 11.20 9.27
CA GLY A 123 13.64 10.48 10.18
C GLY A 123 13.29 9.00 10.15
N ASN A 124 12.17 8.67 10.78
CA ASN A 124 11.65 7.31 10.76
C ASN A 124 10.15 7.34 10.50
N TYR A 125 9.70 6.59 9.49
CA TYR A 125 8.28 6.55 9.17
C TYR A 125 7.79 5.12 9.07
N THR A 126 6.61 4.89 9.60
CA THR A 126 5.99 3.59 9.56
C THR A 126 4.77 3.62 8.65
N LEU A 127 4.72 2.68 7.73
CA LEU A 127 3.56 2.51 6.88
C LEU A 127 3.30 1.04 6.63
N THR A 128 2.56 0.45 7.54
CA THR A 128 2.25 -0.97 7.50
C THR A 128 1.00 -1.23 6.66
N LEU A 129 1.06 -2.24 5.82
CA LEU A 129 -0.06 -2.58 4.96
C LEU A 129 -0.54 -4.00 5.26
N THR A 130 -1.77 -4.10 5.73
CA THR A 130 -2.37 -5.38 6.03
C THR A 130 -3.07 -5.94 4.79
N GLY A 131 -2.54 -7.05 4.28
CA GLY A 131 -3.11 -7.65 3.10
C GLY A 131 -4.48 -8.23 3.37
N GLY A 132 -5.35 -8.15 2.35
CA GLY A 132 -6.69 -8.68 2.49
C GLY A 132 -7.44 -8.57 1.20
N TYR A 133 -8.67 -9.06 1.17
CA TYR A 133 -9.46 -8.94 -0.03
C TYR A 133 -10.47 -7.81 0.14
N TRP A 134 -11.28 -7.63 -0.88
CA TRP A 134 -12.26 -6.57 -0.90
C TRP A 134 -13.43 -7.02 -1.78
N ALA A 135 -14.64 -6.62 -1.40
CA ALA A 135 -15.82 -6.88 -2.20
C ALA A 135 -16.56 -5.58 -2.49
N LYS A 136 -17.16 -5.52 -3.68
CA LYS A 136 -17.96 -4.36 -4.13
C LYS A 136 -17.06 -3.16 -4.44
N ASP A 137 -17.45 -1.97 -3.98
CA ASP A 137 -16.68 -0.76 -4.22
C ASP A 137 -17.13 0.35 -3.26
N ASN A 138 -16.14 1.03 -2.66
CA ASN A 138 -16.35 2.21 -1.79
C ASN A 138 -17.07 1.89 -0.47
N LYS A 139 -18.05 0.99 -0.51
CA LYS A 139 -18.82 0.62 0.67
C LYS A 139 -17.95 -0.10 1.70
N GLN A 140 -16.71 -0.32 1.31
CA GLN A 140 -15.70 -0.96 2.13
C GLN A 140 -16.06 -2.40 2.44
N GLY A 141 -15.94 -3.25 1.43
CA GLY A 141 -16.18 -4.66 1.62
C GLY A 141 -14.88 -5.39 1.86
N PHE A 142 -14.01 -4.79 2.65
CA PHE A 142 -12.67 -5.30 2.83
C PHE A 142 -12.65 -6.41 3.87
N THR A 143 -11.66 -7.29 3.79
CA THR A 143 -11.44 -8.31 4.80
C THR A 143 -9.97 -8.74 4.79
N PRO A 144 -9.28 -8.65 5.95
CA PRO A 144 -7.88 -9.06 6.08
C PRO A 144 -7.68 -10.53 5.70
N SER A 145 -6.71 -10.78 4.82
CA SER A 145 -6.45 -12.12 4.31
C SER A 145 -4.99 -12.24 3.85
N GLY A 146 -4.19 -12.96 4.61
CA GLY A 146 -2.79 -13.13 4.23
C GLY A 146 -1.86 -12.56 5.27
N THR A 147 -0.93 -11.72 4.82
CA THR A 147 0.08 -11.16 5.70
C THR A 147 -0.01 -9.65 5.77
N THR A 148 0.46 -9.08 6.86
CA THR A 148 0.54 -7.64 7.01
C THR A 148 2.00 -7.21 6.95
N GLY A 149 2.36 -6.46 5.92
CA GLY A 149 3.74 -6.08 5.72
C GLY A 149 4.04 -4.70 6.26
N THR A 150 5.06 -4.62 7.09
CA THR A 150 5.44 -3.35 7.68
C THR A 150 6.49 -2.65 6.83
N THR A 151 6.06 -1.67 6.06
CA THR A 151 7.00 -0.85 5.31
C THR A 151 7.59 0.21 6.24
N LYS A 152 8.85 0.03 6.58
CA LYS A 152 9.53 0.94 7.49
C LYS A 152 10.54 1.73 6.71
N LEU A 153 10.25 2.99 6.56
CA LEU A 153 11.06 3.86 5.74
C LEU A 153 11.88 4.82 6.60
N THR A 154 13.17 4.54 6.68
CA THR A 154 14.10 5.37 7.42
C THR A 154 14.84 6.28 6.45
N VAL A 155 15.13 7.50 6.85
CA VAL A 155 15.76 8.47 5.97
C VAL A 155 17.23 8.18 5.73
N THR A 156 17.60 8.17 4.46
CA THR A 156 18.98 8.06 4.04
C THR A 156 19.13 8.66 2.63
N GLU A 14 -14.43 -16.58 -1.81
CA GLU A 14 -13.20 -17.39 -1.97
C GLU A 14 -12.10 -16.90 -1.05
N GLU A 15 -11.05 -17.70 -0.94
CA GLU A 15 -9.94 -17.39 -0.07
C GLU A 15 -8.87 -16.65 -0.85
N CYS A 16 -8.54 -15.45 -0.40
CA CYS A 16 -7.52 -14.66 -1.07
C CYS A 16 -6.37 -14.37 -0.12
N GLN A 17 -5.30 -15.12 -0.27
CA GLN A 17 -4.12 -14.90 0.55
C GLN A 17 -3.25 -13.85 -0.10
N VAL A 18 -3.19 -12.68 0.53
CA VAL A 18 -2.34 -11.62 0.05
C VAL A 18 -1.01 -11.64 0.79
N ARG A 19 0.04 -11.99 0.08
CA ARG A 19 1.35 -12.07 0.67
C ARG A 19 2.01 -10.70 0.69
N VAL A 20 1.95 -10.07 1.85
CA VAL A 20 2.61 -8.81 2.05
C VAL A 20 3.66 -8.96 3.15
N GLY A 21 4.92 -8.79 2.77
CA GLY A 21 5.99 -8.95 3.72
C GLY A 21 6.53 -7.63 4.20
N ASP A 22 7.64 -7.68 4.91
CA ASP A 22 8.28 -6.47 5.40
C ASP A 22 9.43 -6.10 4.50
N LEU A 23 9.61 -4.82 4.30
CA LEU A 23 10.69 -4.32 3.47
C LEU A 23 11.17 -2.99 3.98
N THR A 24 12.47 -2.89 4.20
CA THR A 24 13.07 -1.66 4.69
C THR A 24 13.89 -0.99 3.60
N VAL A 25 13.47 0.19 3.19
CA VAL A 25 14.14 0.93 2.13
C VAL A 25 14.57 2.30 2.63
N ALA A 26 15.87 2.55 2.64
CA ALA A 26 16.39 3.82 3.12
C ALA A 26 16.53 4.81 1.98
N LYS A 27 15.52 5.67 1.83
CA LYS A 27 15.50 6.69 0.80
C LYS A 27 14.84 7.96 1.35
N THR A 28 14.64 8.94 0.50
CA THR A 28 13.95 10.17 0.87
C THR A 28 12.50 10.13 0.39
N ARG A 29 11.63 10.95 0.98
CA ARG A 29 10.22 10.96 0.59
C ARG A 29 10.02 11.91 -0.59
N GLY A 30 10.90 12.90 -0.69
CA GLY A 30 10.86 13.81 -1.82
C GLY A 30 11.17 13.10 -3.12
N GLN A 31 11.96 12.04 -3.00
CA GLN A 31 12.33 11.18 -4.13
C GLN A 31 11.10 10.72 -4.91
N LEU A 32 10.01 10.51 -4.18
CA LEU A 32 8.81 9.88 -4.73
C LEU A 32 8.08 10.77 -5.72
N THR A 33 8.38 12.07 -5.68
CA THR A 33 7.90 13.04 -6.67
C THR A 33 6.50 12.72 -7.20
N ASP A 34 5.55 12.58 -6.28
CA ASP A 34 4.18 12.21 -6.60
C ASP A 34 4.07 10.74 -7.04
N ALA A 35 4.70 10.39 -8.15
CA ALA A 35 4.62 9.03 -8.64
C ALA A 35 5.96 8.53 -9.17
N ALA A 36 6.89 8.33 -8.24
CA ALA A 36 8.16 7.70 -8.56
C ALA A 36 8.45 6.62 -7.52
N PRO A 37 8.17 5.36 -7.85
CA PRO A 37 8.25 4.25 -6.90
C PRO A 37 9.67 3.89 -6.50
N ILE A 38 9.95 3.99 -5.22
CA ILE A 38 11.24 3.56 -4.69
C ILE A 38 11.26 2.05 -4.48
N GLY A 39 10.44 1.56 -3.56
CA GLY A 39 10.45 0.16 -3.21
C GLY A 39 9.13 -0.50 -3.52
N PRO A 40 9.04 -1.24 -4.63
CA PRO A 40 7.84 -1.97 -4.99
C PRO A 40 7.59 -3.16 -4.07
N VAL A 41 6.44 -3.16 -3.42
CA VAL A 41 6.04 -4.25 -2.56
C VAL A 41 5.56 -5.41 -3.42
N THR A 42 6.19 -6.56 -3.27
CA THR A 42 5.81 -7.73 -4.00
C THR A 42 4.52 -8.32 -3.43
N VAL A 43 3.41 -8.07 -4.12
CA VAL A 43 2.13 -8.56 -3.67
C VAL A 43 1.78 -9.87 -4.37
N GLN A 44 1.72 -10.93 -3.61
CA GLN A 44 1.33 -12.23 -4.14
C GLN A 44 -0.10 -12.53 -3.76
N ALA A 45 -0.89 -12.97 -4.72
CA ALA A 45 -2.29 -13.28 -4.48
C ALA A 45 -2.56 -14.75 -4.78
N LEU A 46 -2.78 -15.53 -3.73
CA LEU A 46 -3.01 -16.96 -3.88
C LEU A 46 -4.42 -17.33 -3.46
N GLY A 47 -5.07 -18.14 -4.28
CA GLY A 47 -6.42 -18.60 -3.98
C GLY A 47 -7.48 -17.75 -4.65
N CYS A 48 -7.04 -16.66 -5.26
CA CYS A 48 -7.94 -15.72 -5.90
C CYS A 48 -8.28 -16.17 -7.31
N ASN A 49 -9.38 -16.89 -7.45
CA ASN A 49 -9.85 -17.29 -8.77
C ASN A 49 -10.91 -16.32 -9.27
N ALA A 50 -11.49 -15.58 -8.34
CA ALA A 50 -12.54 -14.62 -8.65
C ALA A 50 -12.79 -13.72 -7.46
N ARG A 51 -11.99 -12.67 -7.35
CA ARG A 51 -12.11 -11.74 -6.24
C ARG A 51 -11.32 -10.47 -6.54
N GLN A 52 -11.77 -9.34 -6.00
CA GLN A 52 -11.00 -8.11 -6.08
C GLN A 52 -9.93 -8.11 -5.00
N VAL A 53 -8.68 -7.92 -5.40
CA VAL A 53 -7.59 -7.84 -4.44
C VAL A 53 -7.35 -6.38 -4.08
N ALA A 54 -7.38 -6.08 -2.79
CA ALA A 54 -7.24 -4.72 -2.31
C ALA A 54 -6.03 -4.57 -1.41
N LEU A 55 -5.40 -3.42 -1.47
CA LEU A 55 -4.27 -3.10 -0.64
C LEU A 55 -4.72 -2.17 0.47
N LYS A 56 -4.59 -2.62 1.72
CA LYS A 56 -5.03 -1.85 2.87
C LYS A 56 -3.85 -1.56 3.76
N ALA A 57 -3.92 -0.46 4.48
CA ALA A 57 -2.90 -0.13 5.45
C ALA A 57 -3.39 -0.40 6.85
N ASP A 58 -2.46 -0.59 7.76
CA ASP A 58 -2.80 -0.81 9.16
C ASP A 58 -3.20 0.51 9.79
N THR A 59 -4.05 0.45 10.81
CA THR A 59 -4.62 1.65 11.44
C THR A 59 -3.55 2.61 11.96
N ASP A 60 -2.32 2.11 12.10
CA ASP A 60 -1.20 2.94 12.54
C ASP A 60 -0.92 4.05 11.54
N ASN A 61 -1.16 3.76 10.27
CA ASN A 61 -0.90 4.70 9.18
C ASN A 61 -2.09 4.75 8.24
N PHE A 62 -3.26 4.38 8.75
CA PHE A 62 -4.50 4.34 7.97
C PHE A 62 -5.61 5.04 8.75
N GLU A 63 -5.91 6.27 8.37
CA GLU A 63 -6.94 7.05 9.03
C GLU A 63 -8.26 6.90 8.30
N GLN A 64 -9.15 6.05 8.81
CA GLN A 64 -10.48 5.84 8.24
C GLN A 64 -10.40 5.12 6.90
N GLY A 65 -9.68 5.71 5.96
CA GLY A 65 -9.56 5.16 4.63
C GLY A 65 -8.54 5.92 3.82
N LYS A 66 -7.46 6.31 4.47
CA LYS A 66 -6.33 6.91 3.80
C LYS A 66 -5.04 6.31 4.36
N PHE A 67 -4.12 5.92 3.48
CA PHE A 67 -2.82 5.44 3.93
C PHE A 67 -1.74 6.48 3.67
N PHE A 68 -0.82 6.58 4.62
CA PHE A 68 0.25 7.58 4.53
C PHE A 68 1.53 7.06 5.17
N LEU A 69 2.62 7.77 4.91
CA LEU A 69 3.88 7.51 5.58
C LEU A 69 3.89 8.28 6.91
N ILE A 70 3.89 7.57 8.02
CA ILE A 70 3.87 8.24 9.31
C ILE A 70 5.23 8.16 10.00
N SER A 71 5.75 9.32 10.35
CA SER A 71 7.07 9.45 10.94
C SER A 71 7.03 9.22 12.44
N ASP A 72 8.15 8.77 12.98
CA ASP A 72 8.33 8.60 14.42
C ASP A 72 8.13 9.94 15.13
N ASN A 73 8.56 11.02 14.48
CA ASN A 73 8.41 12.36 15.01
C ASN A 73 6.98 12.86 14.82
N ASN A 74 6.23 12.15 13.98
CA ASN A 74 4.85 12.50 13.64
C ASN A 74 4.76 13.95 13.13
N ARG A 75 5.82 14.42 12.50
CA ARG A 75 5.80 15.74 11.88
C ARG A 75 5.19 15.65 10.50
N ASP A 76 5.52 14.59 9.80
CA ASP A 76 5.03 14.38 8.44
C ASP A 76 4.30 13.06 8.33
N LYS A 77 3.07 13.13 7.86
CA LYS A 77 2.33 11.94 7.47
C LYS A 77 1.81 12.14 6.05
N LEU A 78 2.53 11.58 5.11
CA LEU A 78 2.30 11.87 3.70
C LEU A 78 1.47 10.78 3.09
N TYR A 79 0.30 11.14 2.59
CA TYR A 79 -0.61 10.17 2.03
C TYR A 79 -0.02 9.60 0.75
N VAL A 80 0.15 8.30 0.71
CA VAL A 80 0.82 7.64 -0.38
C VAL A 80 -0.16 7.03 -1.36
N ASN A 81 0.37 6.63 -2.49
CA ASN A 81 -0.40 5.88 -3.46
C ASN A 81 0.36 4.61 -3.79
N ILE A 82 -0.17 3.47 -3.35
CA ILE A 82 0.40 2.20 -3.74
C ILE A 82 -0.28 1.71 -4.99
N ARG A 83 0.21 2.19 -6.11
CA ARG A 83 -0.35 1.85 -7.40
C ARG A 83 0.53 0.81 -8.05
N PRO A 84 -0.09 -0.27 -8.57
CA PRO A 84 0.65 -1.41 -9.09
C PRO A 84 1.51 -1.05 -10.27
N MET A 85 2.63 -1.73 -10.40
CA MET A 85 3.56 -1.44 -11.48
C MET A 85 3.03 -1.96 -12.81
N ASP A 86 2.19 -1.13 -13.44
CA ASP A 86 1.64 -1.39 -14.79
C ASP A 86 0.55 -2.46 -14.80
N ASN A 87 0.82 -3.58 -14.14
CA ASN A 87 -0.05 -4.76 -14.23
C ASN A 87 -1.47 -4.51 -13.76
N SER A 88 -2.40 -4.60 -14.72
CA SER A 88 -3.84 -4.60 -14.47
C SER A 88 -4.36 -3.21 -14.12
N ALA A 89 -5.66 -3.02 -14.29
CA ALA A 89 -6.32 -1.78 -13.93
C ALA A 89 -6.94 -1.89 -12.54
N TRP A 90 -6.49 -1.05 -11.63
CA TRP A 90 -6.99 -1.05 -10.27
C TRP A 90 -7.76 0.24 -10.01
N THR A 91 -8.84 0.14 -9.25
CA THR A 91 -9.61 1.30 -8.87
C THR A 91 -8.95 1.94 -7.65
N THR A 92 -8.39 3.11 -7.86
CA THR A 92 -7.57 3.77 -6.86
C THR A 92 -8.39 4.52 -5.82
N ASP A 93 -8.25 4.07 -4.59
CA ASP A 93 -8.72 4.81 -3.44
C ASP A 93 -7.52 5.05 -2.55
N ASN A 94 -7.55 6.09 -1.73
CA ASN A 94 -6.37 6.43 -0.94
C ASN A 94 -6.29 5.60 0.33
N GLY A 95 -7.25 4.69 0.51
CA GLY A 95 -7.23 3.79 1.64
C GLY A 95 -7.23 2.35 1.21
N VAL A 96 -7.87 2.06 0.08
CA VAL A 96 -7.88 0.72 -0.46
C VAL A 96 -7.53 0.77 -1.94
N PHE A 97 -6.89 -0.27 -2.42
CA PHE A 97 -6.47 -0.30 -3.79
C PHE A 97 -6.83 -1.65 -4.37
N TYR A 98 -7.88 -1.69 -5.17
CA TYR A 98 -8.36 -2.97 -5.65
C TYR A 98 -8.59 -2.95 -7.14
N LYS A 99 -8.14 -4.00 -7.79
CA LYS A 99 -8.32 -4.16 -9.21
C LYS A 99 -9.75 -4.53 -9.50
N ASN A 100 -10.31 -3.95 -10.56
CA ASN A 100 -11.65 -4.27 -10.97
C ASN A 100 -11.68 -5.66 -11.59
N ASP A 101 -10.49 -6.12 -11.97
CA ASP A 101 -10.31 -7.49 -12.42
C ASP A 101 -10.47 -8.45 -11.26
N VAL A 102 -11.20 -9.51 -11.48
CA VAL A 102 -11.44 -10.49 -10.42
C VAL A 102 -10.50 -11.69 -10.58
N GLY A 103 -9.73 -11.96 -9.53
CA GLY A 103 -8.81 -13.08 -9.56
C GLY A 103 -7.49 -12.74 -8.90
N SER A 104 -6.44 -13.44 -9.29
CA SER A 104 -5.13 -13.23 -8.73
C SER A 104 -4.43 -12.05 -9.40
N TRP A 105 -3.18 -11.84 -9.06
CA TRP A 105 -2.41 -10.74 -9.63
C TRP A 105 -0.93 -11.03 -9.52
N GLY A 106 -0.48 -11.27 -8.30
CA GLY A 106 0.93 -11.57 -8.01
C GLY A 106 1.93 -10.70 -8.78
N GLY A 107 2.36 -9.61 -8.17
CA GLY A 107 3.30 -8.71 -8.83
C GLY A 107 3.90 -7.71 -7.88
N THR A 108 4.09 -6.48 -8.34
CA THR A 108 4.68 -5.44 -7.50
C THR A 108 3.89 -4.12 -7.58
N ILE A 109 3.76 -3.47 -6.44
CA ILE A 109 3.15 -2.14 -6.35
C ILE A 109 4.18 -1.15 -5.84
N GLY A 110 4.15 0.08 -6.35
CA GLY A 110 5.16 1.04 -5.98
C GLY A 110 4.64 2.10 -5.03
N ILE A 111 5.47 2.49 -4.06
CA ILE A 111 5.06 3.51 -3.10
C ILE A 111 5.57 4.87 -3.52
N TYR A 112 4.64 5.78 -3.71
CA TYR A 112 4.96 7.17 -3.97
C TYR A 112 4.00 8.09 -3.22
N VAL A 113 4.36 9.35 -3.12
CA VAL A 113 3.60 10.33 -2.33
C VAL A 113 2.54 11.00 -3.17
N ASP A 114 1.29 10.97 -2.74
CA ASP A 114 0.23 11.65 -3.47
C ASP A 114 0.44 13.17 -3.43
N GLY A 115 1.04 13.71 -4.48
CA GLY A 115 1.29 15.13 -4.56
C GLY A 115 2.75 15.52 -4.33
N GLN A 116 3.53 14.58 -3.79
CA GLN A 116 4.93 14.85 -3.37
C GLN A 116 4.97 15.80 -2.19
N GLN A 117 5.50 15.34 -1.07
CA GLN A 117 5.49 16.11 0.17
C GLN A 117 6.85 16.71 0.48
N THR A 118 7.88 16.35 -0.31
CA THR A 118 9.17 17.02 -0.28
C THR A 118 9.94 16.71 1.01
N ASN A 119 9.46 15.67 1.71
CA ASN A 119 10.06 15.14 2.95
C ASN A 119 10.53 16.22 3.93
N THR A 120 9.64 16.59 4.84
CA THR A 120 9.96 17.52 5.91
C THR A 120 10.64 16.72 7.03
N PRO A 121 11.66 17.31 7.73
CA PRO A 121 12.56 16.63 8.66
C PRO A 121 12.12 15.22 9.05
N PRO A 122 12.47 14.25 8.18
CA PRO A 122 12.02 12.87 8.28
C PRO A 122 12.70 12.07 9.39
N GLY A 123 12.67 10.76 9.22
CA GLY A 123 13.15 9.85 10.22
C GLY A 123 12.67 8.46 9.91
N ASN A 124 12.28 7.72 10.94
CA ASN A 124 11.70 6.40 10.74
C ASN A 124 10.22 6.53 10.43
N TYR A 125 9.83 6.03 9.28
CA TYR A 125 8.43 6.03 8.88
C TYR A 125 7.87 4.63 8.94
N THR A 126 6.86 4.44 9.75
CA THR A 126 6.30 3.13 9.99
C THR A 126 4.93 3.00 9.32
N LEU A 127 4.93 2.38 8.15
CA LEU A 127 3.70 2.17 7.42
C LEU A 127 3.46 0.68 7.19
N THR A 128 2.49 0.13 7.91
CA THR A 128 2.17 -1.27 7.80
C THR A 128 1.01 -1.49 6.82
N LEU A 129 1.10 -2.54 6.02
CA LEU A 129 0.08 -2.86 5.05
C LEU A 129 -0.55 -4.21 5.36
N THR A 130 -1.86 -4.23 5.48
CA THR A 130 -2.57 -5.45 5.81
C THR A 130 -3.24 -6.02 4.57
N GLY A 131 -2.86 -7.23 4.21
CA GLY A 131 -3.38 -7.85 3.01
C GLY A 131 -4.80 -8.33 3.18
N GLY A 132 -5.46 -8.59 2.07
CA GLY A 132 -6.79 -9.11 2.09
C GLY A 132 -7.56 -8.72 0.85
N TYR A 133 -8.70 -9.35 0.63
CA TYR A 133 -9.49 -9.07 -0.55
C TYR A 133 -10.50 -7.96 -0.25
N TRP A 134 -11.22 -7.57 -1.28
CA TRP A 134 -12.28 -6.59 -1.19
C TRP A 134 -13.51 -7.12 -1.94
N ALA A 135 -14.70 -6.68 -1.52
CA ALA A 135 -15.93 -7.05 -2.22
C ALA A 135 -16.84 -5.82 -2.43
N LYS A 136 -17.46 -5.78 -3.61
CA LYS A 136 -18.44 -4.74 -3.99
C LYS A 136 -17.75 -3.41 -4.31
N ASP A 137 -18.36 -2.29 -3.96
CA ASP A 137 -17.77 -1.00 -4.27
C ASP A 137 -18.08 0.06 -3.22
N ASN A 138 -17.02 0.67 -2.67
CA ASN A 138 -17.10 1.83 -1.76
C ASN A 138 -17.78 1.51 -0.42
N LYS A 139 -18.60 0.47 -0.39
CA LYS A 139 -19.34 0.07 0.80
C LYS A 139 -18.40 -0.52 1.85
N GLN A 140 -17.13 -0.64 1.48
CA GLN A 140 -16.10 -1.23 2.33
C GLN A 140 -16.33 -2.73 2.45
N GLY A 141 -15.92 -3.48 1.44
CA GLY A 141 -16.04 -4.91 1.50
C GLY A 141 -14.70 -5.60 1.65
N PHE A 142 -13.73 -4.92 2.23
CA PHE A 142 -12.39 -5.51 2.35
C PHE A 142 -12.27 -6.35 3.61
N THR A 143 -11.85 -7.59 3.44
CA THR A 143 -11.60 -8.48 4.56
C THR A 143 -10.11 -8.81 4.63
N PRO A 144 -9.51 -8.70 5.83
CA PRO A 144 -8.10 -9.06 6.04
C PRO A 144 -7.83 -10.54 5.77
N SER A 145 -6.91 -10.80 4.85
CA SER A 145 -6.59 -12.16 4.44
C SER A 145 -5.17 -12.23 3.88
N GLY A 146 -4.34 -13.06 4.48
CA GLY A 146 -2.96 -13.16 4.07
C GLY A 146 -2.03 -12.81 5.21
N THR A 147 -1.24 -11.76 5.06
CA THR A 147 -0.38 -11.29 6.13
C THR A 147 -0.53 -9.79 6.33
N THR A 148 0.19 -9.26 7.30
CA THR A 148 0.28 -7.83 7.49
C THR A 148 1.75 -7.42 7.53
N GLY A 149 2.22 -6.83 6.44
CA GLY A 149 3.62 -6.54 6.29
C GLY A 149 3.94 -5.08 6.54
N THR A 150 5.09 -4.82 7.15
CA THR A 150 5.46 -3.46 7.48
C THR A 150 6.47 -2.92 6.48
N THR A 151 6.08 -1.88 5.77
CA THR A 151 6.99 -1.18 4.89
C THR A 151 7.75 -0.13 5.68
N LYS A 152 9.03 -0.34 5.87
CA LYS A 152 9.81 0.57 6.67
C LYS A 152 10.57 1.52 5.77
N LEU A 153 10.14 2.75 5.80
CA LEU A 153 10.76 3.79 5.03
C LEU A 153 11.62 4.67 5.93
N THR A 154 12.90 4.36 5.97
CA THR A 154 13.84 5.10 6.77
C THR A 154 14.61 6.08 5.89
N VAL A 155 14.91 7.25 6.42
CA VAL A 155 15.73 8.20 5.69
C VAL A 155 17.20 7.85 5.84
N THR A 156 17.98 8.04 4.79
CA THR A 156 19.39 7.72 4.79
C THR A 156 20.15 8.57 5.82
N GLU A 14 -10.57 -22.27 -2.29
CA GLU A 14 -10.33 -22.15 -0.84
C GLU A 14 -10.54 -20.71 -0.40
N GLU A 15 -9.54 -19.88 -0.64
CA GLU A 15 -9.58 -18.47 -0.33
C GLU A 15 -8.35 -17.79 -0.91
N CYS A 16 -8.43 -16.50 -1.14
CA CYS A 16 -7.33 -15.76 -1.70
C CYS A 16 -6.45 -15.21 -0.58
N GLN A 17 -5.27 -15.76 -0.47
CA GLN A 17 -4.29 -15.29 0.49
C GLN A 17 -3.29 -14.38 -0.21
N VAL A 18 -3.10 -13.19 0.33
CA VAL A 18 -2.24 -12.20 -0.28
C VAL A 18 -0.93 -12.13 0.48
N ARG A 19 0.18 -12.09 -0.23
CA ARG A 19 1.48 -12.01 0.43
C ARG A 19 1.93 -10.56 0.58
N VAL A 20 1.76 -10.03 1.78
CA VAL A 20 2.27 -8.71 2.13
C VAL A 20 3.05 -8.81 3.42
N GLY A 21 4.35 -8.55 3.34
CA GLY A 21 5.20 -8.65 4.50
C GLY A 21 6.00 -7.40 4.76
N ASP A 22 7.19 -7.57 5.29
CA ASP A 22 8.04 -6.44 5.65
C ASP A 22 8.99 -6.07 4.53
N LEU A 23 9.20 -4.78 4.36
CA LEU A 23 10.11 -4.26 3.36
C LEU A 23 10.65 -2.91 3.81
N THR A 24 11.97 -2.80 3.87
CA THR A 24 12.61 -1.58 4.33
C THR A 24 13.43 -0.96 3.20
N VAL A 25 13.04 0.25 2.79
CA VAL A 25 13.73 0.94 1.73
C VAL A 25 14.24 2.29 2.23
N ALA A 26 15.55 2.44 2.23
CA ALA A 26 16.19 3.65 2.74
C ALA A 26 16.22 4.74 1.66
N LYS A 27 15.41 5.77 1.86
CA LYS A 27 15.35 6.92 0.97
C LYS A 27 14.54 8.04 1.61
N THR A 28 14.48 9.18 0.94
CA THR A 28 13.72 10.31 1.43
C THR A 28 12.38 10.41 0.72
N ARG A 29 11.56 11.35 1.16
CA ARG A 29 10.30 11.65 0.49
C ARG A 29 10.59 12.62 -0.66
N GLY A 30 11.82 13.09 -0.70
CA GLY A 30 12.25 13.99 -1.76
C GLY A 30 12.81 13.22 -2.95
N GLN A 31 13.23 11.99 -2.70
CA GLN A 31 13.62 11.08 -3.78
C GLN A 31 12.38 10.70 -4.56
N LEU A 32 11.24 10.77 -3.89
CA LEU A 32 9.94 10.61 -4.54
C LEU A 32 9.62 11.88 -5.33
N THR A 33 8.71 11.76 -6.28
CA THR A 33 8.33 12.90 -7.11
C THR A 33 6.91 12.68 -7.62
N ASP A 34 6.00 12.56 -6.65
CA ASP A 34 4.62 12.18 -6.89
C ASP A 34 4.56 10.78 -7.50
N ALA A 35 4.70 10.70 -8.81
CA ALA A 35 4.65 9.43 -9.49
C ALA A 35 6.05 8.80 -9.57
N ALA A 36 6.51 8.27 -8.43
CA ALA A 36 7.80 7.62 -8.36
C ALA A 36 7.76 6.51 -7.31
N PRO A 37 7.60 5.26 -7.75
CA PRO A 37 7.51 4.12 -6.85
C PRO A 37 8.87 3.61 -6.39
N ILE A 38 9.18 3.83 -5.13
CA ILE A 38 10.45 3.37 -4.57
C ILE A 38 10.21 2.33 -3.49
N GLY A 39 9.10 1.62 -3.63
CA GLY A 39 8.81 0.49 -2.77
C GLY A 39 7.96 -0.55 -3.46
N PRO A 40 8.43 -1.14 -4.58
CA PRO A 40 7.70 -2.21 -5.28
C PRO A 40 7.48 -3.45 -4.39
N VAL A 41 6.28 -3.53 -3.81
CA VAL A 41 5.90 -4.67 -2.99
C VAL A 41 5.47 -5.83 -3.89
N THR A 42 6.07 -6.98 -3.71
CA THR A 42 5.72 -8.16 -4.48
C THR A 42 4.52 -8.87 -3.86
N VAL A 43 3.34 -8.54 -4.35
CA VAL A 43 2.11 -9.14 -3.84
C VAL A 43 1.70 -10.33 -4.69
N GLN A 44 1.72 -11.48 -4.06
CA GLN A 44 1.26 -12.71 -4.69
C GLN A 44 -0.13 -13.05 -4.16
N ALA A 45 -1.07 -13.21 -5.08
CA ALA A 45 -2.44 -13.54 -4.71
C ALA A 45 -2.70 -15.03 -4.85
N LEU A 46 -2.54 -15.76 -3.76
CA LEU A 46 -2.67 -17.21 -3.76
C LEU A 46 -4.11 -17.62 -3.54
N GLY A 47 -4.72 -18.21 -4.56
CA GLY A 47 -6.09 -18.69 -4.43
C GLY A 47 -7.10 -17.71 -4.98
N CYS A 48 -6.60 -16.66 -5.62
CA CYS A 48 -7.47 -15.68 -6.23
C CYS A 48 -7.90 -16.13 -7.61
N ASN A 49 -9.06 -16.74 -7.68
CA ASN A 49 -9.60 -17.22 -8.95
C ASN A 49 -10.69 -16.28 -9.45
N ALA A 50 -11.45 -15.72 -8.52
CA ALA A 50 -12.52 -14.80 -8.86
C ALA A 50 -12.64 -13.71 -7.79
N ARG A 51 -11.49 -13.28 -7.27
CA ARG A 51 -11.49 -12.32 -6.19
C ARG A 51 -10.73 -11.05 -6.56
N GLN A 52 -11.17 -9.92 -6.03
CA GLN A 52 -10.47 -8.67 -6.19
C GLN A 52 -9.50 -8.48 -5.03
N VAL A 53 -8.25 -8.21 -5.32
CA VAL A 53 -7.24 -8.01 -4.28
C VAL A 53 -7.14 -6.54 -3.95
N ALA A 54 -7.22 -6.22 -2.67
CA ALA A 54 -7.26 -4.85 -2.25
C ALA A 54 -6.24 -4.60 -1.16
N LEU A 55 -5.67 -3.41 -1.19
CA LEU A 55 -4.65 -3.02 -0.23
C LEU A 55 -5.26 -2.12 0.83
N LYS A 56 -4.79 -2.26 2.06
CA LYS A 56 -5.26 -1.46 3.18
C LYS A 56 -4.11 -1.16 4.11
N ALA A 57 -4.20 -0.07 4.81
CA ALA A 57 -3.26 0.21 5.87
C ALA A 57 -3.90 -0.08 7.21
N ASP A 58 -3.07 -0.24 8.22
CA ASP A 58 -3.56 -0.44 9.57
C ASP A 58 -3.83 0.93 10.18
N THR A 59 -4.66 1.00 11.22
CA THR A 59 -5.05 2.28 11.82
C THR A 59 -3.83 3.08 12.31
N ASP A 60 -2.68 2.42 12.30
CA ASP A 60 -1.40 3.08 12.56
C ASP A 60 -1.16 4.23 11.58
N ASN A 61 -1.56 4.05 10.32
CA ASN A 61 -1.37 5.08 9.29
C ASN A 61 -2.58 5.13 8.37
N PHE A 62 -3.72 4.67 8.87
CA PHE A 62 -4.96 4.60 8.08
C PHE A 62 -6.09 5.31 8.80
N GLU A 63 -6.48 6.47 8.30
CA GLU A 63 -7.57 7.23 8.88
C GLU A 63 -8.75 7.26 7.94
N GLN A 64 -9.81 6.52 8.31
CA GLN A 64 -11.04 6.41 7.51
C GLN A 64 -10.79 5.60 6.25
N GLY A 65 -9.87 6.07 5.44
CA GLY A 65 -9.58 5.45 4.17
C GLY A 65 -8.46 6.16 3.46
N LYS A 66 -7.44 6.55 4.22
CA LYS A 66 -6.24 7.11 3.67
C LYS A 66 -5.05 6.41 4.30
N PHE A 67 -4.06 6.01 3.50
CA PHE A 67 -2.82 5.49 4.03
C PHE A 67 -1.67 6.47 3.80
N PHE A 68 -0.87 6.66 4.82
CA PHE A 68 0.19 7.65 4.77
C PHE A 68 1.45 7.16 5.48
N LEU A 69 2.53 7.89 5.26
CA LEU A 69 3.79 7.62 5.91
C LEU A 69 3.78 8.21 7.31
N ILE A 70 3.64 7.35 8.31
CA ILE A 70 3.57 7.82 9.69
C ILE A 70 4.86 7.47 10.42
N SER A 71 5.35 8.39 11.21
CA SER A 71 6.56 8.15 11.99
C SER A 71 6.20 7.42 13.28
N ASP A 72 7.20 6.90 13.95
CA ASP A 72 7.00 6.23 15.24
C ASP A 72 6.54 7.26 16.26
N ASN A 73 6.96 8.50 16.04
CA ASN A 73 6.57 9.62 16.87
C ASN A 73 5.18 10.13 16.46
N ASN A 74 4.78 9.80 15.22
CA ASN A 74 3.49 10.17 14.66
C ASN A 74 3.38 11.68 14.45
N ARG A 75 4.52 12.32 14.23
CA ARG A 75 4.55 13.77 14.08
C ARG A 75 4.32 14.18 12.61
N ASP A 76 5.02 13.52 11.68
CA ASP A 76 4.90 13.84 10.27
C ASP A 76 4.13 12.74 9.57
N LYS A 77 3.31 13.13 8.60
CA LYS A 77 2.61 12.16 7.76
C LYS A 77 2.59 12.64 6.32
N LEU A 78 2.50 11.68 5.40
CA LEU A 78 2.43 11.96 3.97
C LEU A 78 1.69 10.81 3.30
N TYR A 79 0.57 11.08 2.67
CA TYR A 79 -0.23 10.03 2.06
C TYR A 79 0.49 9.47 0.84
N VAL A 80 0.44 8.16 0.69
CA VAL A 80 1.12 7.51 -0.41
C VAL A 80 0.13 6.81 -1.32
N ASN A 81 0.63 6.24 -2.39
CA ASN A 81 -0.17 5.45 -3.30
C ASN A 81 0.55 4.16 -3.64
N ILE A 82 0.02 3.04 -3.17
CA ILE A 82 0.54 1.74 -3.57
C ILE A 82 -0.14 1.31 -4.85
N ARG A 83 0.41 1.78 -5.96
CA ARG A 83 -0.19 1.59 -7.26
C ARG A 83 0.52 0.48 -8.02
N PRO A 84 -0.24 -0.41 -8.68
CA PRO A 84 0.30 -1.47 -9.51
C PRO A 84 1.40 -0.98 -10.43
N MET A 85 2.61 -1.40 -10.15
CA MET A 85 3.76 -0.95 -10.92
C MET A 85 3.88 -1.76 -12.19
N ASP A 86 3.37 -1.19 -13.27
CA ASP A 86 3.49 -1.77 -14.61
C ASP A 86 2.60 -3.02 -14.75
N ASN A 87 1.63 -3.17 -13.85
CA ASN A 87 0.76 -4.34 -13.87
C ASN A 87 -0.72 -3.96 -13.83
N SER A 88 -1.24 -3.56 -15.00
CA SER A 88 -2.67 -3.32 -15.19
C SER A 88 -3.15 -2.09 -14.40
N ALA A 89 -4.46 -1.89 -14.39
CA ALA A 89 -5.07 -0.75 -13.72
C ALA A 89 -6.00 -1.21 -12.62
N TRP A 90 -5.99 -0.48 -11.51
CA TRP A 90 -6.81 -0.84 -10.35
C TRP A 90 -7.73 0.32 -9.97
N THR A 91 -8.76 0.02 -9.18
CA THR A 91 -9.58 1.05 -8.60
C THR A 91 -8.83 1.69 -7.44
N THR A 92 -8.33 2.89 -7.67
CA THR A 92 -7.42 3.53 -6.74
C THR A 92 -8.14 4.44 -5.75
N ASP A 93 -8.15 4.01 -4.51
CA ASP A 93 -8.54 4.87 -3.41
C ASP A 93 -7.29 5.15 -2.56
N ASN A 94 -7.32 6.22 -1.78
CA ASN A 94 -6.15 6.61 -0.99
C ASN A 94 -6.00 5.70 0.22
N GLY A 95 -6.97 4.82 0.43
CA GLY A 95 -6.92 3.90 1.55
C GLY A 95 -7.08 2.45 1.13
N VAL A 96 -7.85 2.21 0.09
CA VAL A 96 -8.00 0.86 -0.43
C VAL A 96 -7.58 0.79 -1.89
N PHE A 97 -7.03 -0.34 -2.30
CA PHE A 97 -6.54 -0.47 -3.66
C PHE A 97 -6.89 -1.85 -4.20
N TYR A 98 -7.95 -1.95 -4.99
CA TYR A 98 -8.36 -3.25 -5.53
C TYR A 98 -8.60 -3.13 -7.03
N LYS A 99 -8.30 -4.18 -7.77
CA LYS A 99 -8.56 -4.18 -9.19
C LYS A 99 -10.01 -4.50 -9.45
N ASN A 100 -10.53 -3.98 -10.54
CA ASN A 100 -11.92 -4.17 -10.91
C ASN A 100 -12.12 -5.57 -11.50
N ASP A 101 -11.01 -6.21 -11.82
CA ASP A 101 -11.02 -7.57 -12.34
C ASP A 101 -11.03 -8.57 -11.19
N VAL A 102 -11.71 -9.69 -11.39
CA VAL A 102 -11.74 -10.72 -10.37
C VAL A 102 -10.82 -11.88 -10.74
N GLY A 103 -9.89 -12.19 -9.86
CA GLY A 103 -8.98 -13.28 -10.10
C GLY A 103 -7.57 -12.96 -9.65
N SER A 104 -6.61 -13.51 -10.37
CA SER A 104 -5.21 -13.35 -10.03
C SER A 104 -4.70 -11.96 -10.39
N TRP A 105 -3.43 -11.74 -10.08
CA TRP A 105 -2.73 -10.50 -10.42
C TRP A 105 -1.26 -10.68 -10.12
N GLY A 106 -0.99 -11.05 -8.87
CA GLY A 106 0.37 -11.34 -8.37
C GLY A 106 1.50 -10.59 -9.06
N GLY A 107 1.94 -9.50 -8.44
CA GLY A 107 3.05 -8.75 -9.00
C GLY A 107 3.48 -7.60 -8.10
N THR A 108 4.05 -6.57 -8.70
CA THR A 108 4.63 -5.47 -7.95
C THR A 108 3.72 -4.24 -7.90
N ILE A 109 3.51 -3.74 -6.69
CA ILE A 109 2.85 -2.46 -6.48
C ILE A 109 3.81 -1.53 -5.75
N GLY A 110 3.98 -0.33 -6.26
CA GLY A 110 5.01 0.54 -5.73
C GLY A 110 4.46 1.66 -4.88
N ILE A 111 5.27 2.15 -3.94
CA ILE A 111 4.87 3.29 -3.14
C ILE A 111 5.25 4.59 -3.84
N TYR A 112 4.24 5.32 -4.27
CA TYR A 112 4.40 6.66 -4.79
C TYR A 112 3.99 7.64 -3.69
N VAL A 113 4.53 8.85 -3.71
CA VAL A 113 4.08 9.88 -2.80
C VAL A 113 2.90 10.62 -3.44
N ASP A 114 1.77 10.68 -2.74
CA ASP A 114 0.62 11.38 -3.28
C ASP A 114 0.75 12.87 -2.99
N GLY A 115 1.28 13.60 -3.96
CA GLY A 115 1.56 15.00 -3.75
C GLY A 115 2.81 15.19 -2.92
N GLN A 116 3.98 15.05 -3.57
CA GLN A 116 5.29 15.20 -2.93
C GLN A 116 5.29 16.33 -1.90
N GLN A 117 5.61 15.97 -0.66
CA GLN A 117 5.64 16.92 0.46
C GLN A 117 7.05 17.48 0.63
N THR A 118 7.85 17.37 -0.43
CA THR A 118 9.17 17.99 -0.50
C THR A 118 10.16 17.40 0.53
N ASN A 119 9.71 16.36 1.24
CA ASN A 119 10.50 15.71 2.28
C ASN A 119 10.77 16.66 3.42
N THR A 120 9.83 16.72 4.36
CA THR A 120 10.01 17.49 5.57
C THR A 120 10.84 16.64 6.54
N PRO A 121 11.78 17.26 7.28
CA PRO A 121 12.74 16.59 8.16
C PRO A 121 12.26 15.24 8.68
N PRO A 122 12.59 14.17 7.96
CA PRO A 122 12.14 12.82 8.28
C PRO A 122 13.11 12.09 9.20
N GLY A 123 12.99 10.77 9.23
CA GLY A 123 13.83 9.94 10.05
C GLY A 123 13.47 8.50 9.87
N ASN A 124 12.38 8.09 10.48
CA ASN A 124 11.88 6.74 10.34
C ASN A 124 10.36 6.76 10.25
N TYR A 125 9.84 6.22 9.17
CA TYR A 125 8.39 6.16 8.98
C TYR A 125 7.94 4.72 8.90
N THR A 126 7.01 4.38 9.76
CA THR A 126 6.56 3.03 9.93
C THR A 126 5.10 2.94 9.54
N LEU A 127 4.85 2.50 8.32
CA LEU A 127 3.50 2.36 7.84
C LEU A 127 3.09 0.91 7.82
N THR A 128 2.33 0.53 8.84
CA THR A 128 1.83 -0.82 8.97
C THR A 128 0.72 -1.07 7.95
N LEU A 129 0.95 -2.02 7.05
CA LEU A 129 0.01 -2.30 5.99
C LEU A 129 -0.65 -3.66 6.19
N THR A 130 -1.95 -3.71 5.98
CA THR A 130 -2.71 -4.94 6.11
C THR A 130 -3.56 -5.13 4.85
N GLY A 131 -3.15 -6.05 3.99
CA GLY A 131 -3.84 -6.24 2.73
C GLY A 131 -4.97 -7.22 2.86
N GLY A 132 -5.34 -7.82 1.74
CA GLY A 132 -6.36 -8.84 1.77
C GLY A 132 -7.21 -8.82 0.53
N TYR A 133 -8.35 -9.46 0.60
CA TYR A 133 -9.26 -9.49 -0.52
C TYR A 133 -10.38 -8.51 -0.31
N TRP A 134 -10.83 -7.91 -1.41
CA TRP A 134 -11.97 -7.02 -1.38
C TRP A 134 -13.19 -7.77 -1.91
N ALA A 135 -14.29 -7.68 -1.19
CA ALA A 135 -15.49 -8.41 -1.59
C ALA A 135 -16.76 -7.60 -1.37
N LYS A 136 -16.76 -6.40 -1.94
CA LYS A 136 -17.93 -5.53 -1.94
C LYS A 136 -17.74 -4.54 -3.08
N ASP A 137 -18.14 -3.29 -2.87
CA ASP A 137 -17.90 -2.26 -3.87
C ASP A 137 -17.78 -0.89 -3.23
N ASN A 138 -16.54 -0.39 -3.20
CA ASN A 138 -16.18 0.94 -2.71
C ASN A 138 -16.45 1.15 -1.21
N LYS A 139 -17.54 0.58 -0.69
CA LYS A 139 -18.00 0.88 0.65
C LYS A 139 -16.91 0.65 1.71
N GLN A 140 -16.30 -0.54 1.69
CA GLN A 140 -15.25 -0.94 2.66
C GLN A 140 -15.23 -2.46 2.84
N GLY A 141 -15.74 -3.19 1.86
CA GLY A 141 -15.84 -4.62 2.02
C GLY A 141 -14.53 -5.31 1.72
N PHE A 142 -13.70 -5.46 2.73
CA PHE A 142 -12.43 -6.14 2.57
C PHE A 142 -12.14 -6.99 3.80
N THR A 143 -11.33 -8.02 3.62
CA THR A 143 -10.89 -8.84 4.74
C THR A 143 -9.42 -9.22 4.59
N PRO A 144 -8.61 -8.92 5.63
CA PRO A 144 -7.18 -9.27 5.65
C PRO A 144 -6.96 -10.76 5.47
N SER A 145 -6.01 -11.11 4.62
CA SER A 145 -5.75 -12.52 4.32
C SER A 145 -4.30 -12.72 3.91
N GLY A 146 -3.50 -13.25 4.84
CA GLY A 146 -2.10 -13.54 4.53
C GLY A 146 -1.21 -12.32 4.67
N THR A 147 -1.82 -11.18 4.93
CA THR A 147 -1.10 -9.92 4.87
C THR A 147 -0.90 -9.30 6.24
N THR A 148 0.34 -9.23 6.66
CA THR A 148 0.73 -8.33 7.74
C THR A 148 2.07 -7.72 7.37
N GLY A 149 2.02 -6.53 6.80
CA GLY A 149 3.21 -5.94 6.25
C GLY A 149 3.60 -4.65 6.93
N THR A 150 4.84 -4.26 6.77
CA THR A 150 5.32 -3.01 7.28
C THR A 150 6.32 -2.40 6.30
N THR A 151 5.89 -1.40 5.56
CA THR A 151 6.79 -0.69 4.68
C THR A 151 7.58 0.32 5.51
N LYS A 152 8.85 0.04 5.69
CA LYS A 152 9.68 0.90 6.51
C LYS A 152 10.40 1.91 5.63
N LEU A 153 9.98 3.15 5.76
CA LEU A 153 10.62 4.24 5.06
C LEU A 153 11.57 4.96 6.02
N THR A 154 12.85 4.72 5.85
CA THR A 154 13.86 5.32 6.68
C THR A 154 14.80 6.17 5.84
N VAL A 155 15.18 7.32 6.35
CA VAL A 155 16.08 8.20 5.64
C VAL A 155 17.54 7.76 5.82
N THR A 156 18.36 8.01 4.81
CA THR A 156 19.78 7.74 4.87
C THR A 156 20.54 8.78 4.05
N GLU A 14 -6.30 -23.72 -3.47
CA GLU A 14 -7.58 -23.96 -2.76
C GLU A 14 -8.07 -22.70 -2.04
N GLU A 15 -7.15 -21.85 -1.62
CA GLU A 15 -7.47 -20.72 -0.77
C GLU A 15 -6.85 -19.44 -1.31
N CYS A 16 -7.62 -18.35 -1.23
CA CYS A 16 -7.13 -17.04 -1.67
C CYS A 16 -6.26 -16.42 -0.59
N GLN A 17 -4.95 -16.57 -0.74
CA GLN A 17 -4.01 -16.00 0.20
C GLN A 17 -3.21 -14.91 -0.48
N VAL A 18 -3.15 -13.74 0.12
CA VAL A 18 -2.49 -12.62 -0.50
C VAL A 18 -1.17 -12.36 0.19
N ARG A 19 -0.08 -12.60 -0.50
CA ARG A 19 1.23 -12.46 0.11
C ARG A 19 1.71 -11.02 0.02
N VAL A 20 1.42 -10.26 1.06
CA VAL A 20 1.95 -8.93 1.19
C VAL A 20 3.10 -8.96 2.19
N GLY A 21 4.30 -8.66 1.72
CA GLY A 21 5.48 -8.79 2.56
C GLY A 21 5.91 -7.47 3.16
N ASP A 22 6.83 -7.54 4.11
CA ASP A 22 7.35 -6.37 4.79
C ASP A 22 8.54 -5.80 4.01
N LEU A 23 8.74 -4.49 4.15
CA LEU A 23 9.78 -3.80 3.42
C LEU A 23 10.55 -2.87 4.34
N THR A 24 11.84 -2.73 4.12
CA THR A 24 12.62 -1.74 4.83
C THR A 24 13.52 -0.99 3.85
N VAL A 25 13.29 0.31 3.71
CA VAL A 25 14.03 1.11 2.75
C VAL A 25 14.56 2.38 3.39
N ALA A 26 15.85 2.65 3.17
CA ALA A 26 16.46 3.86 3.69
C ALA A 26 16.58 4.91 2.59
N LYS A 27 15.65 5.86 2.58
CA LYS A 27 15.63 6.92 1.58
C LYS A 27 14.70 8.04 2.01
N THR A 28 14.79 9.17 1.31
CA THR A 28 13.98 10.34 1.61
C THR A 28 12.63 10.28 0.89
N ARG A 29 11.71 11.15 1.27
CA ARG A 29 10.45 11.27 0.55
C ARG A 29 10.61 12.28 -0.57
N GLY A 30 11.73 13.01 -0.53
CA GLY A 30 12.07 13.90 -1.62
C GLY A 30 12.43 13.12 -2.87
N GLN A 31 12.96 11.92 -2.68
CA GLN A 31 13.21 11.00 -3.78
C GLN A 31 11.90 10.63 -4.46
N LEU A 32 10.84 10.53 -3.64
CA LEU A 32 9.50 10.30 -4.14
C LEU A 32 9.03 11.48 -4.98
N THR A 33 9.21 11.38 -6.28
CA THR A 33 8.78 12.40 -7.19
C THR A 33 7.44 12.02 -7.79
N ASP A 34 6.41 12.12 -6.94
CA ASP A 34 5.08 11.58 -7.25
C ASP A 34 5.19 10.09 -7.56
N ALA A 35 5.27 9.75 -8.85
CA ALA A 35 5.39 8.36 -9.26
C ALA A 35 6.84 7.91 -9.22
N ALA A 36 7.34 7.65 -8.02
CA ALA A 36 8.67 7.11 -7.83
C ALA A 36 8.63 5.93 -6.88
N PRO A 37 8.58 4.71 -7.41
CA PRO A 37 8.47 3.50 -6.60
C PRO A 37 9.77 3.18 -5.85
N ILE A 38 9.83 3.59 -4.59
CA ILE A 38 11.02 3.33 -3.79
C ILE A 38 10.93 1.97 -3.13
N GLY A 39 9.70 1.55 -2.84
CA GLY A 39 9.49 0.24 -2.28
C GLY A 39 8.43 -0.56 -3.01
N PRO A 40 8.65 -0.90 -4.30
CA PRO A 40 7.76 -1.81 -5.05
C PRO A 40 7.66 -3.17 -4.36
N VAL A 41 6.53 -3.42 -3.72
CA VAL A 41 6.32 -4.67 -3.01
C VAL A 41 5.67 -5.70 -3.94
N THR A 42 6.23 -6.89 -3.98
CA THR A 42 5.71 -7.96 -4.78
C THR A 42 4.62 -8.71 -4.02
N VAL A 43 3.38 -8.38 -4.31
CA VAL A 43 2.25 -9.03 -3.69
C VAL A 43 1.82 -10.24 -4.51
N GLN A 44 1.97 -11.41 -3.95
CA GLN A 44 1.66 -12.64 -4.65
C GLN A 44 0.34 -13.21 -4.15
N ALA A 45 -0.68 -13.15 -5.00
CA ALA A 45 -2.01 -13.63 -4.64
C ALA A 45 -2.17 -15.09 -5.01
N LEU A 46 -2.14 -15.95 -4.00
CA LEU A 46 -2.28 -17.38 -4.17
C LEU A 46 -3.73 -17.74 -4.41
N GLY A 47 -4.01 -18.35 -5.55
CA GLY A 47 -5.36 -18.77 -5.86
C GLY A 47 -6.26 -17.58 -6.14
N CYS A 48 -7.32 -17.45 -5.34
CA CYS A 48 -8.31 -16.38 -5.50
C CYS A 48 -9.16 -16.60 -6.75
N ASN A 49 -8.50 -16.68 -7.91
CA ASN A 49 -9.12 -17.06 -9.20
C ASN A 49 -10.08 -16.00 -9.73
N ALA A 50 -10.96 -15.49 -8.89
CA ALA A 50 -11.93 -14.49 -9.28
C ALA A 50 -12.30 -13.65 -8.07
N ARG A 51 -11.42 -12.73 -7.72
CA ARG A 51 -11.62 -11.91 -6.53
C ARG A 51 -10.84 -10.59 -6.66
N GLN A 52 -11.38 -9.53 -6.09
CA GLN A 52 -10.71 -8.24 -6.08
C GLN A 52 -9.71 -8.16 -4.92
N VAL A 53 -8.44 -8.03 -5.25
CA VAL A 53 -7.40 -7.86 -4.25
C VAL A 53 -7.30 -6.40 -3.84
N ALA A 54 -7.42 -6.13 -2.54
CA ALA A 54 -7.50 -4.79 -2.04
C ALA A 54 -6.44 -4.57 -0.97
N LEU A 55 -5.81 -3.40 -1.00
CA LEU A 55 -4.79 -3.07 -0.03
C LEU A 55 -5.37 -2.12 1.02
N LYS A 56 -5.17 -2.45 2.28
CA LYS A 56 -5.61 -1.60 3.37
C LYS A 56 -4.42 -1.22 4.21
N ALA A 57 -4.49 -0.06 4.83
CA ALA A 57 -3.42 0.40 5.67
C ALA A 57 -3.73 0.16 7.13
N ASP A 58 -2.69 0.01 7.91
CA ASP A 58 -2.81 -0.22 9.34
C ASP A 58 -3.19 1.08 10.04
N THR A 59 -3.94 0.97 11.12
CA THR A 59 -4.51 2.14 11.80
C THR A 59 -3.45 3.15 12.25
N ASP A 60 -2.19 2.73 12.31
CA ASP A 60 -1.11 3.65 12.68
C ASP A 60 -0.88 4.67 11.56
N ASN A 61 -1.11 4.24 10.33
CA ASN A 61 -0.92 5.09 9.15
C ASN A 61 -2.22 5.18 8.35
N PHE A 62 -3.33 4.85 8.99
CA PHE A 62 -4.65 4.84 8.36
C PHE A 62 -5.69 5.41 9.31
N GLU A 63 -6.14 6.62 9.03
CA GLU A 63 -7.15 7.25 9.87
C GLU A 63 -8.49 7.28 9.15
N GLN A 64 -9.42 6.45 9.63
CA GLN A 64 -10.79 6.38 9.10
C GLN A 64 -10.82 5.75 7.71
N GLY A 65 -10.03 6.28 6.79
CA GLY A 65 -10.02 5.76 5.43
C GLY A 65 -9.05 6.50 4.54
N LYS A 66 -7.96 6.98 5.13
CA LYS A 66 -6.88 7.60 4.38
C LYS A 66 -5.56 7.04 4.87
N PHE A 67 -4.67 6.68 3.97
CA PHE A 67 -3.37 6.17 4.37
C PHE A 67 -2.24 7.12 4.00
N PHE A 68 -1.20 7.11 4.83
CA PHE A 68 -0.06 7.98 4.66
C PHE A 68 1.17 7.37 5.33
N LEU A 69 2.32 7.99 5.10
CA LEU A 69 3.54 7.62 5.79
C LEU A 69 3.57 8.35 7.12
N ILE A 70 3.52 7.62 8.23
CA ILE A 70 3.53 8.26 9.53
C ILE A 70 4.86 8.06 10.24
N SER A 71 5.54 9.16 10.48
CA SER A 71 6.83 9.14 11.15
C SER A 71 6.73 8.60 12.57
N ASP A 72 7.81 8.00 13.06
CA ASP A 72 7.86 7.47 14.42
C ASP A 72 7.86 8.63 15.42
N ASN A 73 8.30 9.79 14.98
CA ASN A 73 8.29 11.00 15.80
C ASN A 73 7.02 11.79 15.58
N ASN A 74 6.01 11.12 14.99
CA ASN A 74 4.72 11.73 14.60
C ASN A 74 4.82 13.23 14.34
N ARG A 75 5.54 13.57 13.27
CA ARG A 75 5.80 14.97 12.94
C ARG A 75 5.25 15.34 11.56
N ASP A 76 5.48 14.47 10.58
CA ASP A 76 5.09 14.76 9.20
C ASP A 76 4.50 13.52 8.56
N LYS A 77 3.44 13.71 7.79
CA LYS A 77 2.76 12.59 7.16
C LYS A 77 2.59 12.84 5.66
N LEU A 78 2.80 11.79 4.87
CA LEU A 78 2.71 11.91 3.42
C LEU A 78 1.81 10.83 2.85
N TYR A 79 0.75 11.23 2.17
CA TYR A 79 -0.15 10.28 1.54
C TYR A 79 0.53 9.62 0.35
N VAL A 80 0.44 8.30 0.28
CA VAL A 80 1.05 7.55 -0.81
C VAL A 80 0.05 6.61 -1.44
N ASN A 81 -0.13 6.74 -2.74
CA ASN A 81 -1.04 5.87 -3.46
C ASN A 81 -0.31 4.65 -4.01
N ILE A 82 -0.73 3.49 -3.57
CA ILE A 82 -0.06 2.25 -3.96
C ILE A 82 -0.56 1.79 -5.32
N ARG A 83 0.05 2.31 -6.37
CA ARG A 83 -0.35 1.96 -7.71
C ARG A 83 0.45 0.77 -8.18
N PRO A 84 -0.21 -0.24 -8.76
CA PRO A 84 0.49 -1.41 -9.26
C PRO A 84 1.39 -1.06 -10.42
N MET A 85 2.60 -1.60 -10.38
CA MET A 85 3.61 -1.23 -11.35
C MET A 85 3.37 -1.98 -12.67
N ASP A 86 2.63 -1.35 -13.58
CA ASP A 86 2.38 -1.87 -14.92
C ASP A 86 1.51 -3.13 -14.90
N ASN A 87 0.54 -3.18 -13.98
CA ASN A 87 -0.28 -4.38 -13.86
C ASN A 87 -1.76 -4.06 -13.62
N SER A 88 -2.59 -4.43 -14.61
CA SER A 88 -4.06 -4.39 -14.49
C SER A 88 -4.61 -2.98 -14.28
N ALA A 89 -5.88 -2.90 -13.91
CA ALA A 89 -6.52 -1.64 -13.60
C ALA A 89 -7.09 -1.68 -12.19
N TRP A 90 -6.54 -0.86 -11.32
CA TRP A 90 -6.95 -0.83 -9.93
C TRP A 90 -7.70 0.45 -9.62
N THR A 91 -8.73 0.35 -8.81
CA THR A 91 -9.47 1.51 -8.35
C THR A 91 -8.72 2.18 -7.21
N THR A 92 -8.20 3.37 -7.47
CA THR A 92 -7.34 4.05 -6.53
C THR A 92 -8.15 4.87 -5.52
N ASP A 93 -8.07 4.45 -4.28
CA ASP A 93 -8.64 5.20 -3.17
C ASP A 93 -7.59 5.34 -2.09
N ASN A 94 -7.70 6.36 -1.25
CA ASN A 94 -6.70 6.57 -0.19
C ASN A 94 -6.98 5.70 1.02
N GLY A 95 -8.05 4.92 0.97
CA GLY A 95 -8.33 3.99 2.04
C GLY A 95 -8.13 2.56 1.60
N VAL A 96 -8.43 2.28 0.34
CA VAL A 96 -8.32 0.94 -0.19
C VAL A 96 -7.73 1.00 -1.59
N PHE A 97 -7.09 -0.07 -2.04
CA PHE A 97 -6.54 -0.09 -3.37
C PHE A 97 -6.77 -1.46 -3.96
N TYR A 98 -7.69 -1.56 -4.89
CA TYR A 98 -8.11 -2.87 -5.35
C TYR A 98 -8.32 -2.94 -6.84
N LYS A 99 -7.93 -4.07 -7.40
CA LYS A 99 -8.05 -4.36 -8.81
C LYS A 99 -9.51 -4.56 -9.21
N ASN A 100 -9.94 -3.83 -10.23
CA ASN A 100 -11.29 -3.97 -10.77
C ASN A 100 -11.46 -5.34 -11.39
N ASP A 101 -10.38 -5.82 -12.01
CA ASP A 101 -10.35 -7.16 -12.57
C ASP A 101 -10.39 -8.19 -11.46
N VAL A 102 -11.33 -9.11 -11.53
CA VAL A 102 -11.45 -10.14 -10.51
C VAL A 102 -10.66 -11.39 -10.90
N GLY A 103 -9.68 -11.73 -10.08
CA GLY A 103 -8.90 -12.92 -10.35
C GLY A 103 -7.57 -12.89 -9.65
N SER A 104 -6.71 -13.84 -10.01
CA SER A 104 -5.37 -13.88 -9.48
C SER A 104 -4.57 -12.72 -10.04
N TRP A 105 -3.60 -12.24 -9.29
CA TRP A 105 -2.84 -11.08 -9.70
C TRP A 105 -1.36 -11.31 -9.48
N GLY A 106 -0.98 -11.45 -8.21
CA GLY A 106 0.41 -11.67 -7.82
C GLY A 106 1.43 -10.93 -8.67
N GLY A 107 1.69 -9.68 -8.32
CA GLY A 107 2.62 -8.87 -9.08
C GLY A 107 3.23 -7.75 -8.26
N THR A 108 3.65 -6.69 -8.92
CA THR A 108 4.33 -5.60 -8.26
C THR A 108 3.44 -4.37 -8.09
N ILE A 109 3.43 -3.81 -6.89
CA ILE A 109 2.79 -2.53 -6.62
C ILE A 109 3.81 -1.59 -5.98
N GLY A 110 3.78 -0.32 -6.35
CA GLY A 110 4.78 0.60 -5.86
C GLY A 110 4.20 1.66 -4.97
N ILE A 111 5.02 2.15 -4.05
CA ILE A 111 4.63 3.26 -3.20
C ILE A 111 5.08 4.56 -3.82
N TYR A 112 4.11 5.37 -4.21
CA TYR A 112 4.37 6.65 -4.83
C TYR A 112 3.74 7.75 -3.99
N VAL A 113 4.51 8.77 -3.67
CA VAL A 113 4.00 9.87 -2.86
C VAL A 113 3.02 10.70 -3.68
N ASP A 114 1.98 11.18 -3.04
CA ASP A 114 1.00 12.05 -3.68
C ASP A 114 1.63 13.39 -4.06
N GLY A 115 2.10 13.49 -5.31
CA GLY A 115 2.64 14.73 -5.84
C GLY A 115 3.70 15.36 -4.93
N GLN A 116 4.66 14.54 -4.51
CA GLN A 116 5.70 14.94 -3.53
C GLN A 116 5.14 15.85 -2.43
N GLN A 117 4.65 15.20 -1.38
CA GLN A 117 4.00 15.89 -0.26
C GLN A 117 4.88 16.94 0.39
N THR A 118 5.84 16.50 1.19
CA THR A 118 6.58 17.41 2.03
C THR A 118 8.03 16.97 2.21
N ASN A 119 8.21 15.80 2.84
CA ASN A 119 9.52 15.34 3.27
C ASN A 119 10.09 16.36 4.27
N THR A 120 9.25 16.74 5.21
CA THR A 120 9.65 17.66 6.27
C THR A 120 10.57 16.93 7.24
N PRO A 121 11.81 17.47 7.46
CA PRO A 121 12.95 16.79 8.07
C PRO A 121 12.60 15.47 8.75
N PRO A 122 12.57 14.39 7.95
CA PRO A 122 12.05 13.11 8.35
C PRO A 122 13.05 12.21 9.06
N GLY A 123 12.64 10.97 9.22
CA GLY A 123 13.46 9.95 9.85
C GLY A 123 12.85 8.60 9.59
N ASN A 124 12.34 7.96 10.61
CA ASN A 124 11.66 6.69 10.45
C ASN A 124 10.17 6.91 10.18
N TYR A 125 9.65 6.26 9.16
CA TYR A 125 8.23 6.37 8.81
C TYR A 125 7.62 4.99 8.75
N THR A 126 6.56 4.81 9.49
CA THR A 126 5.86 3.55 9.52
C THR A 126 4.67 3.59 8.57
N LEU A 127 4.59 2.59 7.73
CA LEU A 127 3.43 2.38 6.90
C LEU A 127 3.19 0.89 6.75
N THR A 128 2.21 0.40 7.46
CA THR A 128 1.95 -1.02 7.52
C THR A 128 0.69 -1.32 6.72
N LEU A 129 0.80 -2.20 5.76
CA LEU A 129 -0.30 -2.44 4.87
C LEU A 129 -0.84 -3.86 5.06
N THR A 130 -2.04 -3.92 5.59
CA THR A 130 -2.72 -5.18 5.78
C THR A 130 -3.70 -5.38 4.62
N GLY A 131 -3.34 -6.24 3.69
CA GLY A 131 -4.12 -6.39 2.48
C GLY A 131 -5.16 -7.48 2.61
N GLY A 132 -5.58 -7.99 1.48
CA GLY A 132 -6.50 -9.10 1.49
C GLY A 132 -7.41 -9.04 0.30
N TYR A 133 -8.45 -9.85 0.31
CA TYR A 133 -9.41 -9.80 -0.78
C TYR A 133 -10.60 -8.98 -0.38
N TRP A 134 -11.05 -8.17 -1.31
CA TRP A 134 -12.19 -7.32 -1.13
C TRP A 134 -13.45 -8.05 -1.60
N ALA A 135 -14.56 -7.87 -0.89
CA ALA A 135 -15.79 -8.52 -1.27
C ALA A 135 -17.02 -7.66 -0.95
N LYS A 136 -17.03 -6.46 -1.52
CA LYS A 136 -18.16 -5.52 -1.43
C LYS A 136 -18.05 -4.53 -2.57
N ASP A 137 -18.33 -3.26 -2.30
CA ASP A 137 -18.12 -2.21 -3.29
C ASP A 137 -17.90 -0.85 -2.66
N ASN A 138 -16.61 -0.48 -2.61
CA ASN A 138 -16.12 0.78 -2.03
C ASN A 138 -16.43 0.97 -0.53
N LYS A 139 -17.65 0.62 -0.13
CA LYS A 139 -18.12 0.91 1.22
C LYS A 139 -17.16 0.41 2.31
N GLN A 140 -16.77 -0.86 2.20
CA GLN A 140 -15.93 -1.54 3.17
C GLN A 140 -16.23 -3.03 3.14
N GLY A 141 -15.54 -3.73 2.29
CA GLY A 141 -15.63 -5.16 2.29
C GLY A 141 -14.30 -5.78 2.01
N PHE A 142 -13.54 -6.07 3.05
CA PHE A 142 -12.23 -6.66 2.89
C PHE A 142 -11.94 -7.62 4.03
N THR A 143 -10.88 -8.41 3.90
CA THR A 143 -10.46 -9.26 5.00
C THR A 143 -8.98 -9.61 4.85
N PRO A 144 -8.20 -9.41 5.93
CA PRO A 144 -6.77 -9.73 5.95
C PRO A 144 -6.52 -11.22 5.79
N SER A 145 -5.96 -11.60 4.64
CA SER A 145 -5.71 -12.99 4.35
C SER A 145 -4.29 -13.19 3.84
N GLY A 146 -3.37 -13.46 4.76
CA GLY A 146 -1.99 -13.71 4.40
C GLY A 146 -1.17 -12.43 4.36
N THR A 147 -1.82 -11.30 4.58
CA THR A 147 -1.23 -10.02 4.32
C THR A 147 -0.70 -9.34 5.59
N THR A 148 0.62 -9.18 5.67
CA THR A 148 1.21 -8.29 6.63
C THR A 148 2.39 -7.56 6.00
N GLY A 149 2.15 -6.37 5.49
CA GLY A 149 3.19 -5.65 4.81
C GLY A 149 3.66 -4.44 5.57
N THR A 150 4.60 -4.65 6.48
CA THR A 150 5.16 -3.55 7.23
C THR A 150 6.23 -2.86 6.40
N THR A 151 5.84 -1.80 5.72
CA THR A 151 6.79 -1.04 4.93
C THR A 151 7.41 0.05 5.79
N LYS A 152 8.67 -0.13 6.13
CA LYS A 152 9.35 0.83 6.97
C LYS A 152 10.27 1.67 6.12
N LEU A 153 9.88 2.91 5.97
CA LEU A 153 10.59 3.85 5.14
C LEU A 153 11.35 4.83 6.03
N THR A 154 12.64 4.63 6.13
CA THR A 154 13.47 5.42 7.04
C THR A 154 14.50 6.23 6.26
N VAL A 155 14.71 7.47 6.65
CA VAL A 155 15.82 8.24 6.11
C VAL A 155 17.02 8.06 7.02
N THR A 156 18.04 7.38 6.51
CA THR A 156 19.24 7.05 7.28
C THR A 156 18.94 5.94 8.29
N GLU A 14 -11.24 -18.05 -3.41
CA GLU A 14 -12.26 -17.37 -2.59
C GLU A 14 -11.57 -16.47 -1.58
N GLU A 15 -10.80 -17.07 -0.69
CA GLU A 15 -10.04 -16.33 0.29
C GLU A 15 -8.66 -16.01 -0.26
N CYS A 16 -8.38 -14.73 -0.44
CA CYS A 16 -7.15 -14.30 -1.05
C CYS A 16 -6.06 -14.03 -0.02
N GLN A 17 -5.06 -14.91 0.01
CA GLN A 17 -3.92 -14.70 0.87
C GLN A 17 -2.90 -13.82 0.17
N VAL A 18 -2.73 -12.62 0.66
CA VAL A 18 -1.77 -11.70 0.08
C VAL A 18 -0.36 -12.03 0.59
N ARG A 19 0.60 -11.99 -0.31
CA ARG A 19 1.99 -12.16 0.07
C ARG A 19 2.65 -10.81 0.24
N VAL A 20 2.68 -10.34 1.47
CA VAL A 20 3.33 -9.09 1.79
C VAL A 20 4.48 -9.35 2.74
N GLY A 21 5.59 -8.66 2.54
CA GLY A 21 6.75 -8.89 3.36
C GLY A 21 7.25 -7.61 3.99
N ASP A 22 7.59 -7.68 5.26
CA ASP A 22 8.14 -6.54 5.98
C ASP A 22 9.51 -6.20 5.44
N LEU A 23 9.60 -5.12 4.69
CA LEU A 23 10.86 -4.74 4.07
C LEU A 23 11.32 -3.40 4.60
N THR A 24 12.63 -3.20 4.61
CA THR A 24 13.22 -1.98 5.10
C THR A 24 14.03 -1.30 4.00
N VAL A 25 13.70 -0.05 3.72
CA VAL A 25 14.37 0.72 2.67
C VAL A 25 14.81 2.08 3.19
N ALA A 26 16.03 2.47 2.88
CA ALA A 26 16.53 3.79 3.23
C ALA A 26 16.52 4.71 2.03
N LYS A 27 15.47 5.51 1.90
CA LYS A 27 15.31 6.43 0.78
C LYS A 27 14.63 7.72 1.23
N THR A 28 14.74 8.75 0.42
CA THR A 28 14.07 10.01 0.71
C THR A 28 12.69 10.04 0.08
N ARG A 29 11.76 10.76 0.70
CA ARG A 29 10.41 10.90 0.14
C ARG A 29 10.40 11.98 -0.93
N GLY A 30 11.56 12.58 -1.15
CA GLY A 30 11.72 13.55 -2.22
C GLY A 30 12.02 12.85 -3.52
N GLN A 31 12.54 11.63 -3.41
CA GLN A 31 12.74 10.75 -4.55
C GLN A 31 11.41 10.55 -5.28
N LEU A 32 10.35 10.59 -4.49
CA LEU A 32 9.01 10.45 -5.01
C LEU A 32 8.45 11.81 -5.40
N THR A 33 8.29 12.02 -6.68
CA THR A 33 7.72 13.26 -7.19
C THR A 33 6.31 12.96 -7.70
N ASP A 34 5.40 12.80 -6.74
CA ASP A 34 4.05 12.31 -7.00
C ASP A 34 4.09 10.90 -7.57
N ALA A 35 4.09 10.77 -8.89
CA ALA A 35 4.12 9.47 -9.52
C ALA A 35 5.55 8.95 -9.64
N ALA A 36 6.09 8.54 -8.51
CA ALA A 36 7.40 7.90 -8.44
C ALA A 36 7.45 6.98 -7.22
N PRO A 37 7.71 5.69 -7.43
CA PRO A 37 7.74 4.70 -6.36
C PRO A 37 9.12 4.53 -5.73
N ILE A 38 9.13 4.16 -4.46
CA ILE A 38 10.36 3.85 -3.75
C ILE A 38 10.61 2.35 -3.71
N GLY A 39 9.73 1.63 -3.03
CA GLY A 39 9.88 0.22 -2.88
C GLY A 39 8.70 -0.57 -3.42
N PRO A 40 8.60 -0.73 -4.75
CA PRO A 40 7.66 -1.67 -5.38
C PRO A 40 7.70 -3.05 -4.74
N VAL A 41 6.63 -3.40 -4.06
CA VAL A 41 6.52 -4.67 -3.38
C VAL A 41 5.98 -5.74 -4.33
N THR A 42 6.59 -6.91 -4.33
CA THR A 42 6.12 -8.02 -5.12
C THR A 42 4.92 -8.68 -4.44
N VAL A 43 3.75 -8.06 -4.58
CA VAL A 43 2.54 -8.58 -3.95
C VAL A 43 1.93 -9.67 -4.80
N GLN A 44 1.92 -10.86 -4.25
CA GLN A 44 1.36 -12.02 -4.91
C GLN A 44 0.09 -12.47 -4.19
N ALA A 45 -0.94 -12.76 -4.96
CA ALA A 45 -2.21 -13.18 -4.39
C ALA A 45 -2.41 -14.67 -4.56
N LEU A 46 -2.64 -15.37 -3.46
CA LEU A 46 -2.81 -16.82 -3.50
C LEU A 46 -4.24 -17.20 -3.14
N GLY A 47 -4.90 -17.93 -4.03
CA GLY A 47 -6.25 -18.38 -3.78
C GLY A 47 -7.28 -17.48 -4.43
N CYS A 48 -6.88 -16.85 -5.51
CA CYS A 48 -7.75 -15.89 -6.19
C CYS A 48 -8.03 -16.32 -7.61
N ASN A 49 -9.14 -16.99 -7.82
CA ASN A 49 -9.56 -17.35 -9.16
C ASN A 49 -10.62 -16.35 -9.64
N ALA A 50 -11.22 -15.65 -8.69
CA ALA A 50 -12.20 -14.62 -8.98
C ALA A 50 -12.51 -13.78 -7.75
N ARG A 51 -11.56 -12.94 -7.34
CA ARG A 51 -11.78 -12.03 -6.22
C ARG A 51 -10.92 -10.78 -6.37
N GLN A 52 -11.43 -9.64 -5.90
CA GLN A 52 -10.64 -8.42 -5.90
C GLN A 52 -9.68 -8.44 -4.72
N VAL A 53 -8.42 -8.14 -4.99
CA VAL A 53 -7.40 -8.10 -3.95
C VAL A 53 -7.11 -6.64 -3.60
N ALA A 54 -7.33 -6.28 -2.35
CA ALA A 54 -7.18 -4.91 -1.92
C ALA A 54 -6.04 -4.73 -0.96
N LEU A 55 -5.35 -3.62 -1.08
CA LEU A 55 -4.28 -3.29 -0.16
C LEU A 55 -4.76 -2.25 0.83
N LYS A 56 -4.81 -2.65 2.08
CA LYS A 56 -5.24 -1.77 3.15
C LYS A 56 -4.05 -1.47 4.05
N ALA A 57 -4.07 -0.33 4.70
CA ALA A 57 -3.10 -0.05 5.73
C ALA A 57 -3.64 -0.47 7.08
N ASP A 58 -2.76 -0.77 8.01
CA ASP A 58 -3.20 -1.10 9.36
C ASP A 58 -3.59 0.19 10.06
N THR A 59 -4.39 0.10 11.11
CA THR A 59 -5.02 1.27 11.71
C THR A 59 -4.02 2.33 12.17
N ASP A 60 -2.76 1.95 12.38
CA ASP A 60 -1.71 2.90 12.73
C ASP A 60 -1.40 3.83 11.57
N ASN A 61 -1.53 3.30 10.36
CA ASN A 61 -1.19 4.04 9.15
C ASN A 61 -2.46 4.26 8.30
N PHE A 62 -3.60 4.00 8.92
CA PHE A 62 -4.87 4.07 8.21
C PHE A 62 -5.86 4.91 9.01
N GLU A 63 -6.05 6.14 8.59
CA GLU A 63 -6.98 7.03 9.27
C GLU A 63 -8.28 7.11 8.49
N GLN A 64 -9.30 6.40 8.99
CA GLN A 64 -10.63 6.39 8.40
C GLN A 64 -10.66 5.62 7.09
N GLY A 65 -9.82 6.04 6.16
CA GLY A 65 -9.77 5.43 4.85
C GLY A 65 -8.72 6.08 3.99
N LYS A 66 -7.59 6.41 4.62
CA LYS A 66 -6.45 6.98 3.91
C LYS A 66 -5.18 6.34 4.46
N PHE A 67 -4.28 5.94 3.58
CA PHE A 67 -3.00 5.43 4.01
C PHE A 67 -1.87 6.35 3.57
N PHE A 68 -0.83 6.40 4.39
CA PHE A 68 0.23 7.36 4.24
C PHE A 68 1.57 6.74 4.65
N LEU A 69 2.57 7.59 4.76
CA LEU A 69 3.83 7.20 5.40
C LEU A 69 3.93 7.97 6.71
N ILE A 70 3.69 7.29 7.82
CA ILE A 70 3.61 7.95 9.11
C ILE A 70 4.83 7.65 9.98
N SER A 71 5.35 8.68 10.63
CA SER A 71 6.39 8.51 11.64
C SER A 71 5.77 7.86 12.87
N ASP A 72 6.51 6.95 13.50
CA ASP A 72 5.99 6.23 14.66
C ASP A 72 5.75 7.18 15.84
N ASN A 73 6.35 8.36 15.77
CA ASN A 73 6.17 9.38 16.80
C ASN A 73 4.94 10.24 16.50
N ASN A 74 4.45 10.13 15.26
CA ASN A 74 3.33 10.94 14.78
C ASN A 74 3.65 12.43 14.85
N ARG A 75 4.14 12.96 13.73
CA ARG A 75 4.52 14.36 13.66
C ARG A 75 4.42 14.86 12.22
N ASP A 76 4.94 14.07 11.30
CA ASP A 76 4.91 14.38 9.89
C ASP A 76 4.10 13.33 9.15
N LYS A 77 3.28 13.77 8.21
CA LYS A 77 2.48 12.84 7.42
C LYS A 77 2.66 13.07 5.94
N LEU A 78 2.45 12.00 5.22
CA LEU A 78 2.34 12.01 3.78
C LEU A 78 0.98 11.47 3.45
N TYR A 79 0.63 11.46 2.19
CA TYR A 79 -0.30 10.46 1.70
C TYR A 79 0.32 9.77 0.50
N VAL A 80 0.06 8.49 0.36
CA VAL A 80 0.66 7.70 -0.71
C VAL A 80 -0.37 6.84 -1.40
N ASN A 81 -0.05 6.42 -2.59
CA ASN A 81 -0.88 5.47 -3.31
C ASN A 81 -0.05 4.27 -3.74
N ILE A 82 -0.34 3.13 -3.13
CA ILE A 82 0.29 1.88 -3.54
C ILE A 82 -0.29 1.44 -4.86
N ARG A 83 0.44 1.69 -5.92
CA ARG A 83 -0.08 1.50 -7.27
C ARG A 83 0.77 0.51 -8.03
N PRO A 84 0.14 -0.37 -8.83
CA PRO A 84 0.84 -1.27 -9.73
C PRO A 84 1.93 -0.56 -10.52
N MET A 85 3.17 -1.03 -10.38
CA MET A 85 4.32 -0.38 -10.99
C MET A 85 4.13 -0.14 -12.48
N ASP A 86 3.81 -1.20 -13.21
CA ASP A 86 3.57 -1.07 -14.65
C ASP A 86 2.68 -2.21 -15.14
N ASN A 87 2.04 -2.89 -14.19
CA ASN A 87 1.31 -4.11 -14.51
C ASN A 87 -0.08 -3.80 -15.09
N SER A 88 -1.04 -3.53 -14.22
CA SER A 88 -2.42 -3.32 -14.66
C SER A 88 -3.03 -2.12 -13.95
N ALA A 89 -4.22 -1.73 -14.37
CA ALA A 89 -4.92 -0.63 -13.74
C ALA A 89 -5.79 -1.12 -12.59
N TRP A 90 -5.54 -0.58 -11.40
CA TRP A 90 -6.33 -0.91 -10.22
C TRP A 90 -7.22 0.26 -9.84
N THR A 91 -8.30 -0.03 -9.12
CA THR A 91 -9.17 1.00 -8.59
C THR A 91 -8.46 1.71 -7.45
N THR A 92 -8.28 3.01 -7.60
CA THR A 92 -7.42 3.74 -6.70
C THR A 92 -8.18 4.55 -5.66
N ASP A 93 -8.25 4.01 -4.46
CA ASP A 93 -8.73 4.74 -3.30
C ASP A 93 -7.52 4.98 -2.39
N ASN A 94 -7.62 5.93 -1.47
CA ASN A 94 -6.50 6.20 -0.59
C ASN A 94 -6.55 5.28 0.63
N GLY A 95 -7.63 4.53 0.76
CA GLY A 95 -7.74 3.59 1.86
C GLY A 95 -7.66 2.16 1.40
N VAL A 96 -8.12 1.90 0.19
CA VAL A 96 -8.10 0.56 -0.36
C VAL A 96 -7.61 0.59 -1.80
N PHE A 97 -6.97 -0.49 -2.22
CA PHE A 97 -6.44 -0.57 -3.56
C PHE A 97 -6.69 -1.95 -4.12
N TYR A 98 -7.57 -2.06 -5.09
CA TYR A 98 -7.97 -3.36 -5.62
C TYR A 98 -8.17 -3.26 -7.12
N LYS A 99 -7.93 -4.35 -7.83
CA LYS A 99 -8.07 -4.33 -9.27
C LYS A 99 -9.54 -4.34 -9.66
N ASN A 100 -9.85 -3.63 -10.73
CA ASN A 100 -11.21 -3.56 -11.27
C ASN A 100 -11.73 -4.95 -11.63
N ASP A 101 -10.80 -5.84 -11.96
CA ASP A 101 -11.16 -7.18 -12.38
C ASP A 101 -11.11 -8.15 -11.19
N VAL A 102 -11.13 -9.43 -11.49
CA VAL A 102 -11.05 -10.47 -10.49
C VAL A 102 -9.92 -11.44 -10.84
N GLY A 103 -9.86 -12.57 -10.15
CA GLY A 103 -8.82 -13.54 -10.40
C GLY A 103 -7.56 -13.22 -9.65
N SER A 104 -6.44 -13.68 -10.18
CA SER A 104 -5.16 -13.44 -9.57
C SER A 104 -4.61 -12.11 -10.07
N TRP A 105 -3.37 -11.82 -9.73
CA TRP A 105 -2.72 -10.61 -10.19
C TRP A 105 -1.23 -10.68 -9.89
N GLY A 106 -0.93 -11.03 -8.63
CA GLY A 106 0.44 -11.20 -8.13
C GLY A 106 1.54 -10.54 -8.97
N GLY A 107 1.89 -9.32 -8.62
CA GLY A 107 2.89 -8.59 -9.38
C GLY A 107 3.66 -7.61 -8.53
N THR A 108 3.68 -6.34 -8.94
CA THR A 108 4.43 -5.33 -8.22
C THR A 108 3.61 -4.07 -7.96
N ILE A 109 3.55 -3.67 -6.69
CA ILE A 109 2.87 -2.45 -6.28
C ILE A 109 3.86 -1.51 -5.63
N GLY A 110 3.89 -0.27 -6.07
CA GLY A 110 4.88 0.65 -5.57
C GLY A 110 4.26 1.75 -4.75
N ILE A 111 5.02 2.29 -3.81
CA ILE A 111 4.54 3.42 -3.02
C ILE A 111 4.92 4.72 -3.70
N TYR A 112 3.91 5.44 -4.18
CA TYR A 112 4.10 6.76 -4.75
C TYR A 112 3.56 7.79 -3.76
N VAL A 113 4.24 8.90 -3.61
CA VAL A 113 3.75 9.95 -2.72
C VAL A 113 2.74 10.83 -3.45
N ASP A 114 1.66 11.15 -2.78
CA ASP A 114 0.61 11.97 -3.39
C ASP A 114 1.01 13.44 -3.35
N GLY A 115 1.26 14.02 -4.52
CA GLY A 115 1.55 15.43 -4.62
C GLY A 115 2.92 15.79 -4.07
N GLN A 116 3.91 14.90 -4.30
CA GLN A 116 5.32 15.10 -3.91
C GLN A 116 5.51 15.75 -2.53
N GLN A 117 5.86 14.93 -1.54
CA GLN A 117 6.20 15.44 -0.23
C GLN A 117 7.44 16.32 -0.32
N THR A 118 8.27 16.05 -1.32
CA THR A 118 9.52 16.80 -1.54
C THR A 118 10.48 16.56 -0.37
N ASN A 119 10.16 15.52 0.41
CA ASN A 119 10.95 15.09 1.55
C ASN A 119 11.12 16.17 2.61
N THR A 120 10.21 16.16 3.57
CA THR A 120 10.31 17.05 4.72
C THR A 120 10.99 16.29 5.85
N PRO A 121 12.10 16.84 6.40
CA PRO A 121 12.99 16.20 7.37
C PRO A 121 12.33 15.14 8.24
N PRO A 122 12.44 13.88 7.78
CA PRO A 122 11.85 12.72 8.42
C PRO A 122 12.84 11.91 9.27
N GLY A 123 12.55 10.62 9.40
CA GLY A 123 13.41 9.71 10.12
C GLY A 123 12.97 8.27 9.88
N ASN A 124 12.32 7.69 10.87
CA ASN A 124 11.77 6.35 10.75
C ASN A 124 10.26 6.43 10.53
N TYR A 125 9.81 6.04 9.35
CA TYR A 125 8.39 6.02 9.06
C TYR A 125 7.88 4.59 9.01
N THR A 126 6.74 4.39 9.62
CA THR A 126 6.17 3.07 9.79
C THR A 126 4.83 2.97 9.07
N LEU A 127 4.85 2.40 7.88
CA LEU A 127 3.63 2.23 7.11
C LEU A 127 3.26 0.75 7.04
N THR A 128 2.46 0.31 7.99
CA THR A 128 2.02 -1.06 8.06
C THR A 128 0.83 -1.29 7.13
N LEU A 129 0.94 -2.27 6.24
CA LEU A 129 -0.10 -2.53 5.27
C LEU A 129 -0.73 -3.91 5.49
N THR A 130 -1.97 -3.93 5.94
CA THR A 130 -2.68 -5.17 6.19
C THR A 130 -3.42 -5.61 4.93
N GLY A 131 -2.93 -6.67 4.30
CA GLY A 131 -3.51 -7.14 3.06
C GLY A 131 -4.83 -7.86 3.25
N GLY A 132 -5.43 -8.28 2.15
CA GLY A 132 -6.67 -9.01 2.20
C GLY A 132 -7.46 -8.83 0.93
N TYR A 133 -8.71 -9.29 0.94
CA TYR A 133 -9.56 -9.12 -0.23
C TYR A 133 -10.55 -7.99 0.01
N TRP A 134 -11.43 -7.80 -0.95
CA TRP A 134 -12.37 -6.71 -0.94
C TRP A 134 -13.69 -7.15 -1.56
N ALA A 135 -14.79 -6.54 -1.13
CA ALA A 135 -16.10 -6.84 -1.69
C ALA A 135 -16.84 -5.57 -2.11
N LYS A 136 -17.54 -5.65 -3.24
CA LYS A 136 -18.37 -4.57 -3.77
C LYS A 136 -17.53 -3.43 -4.33
N ASP A 137 -18.06 -2.21 -4.33
CA ASP A 137 -17.34 -1.07 -4.91
C ASP A 137 -17.32 0.14 -4.00
N ASN A 138 -16.13 0.44 -3.48
CA ASN A 138 -15.84 1.64 -2.68
C ASN A 138 -16.69 1.76 -1.40
N LYS A 139 -17.67 0.89 -1.23
CA LYS A 139 -18.53 0.93 -0.04
C LYS A 139 -17.79 0.37 1.17
N GLN A 140 -16.58 -0.11 0.92
CA GLN A 140 -15.73 -0.74 1.94
C GLN A 140 -16.24 -2.14 2.26
N GLY A 141 -15.80 -3.11 1.47
CA GLY A 141 -16.11 -4.49 1.76
C GLY A 141 -14.85 -5.29 1.95
N PHE A 142 -13.81 -4.66 2.49
CA PHE A 142 -12.52 -5.31 2.56
C PHE A 142 -12.47 -6.29 3.73
N THR A 143 -11.65 -7.31 3.60
CA THR A 143 -11.41 -8.26 4.66
C THR A 143 -9.92 -8.52 4.80
N PRO A 144 -9.39 -8.49 6.02
CA PRO A 144 -7.99 -8.83 6.27
C PRO A 144 -7.70 -10.30 6.02
N SER A 145 -6.91 -10.56 4.98
CA SER A 145 -6.59 -11.93 4.59
C SER A 145 -5.13 -12.02 4.19
N GLY A 146 -4.34 -12.63 5.06
CA GLY A 146 -2.92 -12.70 4.82
C GLY A 146 -2.13 -12.18 5.99
N THR A 147 -1.22 -11.26 5.74
CA THR A 147 -0.38 -10.70 6.78
C THR A 147 -0.34 -9.19 6.64
N THR A 148 0.01 -8.49 7.72
CA THR A 148 0.20 -7.06 7.66
C THR A 148 1.69 -6.76 7.49
N GLY A 149 2.05 -6.27 6.32
CA GLY A 149 3.45 -6.01 6.02
C GLY A 149 3.85 -4.61 6.40
N THR A 150 4.80 -4.50 7.31
CA THR A 150 5.27 -3.21 7.75
C THR A 150 6.36 -2.72 6.80
N THR A 151 5.99 -1.81 5.90
CA THR A 151 6.96 -1.23 4.99
C THR A 151 7.75 -0.19 5.75
N LYS A 152 9.01 -0.48 6.02
CA LYS A 152 9.81 0.36 6.86
C LYS A 152 10.66 1.29 6.03
N LEU A 153 10.28 2.56 6.06
CA LEU A 153 10.95 3.58 5.30
C LEU A 153 11.77 4.47 6.24
N THR A 154 13.09 4.30 6.15
CA THR A 154 14.02 5.10 6.93
C THR A 154 14.74 6.08 6.02
N VAL A 155 14.55 7.36 6.25
CA VAL A 155 15.05 8.35 5.32
C VAL A 155 16.43 8.86 5.72
N THR A 156 17.40 8.60 4.85
CA THR A 156 18.74 9.11 5.00
C THR A 156 19.41 9.16 3.63
N GLU A 14 -8.88 -22.52 -0.05
CA GLU A 14 -8.19 -21.73 -1.08
C GLU A 14 -8.89 -20.40 -1.33
N GLU A 15 -8.57 -19.42 -0.49
CA GLU A 15 -9.12 -18.08 -0.65
C GLU A 15 -7.96 -17.11 -0.82
N CYS A 16 -8.27 -15.87 -1.19
CA CYS A 16 -7.25 -14.88 -1.48
C CYS A 16 -6.39 -14.57 -0.25
N GLN A 17 -5.33 -15.34 -0.09
CA GLN A 17 -4.34 -15.04 0.92
C GLN A 17 -3.33 -14.09 0.31
N VAL A 18 -3.36 -12.84 0.74
CA VAL A 18 -2.44 -11.87 0.21
C VAL A 18 -1.20 -11.79 1.08
N ARG A 19 -0.09 -12.24 0.55
CA ARG A 19 1.14 -12.27 1.32
C ARG A 19 1.96 -11.03 1.06
N VAL A 20 1.83 -10.08 1.97
CA VAL A 20 2.65 -8.88 1.96
C VAL A 20 3.71 -9.01 3.04
N GLY A 21 4.97 -9.05 2.63
CA GLY A 21 6.04 -9.22 3.58
C GLY A 21 6.58 -7.91 4.09
N ASP A 22 7.16 -7.92 5.27
CA ASP A 22 7.80 -6.75 5.83
C ASP A 22 9.10 -6.47 5.10
N LEU A 23 9.39 -5.19 4.90
CA LEU A 23 10.60 -4.78 4.20
C LEU A 23 10.97 -3.37 4.59
N THR A 24 12.26 -3.07 4.60
CA THR A 24 12.72 -1.73 4.90
C THR A 24 13.28 -1.08 3.63
N VAL A 25 12.87 0.15 3.39
CA VAL A 25 13.31 0.90 2.23
C VAL A 25 14.08 2.13 2.68
N ALA A 26 15.29 2.29 2.18
CA ALA A 26 16.13 3.42 2.56
C ALA A 26 16.20 4.43 1.42
N LYS A 27 15.46 5.54 1.57
CA LYS A 27 15.40 6.58 0.55
C LYS A 27 14.64 7.79 1.07
N THR A 28 14.49 8.79 0.22
CA THR A 28 13.82 10.03 0.57
C THR A 28 12.41 10.07 -0.01
N ARG A 29 11.60 11.03 0.46
CA ARG A 29 10.27 11.23 -0.10
C ARG A 29 10.36 12.18 -1.28
N GLY A 30 11.53 12.79 -1.43
CA GLY A 30 11.78 13.69 -2.53
C GLY A 30 11.88 12.96 -3.84
N GLN A 31 12.16 11.66 -3.75
CA GLN A 31 12.13 10.78 -4.92
C GLN A 31 10.75 10.82 -5.53
N LEU A 32 9.75 10.81 -4.66
CA LEU A 32 8.37 10.71 -5.07
C LEU A 32 7.85 12.06 -5.54
N THR A 33 7.81 12.23 -6.84
CA THR A 33 7.24 13.41 -7.46
C THR A 33 5.86 13.04 -8.03
N ASP A 34 4.92 12.81 -7.11
CA ASP A 34 3.60 12.29 -7.43
C ASP A 34 3.72 10.85 -7.92
N ALA A 35 3.85 10.67 -9.23
CA ALA A 35 3.92 9.34 -9.81
C ALA A 35 5.37 8.86 -9.92
N ALA A 36 5.99 8.67 -8.77
CA ALA A 36 7.35 8.14 -8.69
C ALA A 36 7.47 7.19 -7.50
N PRO A 37 7.71 5.90 -7.77
CA PRO A 37 7.84 4.87 -6.74
C PRO A 37 9.28 4.67 -6.26
N ILE A 38 9.42 4.26 -5.01
CA ILE A 38 10.74 3.94 -4.46
C ILE A 38 10.87 2.48 -4.07
N GLY A 39 9.98 2.01 -3.21
CA GLY A 39 10.06 0.64 -2.75
C GLY A 39 8.89 -0.21 -3.20
N PRO A 40 8.99 -0.84 -4.38
CA PRO A 40 7.99 -1.80 -4.85
C PRO A 40 7.87 -2.99 -3.91
N VAL A 41 6.64 -3.26 -3.48
CA VAL A 41 6.37 -4.37 -2.58
C VAL A 41 5.88 -5.58 -3.35
N THR A 42 6.52 -6.72 -3.13
CA THR A 42 6.12 -7.95 -3.76
C THR A 42 4.86 -8.50 -3.11
N VAL A 43 3.73 -8.29 -3.77
CA VAL A 43 2.45 -8.73 -3.26
C VAL A 43 1.98 -9.97 -3.99
N GLN A 44 1.87 -11.07 -3.26
CA GLN A 44 1.41 -12.31 -3.85
C GLN A 44 0.05 -12.70 -3.27
N ALA A 45 -0.98 -12.56 -4.07
CA ALA A 45 -2.33 -12.97 -3.68
C ALA A 45 -2.59 -14.37 -4.17
N LEU A 46 -2.64 -15.33 -3.26
CA LEU A 46 -2.80 -16.72 -3.60
C LEU A 46 -4.24 -17.17 -3.36
N GLY A 47 -4.83 -17.82 -4.36
CA GLY A 47 -6.16 -18.39 -4.18
C GLY A 47 -7.28 -17.46 -4.61
N CYS A 48 -7.00 -16.59 -5.57
CA CYS A 48 -8.00 -15.65 -6.05
C CYS A 48 -8.75 -16.18 -7.26
N ASN A 49 -8.09 -16.18 -8.42
CA ASN A 49 -8.70 -16.65 -9.68
C ASN A 49 -9.76 -15.68 -10.21
N ALA A 50 -10.63 -15.20 -9.32
CA ALA A 50 -11.67 -14.25 -9.69
C ALA A 50 -12.07 -13.41 -8.47
N ARG A 51 -11.22 -12.46 -8.14
CA ARG A 51 -11.45 -11.59 -6.99
C ARG A 51 -10.67 -10.29 -7.14
N GLN A 52 -11.20 -9.21 -6.59
CA GLN A 52 -10.48 -7.95 -6.53
C GLN A 52 -9.61 -7.94 -5.27
N VAL A 53 -8.36 -7.53 -5.42
CA VAL A 53 -7.41 -7.54 -4.31
C VAL A 53 -7.09 -6.13 -3.87
N ALA A 54 -7.28 -5.85 -2.58
CA ALA A 54 -7.15 -4.51 -2.07
C ALA A 54 -6.03 -4.42 -1.04
N LEU A 55 -5.46 -3.24 -0.93
CA LEU A 55 -4.44 -2.98 0.07
C LEU A 55 -5.02 -2.19 1.21
N LYS A 56 -5.26 -2.86 2.33
CA LYS A 56 -5.79 -2.22 3.51
C LYS A 56 -4.66 -1.90 4.47
N ALA A 57 -4.53 -0.64 4.82
CA ALA A 57 -3.46 -0.22 5.71
C ALA A 57 -3.85 -0.44 7.16
N ASP A 58 -2.86 -0.54 8.03
CA ASP A 58 -3.10 -0.75 9.45
C ASP A 58 -3.30 0.59 10.14
N THR A 59 -4.06 0.59 11.23
CA THR A 59 -4.49 1.82 11.90
C THR A 59 -3.32 2.73 12.28
N ASP A 60 -2.11 2.18 12.36
CA ASP A 60 -0.92 2.99 12.64
C ASP A 60 -0.73 4.09 11.61
N ASN A 61 -1.05 3.78 10.36
CA ASN A 61 -0.88 4.70 9.25
C ASN A 61 -2.17 4.79 8.44
N PHE A 62 -3.25 4.32 9.05
CA PHE A 62 -4.56 4.27 8.39
C PHE A 62 -5.60 4.82 9.34
N GLU A 63 -6.01 6.06 9.09
CA GLU A 63 -6.98 6.72 9.95
C GLU A 63 -8.38 6.53 9.40
N GLN A 64 -9.05 5.49 9.90
CA GLN A 64 -10.44 5.17 9.54
C GLN A 64 -10.55 4.66 8.09
N GLY A 65 -9.97 5.40 7.16
CA GLY A 65 -10.00 5.02 5.77
C GLY A 65 -9.11 5.90 4.93
N LYS A 66 -7.98 6.30 5.51
CA LYS A 66 -6.94 7.03 4.80
C LYS A 66 -5.60 6.46 5.20
N PHE A 67 -4.74 6.20 4.25
CA PHE A 67 -3.43 5.69 4.58
C PHE A 67 -2.32 6.63 4.14
N PHE A 68 -1.37 6.81 5.03
CA PHE A 68 -0.22 7.65 4.81
C PHE A 68 1.00 6.97 5.43
N LEU A 69 2.13 7.62 5.36
CA LEU A 69 3.31 7.14 6.07
C LEU A 69 3.49 7.97 7.33
N ILE A 70 3.63 7.32 8.47
CA ILE A 70 3.76 8.03 9.73
C ILE A 70 5.19 7.96 10.24
N SER A 71 5.70 9.11 10.67
CA SER A 71 7.06 9.23 11.13
C SER A 71 7.16 8.82 12.60
N ASP A 72 8.32 8.30 12.98
CA ASP A 72 8.60 7.98 14.38
C ASP A 72 8.58 9.24 15.23
N ASN A 73 8.85 10.38 14.60
CA ASN A 73 8.79 11.67 15.26
C ASN A 73 7.35 12.11 15.48
N ASN A 74 6.44 11.42 14.78
CA ASN A 74 4.99 11.69 14.88
C ASN A 74 4.64 13.11 14.43
N ARG A 75 5.52 13.74 13.67
CA ARG A 75 5.30 15.11 13.24
C ARG A 75 4.68 15.16 11.86
N ASP A 76 5.46 14.81 10.86
CA ASP A 76 5.02 14.92 9.48
C ASP A 76 4.61 13.58 8.91
N LYS A 77 3.81 13.64 7.85
CA LYS A 77 3.30 12.45 7.20
C LYS A 77 3.21 12.66 5.70
N LEU A 78 2.85 11.61 4.99
CA LEU A 78 2.60 11.72 3.55
C LEU A 78 1.71 10.58 3.09
N TYR A 79 0.61 10.93 2.45
CA TYR A 79 -0.28 9.92 1.91
C TYR A 79 0.36 9.28 0.69
N VAL A 80 0.12 8.00 0.50
CA VAL A 80 0.77 7.27 -0.58
C VAL A 80 -0.25 6.60 -1.49
N ASN A 81 0.18 6.34 -2.70
CA ASN A 81 -0.58 5.55 -3.63
C ASN A 81 0.22 4.33 -3.99
N ILE A 82 -0.24 3.17 -3.56
CA ILE A 82 0.46 1.93 -3.83
C ILE A 82 -0.08 1.31 -5.10
N ARG A 83 0.47 1.73 -6.22
CA ARG A 83 -0.04 1.31 -7.51
C ARG A 83 0.99 0.44 -8.19
N PRO A 84 0.55 -0.62 -8.90
CA PRO A 84 1.42 -1.51 -9.65
C PRO A 84 2.48 -0.76 -10.45
N MET A 85 3.68 -1.30 -10.46
CA MET A 85 4.76 -0.74 -11.25
C MET A 85 4.34 -0.76 -12.72
N ASP A 86 3.94 -1.94 -13.18
CA ASP A 86 3.32 -2.11 -14.50
C ASP A 86 2.42 -3.33 -14.47
N ASN A 87 1.11 -3.11 -14.48
CA ASN A 87 0.15 -4.21 -14.36
C ASN A 87 -1.26 -3.74 -14.67
N SER A 88 -2.24 -4.52 -14.26
CA SER A 88 -3.66 -4.21 -14.46
C SER A 88 -4.05 -2.91 -13.78
N ALA A 89 -5.23 -2.41 -14.12
CA ALA A 89 -5.72 -1.16 -13.59
C ALA A 89 -6.28 -1.33 -12.18
N TRP A 90 -5.71 -0.62 -11.25
CA TRP A 90 -6.16 -0.62 -9.87
C TRP A 90 -6.86 0.69 -9.55
N THR A 91 -8.01 0.59 -8.90
CA THR A 91 -8.75 1.77 -8.47
C THR A 91 -8.08 2.36 -7.23
N THR A 92 -7.59 3.58 -7.35
CA THR A 92 -6.84 4.21 -6.27
C THR A 92 -7.75 4.97 -5.31
N ASP A 93 -7.79 4.49 -4.07
CA ASP A 93 -8.46 5.19 -2.99
C ASP A 93 -7.48 5.29 -1.83
N ASN A 94 -7.69 6.21 -0.91
CA ASN A 94 -6.77 6.36 0.21
C ASN A 94 -7.07 5.40 1.34
N GLY A 95 -8.17 4.68 1.22
CA GLY A 95 -8.48 3.67 2.21
C GLY A 95 -8.18 2.28 1.70
N VAL A 96 -8.40 2.07 0.42
CA VAL A 96 -8.17 0.77 -0.19
C VAL A 96 -7.55 0.94 -1.56
N PHE A 97 -6.83 -0.07 -2.01
CA PHE A 97 -6.21 -0.02 -3.31
C PHE A 97 -6.39 -1.37 -3.96
N TYR A 98 -7.27 -1.44 -4.94
CA TYR A 98 -7.65 -2.73 -5.51
C TYR A 98 -7.80 -2.66 -7.01
N LYS A 99 -7.42 -3.74 -7.68
CA LYS A 99 -7.61 -3.82 -9.11
C LYS A 99 -9.07 -4.03 -9.42
N ASN A 100 -9.54 -3.40 -10.49
CA ASN A 100 -10.92 -3.54 -10.90
C ASN A 100 -11.14 -4.87 -11.61
N ASP A 101 -10.04 -5.59 -11.82
CA ASP A 101 -10.08 -6.90 -12.42
C ASP A 101 -10.33 -7.96 -11.36
N VAL A 102 -11.10 -8.97 -11.71
CA VAL A 102 -11.35 -10.07 -10.80
C VAL A 102 -10.46 -11.26 -11.14
N GLY A 103 -9.48 -11.50 -10.27
CA GLY A 103 -8.60 -12.64 -10.44
C GLY A 103 -7.40 -12.55 -9.53
N SER A 104 -6.38 -13.34 -9.83
CA SER A 104 -5.15 -13.27 -9.08
C SER A 104 -4.32 -12.10 -9.57
N TRP A 105 -3.13 -11.91 -9.02
CA TRP A 105 -2.31 -10.77 -9.40
C TRP A 105 -0.84 -11.07 -9.15
N GLY A 106 -0.52 -11.31 -7.88
CA GLY A 106 0.85 -11.64 -7.45
C GLY A 106 1.96 -10.95 -8.25
N GLY A 107 2.32 -9.74 -7.86
CA GLY A 107 3.34 -8.99 -8.57
C GLY A 107 3.95 -7.89 -7.73
N THR A 108 4.41 -6.83 -8.37
CA THR A 108 5.05 -5.74 -7.67
C THR A 108 4.31 -4.42 -7.83
N ILE A 109 3.96 -3.82 -6.71
CA ILE A 109 3.35 -2.50 -6.68
C ILE A 109 4.35 -1.50 -6.12
N GLY A 110 4.29 -0.27 -6.56
CA GLY A 110 5.24 0.72 -6.10
C GLY A 110 4.57 1.75 -5.21
N ILE A 111 5.31 2.32 -4.28
CA ILE A 111 4.76 3.34 -3.43
C ILE A 111 5.06 4.72 -3.99
N TYR A 112 4.01 5.39 -4.43
CA TYR A 112 4.10 6.75 -4.95
C TYR A 112 3.55 7.69 -3.89
N VAL A 113 4.02 8.93 -3.87
CA VAL A 113 3.48 9.91 -2.93
C VAL A 113 2.22 10.52 -3.51
N ASP A 114 1.23 10.73 -2.66
CA ASP A 114 0.02 11.45 -3.08
C ASP A 114 0.34 12.93 -3.16
N GLY A 115 0.93 13.33 -4.28
CA GLY A 115 1.40 14.70 -4.44
C GLY A 115 2.77 14.89 -3.83
N GLN A 116 3.76 15.17 -4.68
CA GLN A 116 5.15 15.40 -4.28
C GLN A 116 5.27 16.05 -2.90
N GLN A 117 5.70 15.24 -1.92
CA GLN A 117 5.82 15.72 -0.54
C GLN A 117 7.10 16.56 -0.38
N THR A 118 7.98 16.47 -1.38
CA THR A 118 9.23 17.23 -1.40
C THR A 118 10.16 16.78 -0.27
N ASN A 119 9.86 15.62 0.32
CA ASN A 119 10.62 15.07 1.44
C ASN A 119 10.62 16.04 2.61
N THR A 120 9.51 16.06 3.34
CA THR A 120 9.40 16.90 4.52
C THR A 120 10.14 16.22 5.66
N PRO A 121 10.80 17.01 6.55
CA PRO A 121 11.66 16.51 7.64
C PRO A 121 11.30 15.12 8.14
N PRO A 122 11.94 14.09 7.56
CA PRO A 122 11.62 12.70 7.82
C PRO A 122 12.60 12.03 8.79
N GLY A 123 12.64 10.72 8.69
CA GLY A 123 13.52 9.91 9.50
C GLY A 123 13.22 8.46 9.28
N ASN A 124 12.32 7.92 10.09
CA ASN A 124 11.85 6.57 9.92
C ASN A 124 10.33 6.57 9.83
N TYR A 125 9.79 6.11 8.71
CA TYR A 125 8.36 6.11 8.51
C TYR A 125 7.83 4.69 8.56
N THR A 126 6.83 4.50 9.38
CA THR A 126 6.24 3.21 9.58
C THR A 126 4.90 3.11 8.87
N LEU A 127 4.77 2.14 8.00
CA LEU A 127 3.53 1.88 7.30
C LEU A 127 3.26 0.38 7.26
N THR A 128 2.14 -0.02 7.81
CA THR A 128 1.80 -1.42 7.96
C THR A 128 0.63 -1.75 7.04
N LEU A 129 0.79 -2.77 6.23
CA LEU A 129 -0.20 -3.10 5.22
C LEU A 129 -0.73 -4.52 5.44
N THR A 130 -2.03 -4.63 5.67
CA THR A 130 -2.66 -5.90 5.91
C THR A 130 -3.22 -6.49 4.62
N GLY A 131 -2.69 -7.64 4.22
CA GLY A 131 -3.17 -8.29 3.02
C GLY A 131 -4.60 -8.77 3.15
N GLY A 132 -5.32 -8.74 2.04
CA GLY A 132 -6.69 -9.20 2.04
C GLY A 132 -7.41 -8.77 0.79
N TYR A 133 -8.46 -9.48 0.44
CA TYR A 133 -9.18 -9.18 -0.78
C TYR A 133 -10.29 -8.17 -0.52
N TRP A 134 -11.04 -7.87 -1.56
CA TRP A 134 -12.06 -6.86 -1.51
C TRP A 134 -13.28 -7.30 -2.32
N ALA A 135 -14.45 -6.82 -1.93
CA ALA A 135 -15.69 -7.12 -2.60
C ALA A 135 -16.46 -5.84 -2.97
N LYS A 136 -17.12 -5.89 -4.13
CA LYS A 136 -17.92 -4.78 -4.67
C LYS A 136 -17.05 -3.59 -5.07
N ASP A 137 -17.57 -2.36 -4.94
CA ASP A 137 -16.86 -1.18 -5.45
C ASP A 137 -16.97 0.02 -4.50
N ASN A 138 -15.80 0.44 -4.02
CA ASN A 138 -15.61 1.64 -3.18
C ASN A 138 -16.61 1.80 -2.01
N LYS A 139 -17.36 0.75 -1.69
CA LYS A 139 -18.26 0.79 -0.54
C LYS A 139 -17.54 0.26 0.68
N GLN A 140 -16.31 -0.15 0.47
CA GLN A 140 -15.46 -0.75 1.50
C GLN A 140 -15.90 -2.15 1.85
N GLY A 141 -16.01 -2.99 0.84
CA GLY A 141 -16.12 -4.41 1.08
C GLY A 141 -14.74 -5.00 1.12
N PHE A 142 -14.15 -5.12 2.28
CA PHE A 142 -12.77 -5.56 2.35
C PHE A 142 -12.60 -6.62 3.45
N THR A 143 -11.88 -7.67 3.12
CA THR A 143 -11.62 -8.75 4.07
C THR A 143 -10.13 -8.83 4.38
N PRO A 144 -9.76 -8.97 5.66
CA PRO A 144 -8.38 -9.23 6.06
C PRO A 144 -8.02 -10.70 5.86
N SER A 145 -7.22 -10.97 4.84
CA SER A 145 -6.90 -12.35 4.48
C SER A 145 -5.48 -12.42 3.93
N GLY A 146 -4.54 -12.83 4.77
CA GLY A 146 -3.18 -12.97 4.33
C GLY A 146 -2.18 -12.52 5.38
N THR A 147 -1.12 -11.88 4.92
CA THR A 147 -0.03 -11.49 5.79
C THR A 147 -0.15 -10.00 6.15
N THR A 148 0.21 -9.67 7.39
CA THR A 148 0.30 -8.29 7.79
C THR A 148 1.74 -7.81 7.63
N GLY A 149 2.03 -7.19 6.51
CA GLY A 149 3.39 -6.77 6.21
C GLY A 149 3.65 -5.35 6.62
N THR A 150 4.89 -5.03 6.87
CA THR A 150 5.26 -3.69 7.27
C THR A 150 6.31 -3.11 6.34
N THR A 151 5.95 -2.07 5.61
CA THR A 151 6.92 -1.36 4.81
C THR A 151 7.51 -0.26 5.67
N LYS A 152 8.82 -0.28 5.87
CA LYS A 152 9.45 0.68 6.73
C LYS A 152 10.44 1.52 5.95
N LEU A 153 10.07 2.76 5.78
CA LEU A 153 10.81 3.68 4.93
C LEU A 153 11.67 4.62 5.76
N THR A 154 12.97 4.36 5.74
CA THR A 154 13.92 5.18 6.46
C THR A 154 14.68 6.06 5.47
N VAL A 155 15.00 7.28 5.88
CA VAL A 155 15.73 8.18 5.00
C VAL A 155 17.23 8.02 5.16
N THR A 156 17.91 7.83 4.04
CA THR A 156 19.36 7.70 4.03
C THR A 156 19.95 8.56 2.93
N GLU A 14 -10.57 -23.10 -0.28
CA GLU A 14 -9.24 -22.49 -0.45
C GLU A 14 -9.20 -21.11 0.21
N GLU A 15 -8.10 -20.41 0.03
CA GLU A 15 -7.89 -19.14 0.71
C GLU A 15 -7.54 -18.04 -0.29
N CYS A 16 -8.05 -16.85 -0.01
CA CYS A 16 -7.68 -15.66 -0.77
C CYS A 16 -6.67 -14.87 0.05
N GLN A 17 -5.40 -15.15 -0.16
CA GLN A 17 -4.35 -14.59 0.67
C GLN A 17 -3.54 -13.55 -0.08
N VAL A 18 -3.55 -12.33 0.44
CA VAL A 18 -2.72 -11.28 -0.11
C VAL A 18 -1.39 -11.27 0.64
N ARG A 19 -0.32 -11.64 -0.06
CA ARG A 19 1.00 -11.72 0.56
C ARG A 19 1.72 -10.39 0.49
N VAL A 20 1.86 -9.76 1.65
CA VAL A 20 2.65 -8.55 1.78
C VAL A 20 3.70 -8.75 2.87
N GLY A 21 4.96 -8.72 2.48
CA GLY A 21 6.03 -8.90 3.45
C GLY A 21 6.59 -7.57 3.92
N ASP A 22 7.58 -7.63 4.80
CA ASP A 22 8.21 -6.41 5.29
C ASP A 22 9.51 -6.16 4.54
N LEU A 23 9.84 -4.89 4.36
CA LEU A 23 11.04 -4.49 3.64
C LEU A 23 11.43 -3.09 4.07
N THR A 24 12.73 -2.81 4.09
CA THR A 24 13.22 -1.51 4.50
C THR A 24 13.94 -0.81 3.36
N VAL A 25 13.41 0.33 2.94
CA VAL A 25 14.04 1.14 1.91
C VAL A 25 14.47 2.47 2.50
N ALA A 26 15.76 2.65 2.64
CA ALA A 26 16.30 3.85 3.24
C ALA A 26 16.40 4.99 2.22
N LYS A 27 15.39 5.85 2.19
CA LYS A 27 15.33 6.96 1.24
C LYS A 27 14.57 8.14 1.82
N THR A 28 14.47 9.20 1.04
CA THR A 28 13.71 10.38 1.42
C THR A 28 12.36 10.38 0.72
N ARG A 29 11.45 11.25 1.15
CA ARG A 29 10.14 11.38 0.51
C ARG A 29 10.26 12.34 -0.65
N GLY A 30 11.38 13.04 -0.69
CA GLY A 30 11.67 13.94 -1.78
C GLY A 30 12.21 13.19 -2.98
N GLN A 31 12.80 12.03 -2.69
CA GLN A 31 13.28 11.13 -3.73
C GLN A 31 12.11 10.65 -4.60
N LEU A 32 10.93 10.65 -4.00
CA LEU A 32 9.71 10.25 -4.68
C LEU A 32 9.37 11.26 -5.76
N THR A 33 9.29 12.51 -5.34
CA THR A 33 8.93 13.61 -6.24
C THR A 33 7.57 13.31 -6.88
N ASP A 34 6.63 12.95 -6.02
CA ASP A 34 5.28 12.57 -6.41
C ASP A 34 5.27 11.14 -6.97
N ALA A 35 5.65 10.99 -8.22
CA ALA A 35 5.55 9.69 -8.87
C ALA A 35 6.91 9.06 -9.12
N ALA A 36 7.39 8.34 -8.13
CA ALA A 36 8.57 7.48 -8.29
C ALA A 36 8.49 6.30 -7.34
N PRO A 37 8.35 5.09 -7.87
CA PRO A 37 8.28 3.87 -7.07
C PRO A 37 9.62 3.56 -6.39
N ILE A 38 9.76 4.01 -5.16
CA ILE A 38 11.00 3.85 -4.42
C ILE A 38 11.01 2.54 -3.65
N GLY A 39 9.92 2.21 -3.00
CA GLY A 39 9.85 0.96 -2.28
C GLY A 39 8.73 0.03 -2.76
N PRO A 40 8.64 -0.26 -4.08
CA PRO A 40 7.70 -1.24 -4.62
C PRO A 40 7.77 -2.59 -3.90
N VAL A 41 6.65 -3.03 -3.37
CA VAL A 41 6.60 -4.30 -2.67
C VAL A 41 5.93 -5.35 -3.54
N THR A 42 6.46 -6.57 -3.50
CA THR A 42 5.91 -7.66 -4.29
C THR A 42 4.72 -8.31 -3.56
N VAL A 43 3.55 -7.96 -4.03
CA VAL A 43 2.31 -8.50 -3.48
C VAL A 43 1.87 -9.72 -4.27
N GLN A 44 1.87 -10.87 -3.63
CA GLN A 44 1.46 -12.09 -4.28
C GLN A 44 0.02 -12.41 -3.90
N ALA A 45 -0.82 -12.61 -4.90
CA ALA A 45 -2.21 -12.94 -4.66
C ALA A 45 -2.41 -14.45 -4.72
N LEU A 46 -2.37 -15.07 -3.55
CA LEU A 46 -2.52 -16.50 -3.45
C LEU A 46 -4.00 -16.85 -3.52
N GLY A 47 -4.39 -17.54 -4.58
CA GLY A 47 -5.79 -17.82 -4.82
C GLY A 47 -6.52 -16.60 -5.33
N CYS A 48 -7.64 -16.28 -4.71
CA CYS A 48 -8.37 -15.06 -5.00
C CYS A 48 -8.91 -15.06 -6.43
N ASN A 49 -9.07 -16.25 -7.01
CA ASN A 49 -9.41 -16.39 -8.43
C ASN A 49 -10.74 -15.72 -8.78
N ALA A 50 -11.64 -15.65 -7.83
CA ALA A 50 -12.93 -14.99 -8.05
C ALA A 50 -13.09 -13.83 -7.07
N ARG A 51 -11.98 -13.28 -6.61
CA ARG A 51 -12.01 -12.28 -5.57
C ARG A 51 -11.31 -11.00 -6.01
N GLN A 52 -11.69 -9.88 -5.41
CA GLN A 52 -11.03 -8.61 -5.62
C GLN A 52 -9.95 -8.40 -4.57
N VAL A 53 -8.75 -8.10 -5.01
CA VAL A 53 -7.61 -7.98 -4.09
C VAL A 53 -7.31 -6.51 -3.80
N ALA A 54 -7.45 -6.12 -2.54
CA ALA A 54 -7.17 -4.78 -2.12
C ALA A 54 -5.98 -4.74 -1.18
N LEU A 55 -5.47 -3.55 -0.94
CA LEU A 55 -4.41 -3.37 0.04
C LEU A 55 -4.88 -2.43 1.13
N LYS A 56 -5.10 -2.96 2.32
CA LYS A 56 -5.55 -2.15 3.43
C LYS A 56 -4.42 -1.94 4.40
N ALA A 57 -4.09 -0.69 4.58
CA ALA A 57 -3.03 -0.31 5.49
C ALA A 57 -3.46 -0.53 6.92
N ASP A 58 -2.48 -0.72 7.79
CA ASP A 58 -2.76 -0.90 9.20
C ASP A 58 -3.19 0.43 9.80
N THR A 59 -3.97 0.38 10.87
CA THR A 59 -4.57 1.58 11.44
C THR A 59 -3.53 2.64 11.83
N ASP A 60 -2.28 2.20 12.00
CA ASP A 60 -1.18 3.12 12.30
C ASP A 60 -0.97 4.12 11.16
N ASN A 61 -1.13 3.65 9.93
CA ASN A 61 -0.91 4.48 8.75
C ASN A 61 -2.15 4.46 7.86
N PHE A 62 -3.28 4.10 8.46
CA PHE A 62 -4.58 4.12 7.80
C PHE A 62 -5.57 4.90 8.65
N GLU A 63 -5.91 6.10 8.19
CA GLU A 63 -6.82 6.97 8.94
C GLU A 63 -8.19 7.01 8.26
N GLN A 64 -9.18 6.35 8.86
CA GLN A 64 -10.56 6.34 8.36
C GLN A 64 -10.68 5.52 7.08
N GLY A 65 -9.89 5.90 6.09
CA GLY A 65 -9.89 5.22 4.81
C GLY A 65 -8.81 5.80 3.91
N LYS A 66 -7.71 6.21 4.51
CA LYS A 66 -6.57 6.76 3.79
C LYS A 66 -5.30 6.09 4.27
N PHE A 67 -4.42 5.69 3.38
CA PHE A 67 -3.11 5.21 3.78
C PHE A 67 -2.03 6.22 3.45
N PHE A 68 -1.09 6.36 4.37
CA PHE A 68 -0.03 7.36 4.25
C PHE A 68 1.25 6.85 4.89
N LEU A 69 2.31 7.62 4.74
CA LEU A 69 3.55 7.35 5.44
C LEU A 69 3.51 8.06 6.79
N ILE A 70 3.55 7.31 7.89
CA ILE A 70 3.49 7.92 9.22
C ILE A 70 4.86 7.89 9.89
N SER A 71 5.28 9.05 10.36
CA SER A 71 6.52 9.18 11.09
C SER A 71 6.42 8.44 12.42
N ASP A 72 7.40 7.59 12.70
CA ASP A 72 7.44 6.85 13.96
C ASP A 72 7.65 7.83 15.13
N ASN A 73 8.36 8.91 14.82
CA ASN A 73 8.57 10.01 15.76
C ASN A 73 7.26 10.72 16.06
N ASN A 74 6.26 10.44 15.23
CA ASN A 74 4.93 11.06 15.34
C ASN A 74 5.03 12.57 15.21
N ARG A 75 5.09 13.04 13.98
CA ARG A 75 5.15 14.46 13.70
C ARG A 75 4.38 14.81 12.43
N ASP A 76 4.51 13.99 11.40
CA ASP A 76 3.88 14.30 10.12
C ASP A 76 3.45 13.04 9.39
N LYS A 77 2.76 13.22 8.26
CA LYS A 77 2.24 12.12 7.48
C LYS A 77 1.94 12.56 6.05
N LEU A 78 2.19 11.69 5.08
CA LEU A 78 1.89 12.00 3.68
C LEU A 78 1.34 10.79 2.97
N TYR A 79 0.24 10.98 2.25
CA TYR A 79 -0.46 9.87 1.60
C TYR A 79 0.34 9.34 0.42
N VAL A 80 0.33 8.03 0.25
CA VAL A 80 1.04 7.40 -0.84
C VAL A 80 0.16 6.34 -1.49
N ASN A 81 0.03 6.41 -2.81
CA ASN A 81 -0.80 5.48 -3.51
C ASN A 81 0.04 4.31 -4.04
N ILE A 82 -0.22 3.14 -3.49
CA ILE A 82 0.45 1.93 -3.93
C ILE A 82 -0.15 1.46 -5.24
N ARG A 83 0.34 2.01 -6.33
CA ARG A 83 -0.16 1.70 -7.65
C ARG A 83 0.74 0.66 -8.30
N PRO A 84 0.15 -0.31 -9.02
CA PRO A 84 0.91 -1.33 -9.75
C PRO A 84 2.11 -0.74 -10.50
N MET A 85 3.23 -1.43 -10.42
CA MET A 85 4.45 -0.99 -11.08
C MET A 85 4.25 -0.98 -12.59
N ASP A 86 3.93 -2.15 -13.14
CA ASP A 86 3.70 -2.28 -14.57
C ASP A 86 2.88 -3.52 -14.89
N ASN A 87 1.60 -3.32 -15.22
CA ASN A 87 0.74 -4.40 -15.70
C ASN A 87 -0.64 -3.88 -16.13
N SER A 88 -1.57 -3.81 -15.20
CA SER A 88 -2.93 -3.38 -15.50
C SER A 88 -3.36 -2.27 -14.56
N ALA A 89 -4.61 -1.86 -14.67
CA ALA A 89 -5.13 -0.76 -13.87
C ALA A 89 -5.93 -1.26 -12.68
N TRP A 90 -5.75 -0.61 -11.54
CA TRP A 90 -6.48 -0.92 -10.32
C TRP A 90 -7.39 0.25 -9.95
N THR A 91 -8.49 -0.04 -9.29
CA THR A 91 -9.37 0.99 -8.79
C THR A 91 -8.70 1.70 -7.62
N THR A 92 -8.43 2.98 -7.79
CA THR A 92 -7.62 3.72 -6.84
C THR A 92 -8.47 4.50 -5.83
N ASP A 93 -8.32 4.14 -4.57
CA ASP A 93 -8.90 4.89 -3.46
C ASP A 93 -7.78 5.22 -2.47
N ASN A 94 -7.98 6.19 -1.60
CA ASN A 94 -6.90 6.68 -0.74
C ASN A 94 -6.50 5.65 0.30
N GLY A 95 -7.38 4.70 0.59
CA GLY A 95 -7.04 3.62 1.52
C GLY A 95 -7.57 2.30 1.04
N VAL A 96 -7.92 2.25 -0.24
CA VAL A 96 -8.44 1.05 -0.86
C VAL A 96 -7.82 0.93 -2.25
N PHE A 97 -7.19 -0.20 -2.54
CA PHE A 97 -6.55 -0.36 -3.83
C PHE A 97 -6.80 -1.77 -4.32
N TYR A 98 -7.69 -1.90 -5.28
CA TYR A 98 -8.07 -3.20 -5.78
C TYR A 98 -8.37 -3.14 -7.26
N LYS A 99 -7.98 -4.17 -7.98
CA LYS A 99 -8.26 -4.23 -9.39
C LYS A 99 -9.72 -4.58 -9.62
N ASN A 100 -10.32 -3.90 -10.59
CA ASN A 100 -11.74 -4.08 -10.90
C ASN A 100 -12.03 -5.53 -11.29
N ASP A 101 -11.02 -6.17 -11.85
CA ASP A 101 -11.11 -7.57 -12.25
C ASP A 101 -11.05 -8.48 -11.03
N VAL A 102 -11.89 -9.50 -11.00
CA VAL A 102 -11.82 -10.51 -9.96
C VAL A 102 -10.89 -11.64 -10.39
N GLY A 103 -9.98 -12.01 -9.51
CA GLY A 103 -8.97 -12.99 -9.87
C GLY A 103 -7.67 -12.72 -9.16
N SER A 104 -6.64 -13.43 -9.55
CA SER A 104 -5.33 -13.24 -8.96
C SER A 104 -4.69 -11.98 -9.54
N TRP A 105 -3.45 -11.74 -9.17
CA TRP A 105 -2.71 -10.60 -9.68
C TRP A 105 -1.23 -10.79 -9.42
N GLY A 106 -0.90 -10.99 -8.14
CA GLY A 106 0.47 -11.24 -7.68
C GLY A 106 1.58 -10.57 -8.49
N GLY A 107 2.01 -9.41 -8.02
CA GLY A 107 3.05 -8.68 -8.72
C GLY A 107 3.55 -7.52 -7.88
N THR A 108 4.28 -6.62 -8.49
CA THR A 108 4.83 -5.50 -7.77
C THR A 108 4.03 -4.22 -7.98
N ILE A 109 3.66 -3.57 -6.88
CA ILE A 109 3.13 -2.22 -6.94
C ILE A 109 4.13 -1.29 -6.29
N GLY A 110 4.06 -0.01 -6.60
CA GLY A 110 5.04 0.92 -6.07
C GLY A 110 4.42 1.97 -5.19
N ILE A 111 5.22 2.49 -4.27
CA ILE A 111 4.79 3.58 -3.42
C ILE A 111 5.14 4.91 -4.07
N TYR A 112 4.11 5.67 -4.44
CA TYR A 112 4.31 7.01 -4.97
C TYR A 112 3.66 8.01 -4.02
N VAL A 113 4.31 9.14 -3.78
CA VAL A 113 3.73 10.17 -2.93
C VAL A 113 2.62 10.90 -3.67
N ASP A 114 1.44 10.91 -3.09
CA ASP A 114 0.34 11.66 -3.69
C ASP A 114 0.51 13.14 -3.35
N GLY A 115 1.28 13.82 -4.19
CA GLY A 115 1.62 15.20 -3.90
C GLY A 115 2.91 15.31 -3.10
N GLN A 116 4.04 15.27 -3.82
CA GLN A 116 5.37 15.41 -3.22
C GLN A 116 5.41 16.46 -2.12
N GLN A 117 5.72 16.02 -0.90
CA GLN A 117 5.87 16.90 0.23
C GLN A 117 7.32 17.38 0.35
N THR A 118 8.13 16.99 -0.63
CA THR A 118 9.54 17.42 -0.71
C THR A 118 10.34 16.93 0.51
N ASN A 119 9.84 15.86 1.14
CA ASN A 119 10.51 15.22 2.27
C ASN A 119 10.53 16.12 3.50
N THR A 120 9.53 15.95 4.34
CA THR A 120 9.50 16.63 5.62
C THR A 120 10.48 15.96 6.57
N PRO A 121 11.10 16.73 7.49
CA PRO A 121 12.11 16.24 8.44
C PRO A 121 11.74 14.89 9.05
N PRO A 122 12.22 13.82 8.43
CA PRO A 122 11.80 12.47 8.73
C PRO A 122 12.72 11.72 9.68
N GLY A 123 12.50 10.42 9.72
CA GLY A 123 13.29 9.50 10.52
C GLY A 123 12.98 8.09 10.09
N ASN A 124 12.03 7.47 10.76
CA ASN A 124 11.48 6.21 10.31
C ASN A 124 10.01 6.41 9.96
N TYR A 125 9.66 6.09 8.74
CA TYR A 125 8.29 6.24 8.30
C TYR A 125 7.66 4.87 8.12
N THR A 126 6.69 4.59 8.96
CA THR A 126 6.07 3.30 9.03
C THR A 126 4.81 3.26 8.18
N LEU A 127 4.65 2.19 7.41
CA LEU A 127 3.44 1.97 6.66
C LEU A 127 3.16 0.48 6.55
N THR A 128 2.41 -0.04 7.50
CA THR A 128 2.08 -1.45 7.54
C THR A 128 0.90 -1.72 6.62
N LEU A 129 1.01 -2.79 5.85
CA LEU A 129 -0.05 -3.20 4.95
C LEU A 129 -0.55 -4.57 5.34
N THR A 130 -1.83 -4.65 5.66
CA THR A 130 -2.43 -5.91 6.04
C THR A 130 -3.04 -6.59 4.82
N GLY A 131 -2.42 -7.69 4.40
CA GLY A 131 -2.94 -8.43 3.27
C GLY A 131 -4.37 -8.85 3.49
N GLY A 132 -5.27 -8.39 2.64
CA GLY A 132 -6.66 -8.69 2.79
C GLY A 132 -7.43 -8.35 1.54
N TYR A 133 -8.44 -9.15 1.23
CA TYR A 133 -9.18 -8.94 0.00
C TYR A 133 -10.33 -7.98 0.23
N TRP A 134 -10.98 -7.61 -0.85
CA TRP A 134 -12.07 -6.66 -0.81
C TRP A 134 -13.34 -7.28 -1.40
N ALA A 135 -14.48 -6.86 -0.88
CA ALA A 135 -15.77 -7.32 -1.36
C ALA A 135 -16.65 -6.13 -1.74
N LYS A 136 -17.47 -6.33 -2.77
CA LYS A 136 -18.38 -5.31 -3.29
C LYS A 136 -17.60 -4.20 -4.00
N ASP A 137 -18.02 -2.94 -3.83
CA ASP A 137 -17.33 -1.83 -4.47
C ASP A 137 -17.64 -0.50 -3.78
N ASN A 138 -16.57 0.19 -3.37
CA ASN A 138 -16.61 1.52 -2.74
C ASN A 138 -17.31 1.56 -1.37
N LYS A 139 -18.23 0.63 -1.12
CA LYS A 139 -18.97 0.61 0.15
C LYS A 139 -18.08 0.21 1.33
N GLN A 140 -16.83 -0.10 1.00
CA GLN A 140 -15.81 -0.48 1.98
C GLN A 140 -16.04 -1.89 2.51
N GLY A 141 -16.01 -2.86 1.61
CA GLY A 141 -16.02 -4.24 2.02
C GLY A 141 -14.64 -4.84 1.95
N PHE A 142 -14.06 -5.19 3.06
CA PHE A 142 -12.75 -5.81 3.07
C PHE A 142 -12.74 -6.98 4.04
N THR A 143 -11.73 -7.84 3.90
CA THR A 143 -11.51 -8.93 4.84
C THR A 143 -10.04 -9.30 4.87
N PRO A 144 -9.34 -9.00 5.98
CA PRO A 144 -7.91 -9.27 6.12
C PRO A 144 -7.60 -10.75 6.10
N SER A 145 -6.86 -11.18 5.09
CA SER A 145 -6.48 -12.56 4.91
C SER A 145 -5.21 -12.62 4.09
N GLY A 146 -4.11 -12.96 4.74
CA GLY A 146 -2.83 -12.98 4.07
C GLY A 146 -1.70 -12.71 5.01
N THR A 147 -0.74 -11.91 4.59
CA THR A 147 0.40 -11.58 5.40
C THR A 147 0.38 -10.12 5.83
N THR A 148 0.73 -9.86 7.08
CA THR A 148 0.78 -8.50 7.58
C THR A 148 2.20 -7.96 7.46
N GLY A 149 2.44 -7.19 6.40
CA GLY A 149 3.79 -6.72 6.14
C GLY A 149 3.93 -5.23 6.32
N THR A 150 4.93 -4.83 7.07
CA THR A 150 5.20 -3.42 7.28
C THR A 150 6.26 -2.92 6.31
N THR A 151 5.88 -2.02 5.42
CA THR A 151 6.83 -1.39 4.54
C THR A 151 7.56 -0.31 5.34
N LYS A 152 8.87 -0.48 5.50
CA LYS A 152 9.64 0.40 6.35
C LYS A 152 10.41 1.38 5.52
N LEU A 153 9.98 2.63 5.57
CA LEU A 153 10.62 3.69 4.84
C LEU A 153 11.40 4.59 5.81
N THR A 154 12.68 4.30 5.94
CA THR A 154 13.54 5.04 6.84
C THR A 154 14.40 6.01 6.04
N VAL A 155 14.67 7.19 6.58
CA VAL A 155 15.50 8.16 5.87
C VAL A 155 16.98 7.85 6.08
N THR A 156 17.74 7.87 4.99
CA THR A 156 19.18 7.68 5.04
C THR A 156 19.83 8.39 3.86
N GLU A 14 -12.15 -20.94 0.73
CA GLU A 14 -11.76 -19.82 -0.15
C GLU A 14 -10.31 -19.46 0.08
N GLU A 15 -9.61 -19.16 -0.99
CA GLU A 15 -8.21 -18.77 -0.91
C GLU A 15 -8.02 -17.49 -1.69
N CYS A 16 -7.36 -16.53 -1.07
CA CYS A 16 -7.00 -15.29 -1.72
C CYS A 16 -6.00 -14.56 -0.84
N GLN A 17 -4.83 -15.16 -0.72
CA GLN A 17 -3.83 -14.68 0.21
C GLN A 17 -2.99 -13.60 -0.43
N VAL A 18 -3.14 -12.40 0.07
CA VAL A 18 -2.30 -11.30 -0.38
C VAL A 18 -0.97 -11.35 0.36
N ARG A 19 0.08 -11.68 -0.36
CA ARG A 19 1.39 -11.84 0.27
C ARG A 19 2.04 -10.49 0.46
N VAL A 20 1.80 -9.92 1.62
CA VAL A 20 2.41 -8.66 2.02
C VAL A 20 3.51 -8.93 3.04
N GLY A 21 4.61 -8.21 2.94
CA GLY A 21 5.73 -8.48 3.81
C GLY A 21 6.38 -7.22 4.33
N ASP A 22 7.24 -7.38 5.32
CA ASP A 22 7.99 -6.27 5.87
C ASP A 22 9.23 -6.03 5.04
N LEU A 23 9.45 -4.77 4.67
CA LEU A 23 10.62 -4.39 3.90
C LEU A 23 11.09 -3.00 4.32
N THR A 24 12.39 -2.84 4.44
CA THR A 24 12.96 -1.58 4.83
C THR A 24 13.56 -0.86 3.62
N VAL A 25 13.08 0.34 3.36
CA VAL A 25 13.55 1.14 2.25
C VAL A 25 14.16 2.44 2.76
N ALA A 26 15.47 2.56 2.63
CA ALA A 26 16.16 3.76 3.08
C ALA A 26 16.28 4.76 1.93
N LYS A 27 15.42 5.78 1.93
CA LYS A 27 15.44 6.78 0.87
C LYS A 27 14.66 8.02 1.31
N THR A 28 14.85 9.10 0.58
CA THR A 28 14.16 10.35 0.87
C THR A 28 12.83 10.42 0.12
N ARG A 29 11.91 11.25 0.59
CA ARG A 29 10.68 11.50 -0.16
C ARG A 29 10.97 12.46 -1.31
N GLY A 30 12.22 12.89 -1.41
CA GLY A 30 12.66 13.67 -2.55
C GLY A 30 12.85 12.78 -3.77
N GLN A 31 13.03 11.49 -3.48
CA GLN A 31 12.98 10.47 -4.51
C GLN A 31 11.57 10.38 -5.06
N LEU A 32 10.62 10.32 -4.14
CA LEU A 32 9.22 10.23 -4.50
C LEU A 32 8.72 11.56 -5.04
N THR A 33 8.77 11.72 -6.35
CA THR A 33 8.27 12.90 -7.00
C THR A 33 6.86 12.65 -7.50
N ASP A 34 5.94 12.53 -6.54
CA ASP A 34 4.57 12.11 -6.79
C ASP A 34 4.55 10.69 -7.33
N ALA A 35 4.61 10.54 -8.64
CA ALA A 35 4.61 9.23 -9.25
C ALA A 35 6.04 8.70 -9.38
N ALA A 36 6.67 8.50 -8.24
CA ALA A 36 8.00 7.92 -8.17
C ALA A 36 8.08 6.96 -7.00
N PRO A 37 8.30 5.68 -7.29
CA PRO A 37 8.36 4.63 -6.29
C PRO A 37 9.74 4.43 -5.67
N ILE A 38 9.74 3.99 -4.43
CA ILE A 38 10.98 3.65 -3.73
C ILE A 38 11.19 2.15 -3.68
N GLY A 39 10.29 1.44 -3.02
CA GLY A 39 10.44 0.02 -2.86
C GLY A 39 9.22 -0.75 -3.31
N PRO A 40 9.16 -1.15 -4.58
CA PRO A 40 8.09 -2.03 -5.09
C PRO A 40 7.98 -3.32 -4.27
N VAL A 41 6.84 -3.51 -3.65
CA VAL A 41 6.61 -4.68 -2.81
C VAL A 41 6.16 -5.84 -3.68
N THR A 42 6.76 -7.01 -3.47
CA THR A 42 6.36 -8.21 -4.19
C THR A 42 5.05 -8.75 -3.61
N VAL A 43 3.95 -8.20 -4.09
CA VAL A 43 2.63 -8.59 -3.62
C VAL A 43 2.05 -9.66 -4.53
N GLN A 44 1.86 -10.83 -4.00
CA GLN A 44 1.30 -11.93 -4.75
C GLN A 44 -0.06 -12.29 -4.20
N ALA A 45 -1.02 -12.49 -5.09
CA ALA A 45 -2.35 -12.92 -4.71
C ALA A 45 -2.50 -14.42 -4.94
N LEU A 46 -2.43 -15.18 -3.87
CA LEU A 46 -2.52 -16.63 -3.98
C LEU A 46 -3.97 -17.07 -4.07
N GLY A 47 -4.36 -17.59 -5.21
CA GLY A 47 -5.72 -18.03 -5.41
C GLY A 47 -6.61 -16.93 -5.95
N CYS A 48 -7.61 -16.57 -5.15
CA CYS A 48 -8.57 -15.51 -5.50
C CYS A 48 -9.48 -15.95 -6.65
N ASN A 49 -8.91 -16.02 -7.86
CA ASN A 49 -9.62 -16.45 -9.08
C ASN A 49 -10.72 -15.48 -9.50
N ALA A 50 -11.66 -15.20 -8.61
CA ALA A 50 -12.76 -14.30 -8.90
C ALA A 50 -12.91 -13.27 -7.79
N ARG A 51 -11.78 -12.77 -7.31
CA ARG A 51 -11.80 -11.86 -6.17
C ARG A 51 -11.05 -10.57 -6.48
N GLN A 52 -11.50 -9.49 -5.88
CA GLN A 52 -10.83 -8.21 -5.99
C GLN A 52 -9.76 -8.09 -4.92
N VAL A 53 -8.53 -7.85 -5.33
CA VAL A 53 -7.42 -7.69 -4.39
C VAL A 53 -7.27 -6.23 -4.01
N ALA A 54 -7.38 -5.94 -2.72
CA ALA A 54 -7.29 -4.58 -2.22
C ALA A 54 -6.17 -4.46 -1.23
N LEU A 55 -5.54 -3.30 -1.18
CA LEU A 55 -4.50 -3.04 -0.21
C LEU A 55 -5.04 -2.20 0.92
N LYS A 56 -5.27 -2.85 2.07
CA LYS A 56 -5.72 -2.16 3.26
C LYS A 56 -4.51 -1.85 4.13
N ALA A 57 -4.61 -0.79 4.90
CA ALA A 57 -3.54 -0.44 5.80
C ALA A 57 -3.99 -0.65 7.24
N ASP A 58 -3.03 -0.82 8.12
CA ASP A 58 -3.30 -0.98 9.53
C ASP A 58 -3.53 0.39 10.12
N THR A 59 -4.31 0.48 11.21
CA THR A 59 -4.65 1.78 11.81
C THR A 59 -3.39 2.58 12.20
N ASP A 60 -2.25 1.89 12.21
CA ASP A 60 -0.96 2.52 12.45
C ASP A 60 -0.70 3.64 11.43
N ASN A 61 -1.12 3.43 10.19
CA ASN A 61 -0.97 4.43 9.13
C ASN A 61 -2.27 4.58 8.34
N PHE A 62 -3.37 4.16 8.94
CA PHE A 62 -4.67 4.17 8.27
C PHE A 62 -5.68 4.94 9.12
N GLU A 63 -5.95 6.18 8.72
CA GLU A 63 -6.88 7.03 9.46
C GLU A 63 -8.24 7.05 8.76
N GLN A 64 -9.21 6.34 9.36
CA GLN A 64 -10.59 6.25 8.86
C GLN A 64 -10.67 5.43 7.58
N GLY A 65 -9.91 5.81 6.58
CA GLY A 65 -9.90 5.10 5.32
C GLY A 65 -8.85 5.62 4.37
N LYS A 66 -7.70 5.98 4.93
CA LYS A 66 -6.59 6.53 4.13
C LYS A 66 -5.27 6.09 4.73
N PHE A 67 -4.32 5.73 3.88
CA PHE A 67 -2.99 5.32 4.33
C PHE A 67 -1.92 6.30 3.92
N PHE A 68 -0.87 6.38 4.74
CA PHE A 68 0.17 7.38 4.58
C PHE A 68 1.47 6.94 5.25
N LEU A 69 2.50 7.78 5.13
CA LEU A 69 3.74 7.59 5.86
C LEU A 69 3.55 8.15 7.27
N ILE A 70 3.61 7.31 8.29
CA ILE A 70 3.47 7.80 9.65
C ILE A 70 4.82 7.82 10.33
N SER A 71 5.22 9.01 10.75
CA SER A 71 6.54 9.20 11.33
C SER A 71 6.60 8.67 12.75
N ASP A 72 7.78 8.19 13.12
CA ASP A 72 8.06 7.83 14.50
C ASP A 72 7.96 9.06 15.39
N ASN A 73 8.27 10.21 14.80
CA ASN A 73 8.20 11.49 15.49
C ASN A 73 6.76 12.00 15.53
N ASN A 74 5.95 11.53 14.57
CA ASN A 74 4.52 11.82 14.50
C ASN A 74 4.25 13.31 14.24
N ARG A 75 5.24 14.02 13.71
CA ARG A 75 5.06 15.43 13.36
C ARG A 75 4.75 15.58 11.88
N ASP A 76 4.83 14.48 11.15
CA ASP A 76 4.65 14.51 9.70
C ASP A 76 3.98 13.24 9.21
N LYS A 77 3.12 13.40 8.19
CA LYS A 77 2.52 12.27 7.51
C LYS A 77 2.23 12.63 6.05
N LEU A 78 2.65 11.77 5.13
CA LEU A 78 2.37 11.94 3.71
C LEU A 78 1.59 10.77 3.17
N TYR A 79 0.50 11.02 2.48
CA TYR A 79 -0.31 9.95 1.94
C TYR A 79 0.44 9.24 0.83
N VAL A 80 0.23 7.94 0.71
CA VAL A 80 0.94 7.15 -0.28
C VAL A 80 -0.02 6.53 -1.28
N ASN A 81 0.47 6.34 -2.48
CA ASN A 81 -0.27 5.62 -3.49
C ASN A 81 0.46 4.34 -3.83
N ILE A 82 -0.12 3.22 -3.44
CA ILE A 82 0.45 1.93 -3.75
C ILE A 82 -0.13 1.44 -5.04
N ARG A 83 0.67 1.46 -6.10
CA ARG A 83 0.14 1.25 -7.45
C ARG A 83 0.84 0.08 -8.12
N PRO A 84 0.09 -0.70 -8.90
CA PRO A 84 0.62 -1.83 -9.66
C PRO A 84 1.70 -1.39 -10.64
N MET A 85 2.76 -2.17 -10.74
CA MET A 85 3.87 -1.85 -11.64
C MET A 85 3.46 -1.99 -13.10
N ASP A 86 2.75 -0.97 -13.60
CA ASP A 86 2.42 -0.86 -15.03
C ASP A 86 1.69 -2.11 -15.55
N ASN A 87 0.71 -2.58 -14.80
CA ASN A 87 -0.03 -3.78 -15.22
C ASN A 87 -1.49 -3.45 -15.54
N SER A 88 -2.35 -3.51 -14.53
CA SER A 88 -3.78 -3.34 -14.74
C SER A 88 -4.28 -2.08 -14.06
N ALA A 89 -5.49 -1.67 -14.40
CA ALA A 89 -6.10 -0.48 -13.83
C ALA A 89 -6.80 -0.82 -12.52
N TRP A 90 -6.27 -0.28 -11.44
CA TRP A 90 -6.83 -0.50 -10.11
C TRP A 90 -7.58 0.74 -9.64
N THR A 91 -8.75 0.53 -9.05
CA THR A 91 -9.52 1.61 -8.46
C THR A 91 -8.75 2.20 -7.28
N THR A 92 -8.53 3.51 -7.31
CA THR A 92 -7.64 4.15 -6.38
C THR A 92 -8.36 4.97 -5.31
N ASP A 93 -8.41 4.42 -4.12
CA ASP A 93 -8.74 5.18 -2.93
C ASP A 93 -7.58 5.02 -1.97
N ASN A 94 -7.26 6.05 -1.20
CA ASN A 94 -6.10 5.98 -0.32
C ASN A 94 -6.34 5.05 0.87
N GLY A 95 -7.47 4.37 0.90
CA GLY A 95 -7.68 3.33 1.88
C GLY A 95 -8.17 2.04 1.24
N VAL A 96 -8.58 2.15 -0.01
CA VAL A 96 -9.04 1.00 -0.78
C VAL A 96 -8.37 0.98 -2.14
N PHE A 97 -7.56 -0.03 -2.40
CA PHE A 97 -6.85 -0.08 -3.66
C PHE A 97 -7.03 -1.45 -4.26
N TYR A 98 -7.98 -1.58 -5.17
CA TYR A 98 -8.35 -2.87 -5.71
C TYR A 98 -8.55 -2.81 -7.21
N LYS A 99 -8.28 -3.91 -7.87
CA LYS A 99 -8.39 -3.98 -9.31
C LYS A 99 -9.82 -4.28 -9.72
N ASN A 100 -10.24 -3.72 -10.85
CA ASN A 100 -11.57 -3.95 -11.39
C ASN A 100 -11.69 -5.39 -11.86
N ASP A 101 -10.58 -5.92 -12.35
CA ASP A 101 -10.50 -7.32 -12.73
C ASP A 101 -10.56 -8.21 -11.50
N VAL A 102 -11.26 -9.32 -11.60
CA VAL A 102 -11.37 -10.24 -10.48
C VAL A 102 -10.43 -11.43 -10.68
N GLY A 103 -9.68 -11.75 -9.64
CA GLY A 103 -8.75 -12.84 -9.71
C GLY A 103 -7.44 -12.50 -9.05
N SER A 104 -6.41 -13.28 -9.32
CA SER A 104 -5.10 -13.01 -8.77
C SER A 104 -4.37 -12.02 -9.67
N TRP A 105 -3.70 -11.08 -9.05
CA TRP A 105 -2.90 -10.14 -9.80
C TRP A 105 -1.44 -10.54 -9.67
N GLY A 106 -0.97 -10.55 -8.42
CA GLY A 106 0.40 -10.97 -8.07
C GLY A 106 1.50 -10.33 -8.91
N GLY A 107 2.30 -9.50 -8.28
CA GLY A 107 3.41 -8.87 -8.95
C GLY A 107 4.15 -7.91 -8.03
N THR A 108 4.38 -6.70 -8.49
CA THR A 108 5.04 -5.68 -7.70
C THR A 108 4.18 -4.42 -7.59
N ILE A 109 4.02 -3.94 -6.36
CA ILE A 109 3.29 -2.70 -6.12
C ILE A 109 4.26 -1.63 -5.64
N GLY A 110 4.27 -0.50 -6.31
CA GLY A 110 5.20 0.55 -5.97
C GLY A 110 4.58 1.56 -5.03
N ILE A 111 5.36 2.04 -4.07
CA ILE A 111 4.89 3.09 -3.19
C ILE A 111 5.26 4.45 -3.79
N TYR A 112 4.25 5.17 -4.20
CA TYR A 112 4.44 6.52 -4.73
C TYR A 112 3.88 7.51 -3.72
N VAL A 113 4.53 8.64 -3.55
CA VAL A 113 4.03 9.64 -2.62
C VAL A 113 2.87 10.40 -3.25
N ASP A 114 1.85 10.68 -2.46
CA ASP A 114 0.73 11.47 -2.94
C ASP A 114 1.13 12.94 -2.99
N GLY A 115 1.68 13.34 -4.12
CA GLY A 115 2.24 14.67 -4.24
C GLY A 115 3.56 14.80 -3.48
N GLN A 116 4.66 14.87 -4.23
CA GLN A 116 5.99 14.99 -3.63
C GLN A 116 6.04 16.05 -2.54
N GLN A 117 6.53 15.66 -1.38
CA GLN A 117 6.70 16.59 -0.27
C GLN A 117 8.08 17.25 -0.34
N THR A 118 8.84 16.89 -1.38
CA THR A 118 10.16 17.46 -1.62
C THR A 118 11.12 17.17 -0.45
N ASN A 119 10.80 16.10 0.30
CA ASN A 119 11.59 15.71 1.48
C ASN A 119 11.61 16.83 2.52
N THR A 120 10.69 16.76 3.46
CA THR A 120 10.69 17.69 4.58
C THR A 120 11.23 16.94 5.80
N PRO A 121 11.97 17.64 6.71
CA PRO A 121 12.67 17.06 7.85
C PRO A 121 12.10 15.72 8.33
N PRO A 122 12.62 14.62 7.77
CA PRO A 122 12.09 13.29 7.96
C PRO A 122 12.89 12.41 8.91
N GLY A 123 12.56 11.13 8.87
CA GLY A 123 13.24 10.13 9.65
C GLY A 123 12.72 8.76 9.31
N ASN A 124 12.19 8.05 10.29
CA ASN A 124 11.54 6.77 10.04
C ASN A 124 10.04 6.96 9.82
N TYR A 125 9.57 6.51 8.66
CA TYR A 125 8.15 6.54 8.35
C TYR A 125 7.62 5.13 8.19
N THR A 126 6.61 4.82 8.97
CA THR A 126 6.04 3.50 8.97
C THR A 126 4.76 3.47 8.16
N LEU A 127 4.58 2.39 7.42
CA LEU A 127 3.34 2.17 6.69
C LEU A 127 3.00 0.68 6.71
N THR A 128 2.21 0.29 7.70
CA THR A 128 1.86 -1.11 7.88
C THR A 128 0.64 -1.48 7.06
N LEU A 129 0.82 -2.38 6.12
CA LEU A 129 -0.25 -2.80 5.24
C LEU A 129 -0.84 -4.12 5.72
N THR A 130 -2.16 -4.23 5.62
CA THR A 130 -2.84 -5.45 6.00
C THR A 130 -3.34 -6.17 4.75
N GLY A 131 -2.72 -7.29 4.44
CA GLY A 131 -3.09 -8.04 3.26
C GLY A 131 -4.48 -8.63 3.39
N GLY A 132 -5.32 -8.40 2.38
CA GLY A 132 -6.66 -8.92 2.41
C GLY A 132 -7.36 -8.74 1.10
N TYR A 133 -8.49 -9.39 0.93
CA TYR A 133 -9.24 -9.28 -0.30
C TYR A 133 -10.42 -8.35 -0.10
N TRP A 134 -10.95 -7.87 -1.19
CA TRP A 134 -12.07 -6.97 -1.18
C TRP A 134 -13.26 -7.60 -1.92
N ALA A 135 -14.45 -7.19 -1.53
CA ALA A 135 -15.68 -7.62 -2.17
C ALA A 135 -16.61 -6.42 -2.40
N LYS A 136 -17.21 -6.38 -3.58
CA LYS A 136 -18.21 -5.37 -3.98
C LYS A 136 -17.53 -4.08 -4.44
N ASP A 137 -18.14 -2.92 -4.19
CA ASP A 137 -17.53 -1.67 -4.65
C ASP A 137 -17.81 -0.49 -3.71
N ASN A 138 -16.72 0.05 -3.15
CA ASN A 138 -16.71 1.30 -2.36
C ASN A 138 -17.49 1.22 -1.05
N LYS A 139 -18.40 0.26 -0.95
CA LYS A 139 -19.23 0.08 0.24
C LYS A 139 -18.41 -0.41 1.42
N GLN A 140 -17.13 -0.65 1.16
CA GLN A 140 -16.19 -1.17 2.14
C GLN A 140 -16.48 -2.64 2.42
N GLY A 141 -16.21 -3.48 1.44
CA GLY A 141 -16.21 -4.89 1.66
C GLY A 141 -14.81 -5.43 1.53
N PHE A 142 -14.12 -5.64 2.63
CA PHE A 142 -12.80 -6.25 2.57
C PHE A 142 -12.57 -7.16 3.77
N THR A 143 -11.84 -8.24 3.55
CA THR A 143 -11.52 -9.17 4.62
C THR A 143 -10.03 -9.50 4.58
N PRO A 144 -9.30 -9.13 5.65
CA PRO A 144 -7.86 -9.37 5.76
C PRO A 144 -7.52 -10.86 5.70
N SER A 145 -6.64 -11.21 4.77
CA SER A 145 -6.23 -12.59 4.57
C SER A 145 -4.83 -12.60 4.00
N GLY A 146 -3.85 -12.77 4.88
CA GLY A 146 -2.46 -12.72 4.48
C GLY A 146 -1.56 -12.45 5.67
N THR A 147 -0.93 -11.29 5.70
CA THR A 147 -0.09 -10.91 6.83
C THR A 147 -0.18 -9.41 7.09
N THR A 148 0.40 -8.97 8.18
CA THR A 148 0.54 -7.56 8.46
C THR A 148 1.95 -7.12 8.07
N GLY A 149 2.08 -6.59 6.87
CA GLY A 149 3.39 -6.24 6.35
C GLY A 149 3.71 -4.78 6.54
N THR A 150 4.68 -4.48 7.38
CA THR A 150 5.06 -3.12 7.62
C THR A 150 6.12 -2.67 6.62
N THR A 151 5.73 -1.83 5.69
CA THR A 151 6.66 -1.20 4.79
C THR A 151 7.33 -0.06 5.54
N LYS A 152 8.64 -0.12 5.66
CA LYS A 152 9.35 0.86 6.46
C LYS A 152 10.20 1.76 5.59
N LEU A 153 9.77 3.00 5.49
CA LEU A 153 10.48 4.01 4.74
C LEU A 153 11.31 4.87 5.70
N THR A 154 12.60 4.58 5.75
CA THR A 154 13.51 5.32 6.61
C THR A 154 14.40 6.21 5.75
N VAL A 155 14.30 7.51 5.94
CA VAL A 155 15.01 8.46 5.11
C VAL A 155 16.47 8.57 5.52
N THR A 156 17.33 8.04 4.68
CA THR A 156 18.78 8.13 4.90
C THR A 156 19.51 8.07 3.56
N GLU A 14 -13.82 -17.46 -2.08
CA GLU A 14 -12.50 -16.95 -2.50
C GLU A 14 -11.60 -16.72 -1.28
N GLU A 15 -10.66 -17.61 -1.08
CA GLU A 15 -9.66 -17.42 -0.03
C GLU A 15 -8.44 -16.75 -0.63
N CYS A 16 -8.37 -15.46 -0.48
CA CYS A 16 -7.31 -14.70 -1.10
C CYS A 16 -6.30 -14.27 -0.07
N GLN A 17 -5.23 -15.02 0.01
CA GLN A 17 -4.16 -14.73 0.94
C GLN A 17 -3.18 -13.75 0.31
N VAL A 18 -3.17 -12.54 0.83
CA VAL A 18 -2.29 -11.50 0.32
C VAL A 18 -1.11 -11.30 1.24
N ARG A 19 0.07 -11.66 0.76
CA ARG A 19 1.28 -11.51 1.55
C ARG A 19 1.93 -10.17 1.24
N VAL A 20 1.91 -9.27 2.19
CA VAL A 20 2.58 -8.00 2.04
C VAL A 20 4.03 -8.13 2.51
N GLY A 21 4.95 -7.98 1.58
CA GLY A 21 6.36 -8.15 1.88
C GLY A 21 6.87 -7.10 2.84
N ASP A 22 7.22 -7.54 4.04
CA ASP A 22 7.79 -6.65 5.05
C ASP A 22 9.23 -6.32 4.65
N LEU A 23 9.43 -5.09 4.19
CA LEU A 23 10.73 -4.68 3.69
C LEU A 23 11.08 -3.28 4.18
N THR A 24 12.37 -3.01 4.25
CA THR A 24 12.84 -1.71 4.68
C THR A 24 13.65 -1.05 3.57
N VAL A 25 13.24 0.14 3.18
CA VAL A 25 13.92 0.87 2.12
C VAL A 25 14.40 2.22 2.66
N ALA A 26 15.59 2.64 2.23
CA ALA A 26 16.13 3.92 2.66
C ALA A 26 16.12 4.93 1.53
N LYS A 27 15.12 5.81 1.54
CA LYS A 27 14.99 6.84 0.50
C LYS A 27 14.48 8.15 1.11
N THR A 28 14.47 9.17 0.28
CA THR A 28 13.88 10.45 0.64
C THR A 28 12.54 10.58 -0.06
N ARG A 29 11.64 11.38 0.52
CA ARG A 29 10.30 11.52 -0.04
C ARG A 29 10.27 12.61 -1.11
N GLY A 30 11.42 13.24 -1.32
CA GLY A 30 11.52 14.26 -2.34
C GLY A 30 11.83 13.68 -3.71
N GLN A 31 12.47 12.52 -3.73
CA GLN A 31 12.84 11.87 -4.98
C GLN A 31 11.64 11.14 -5.58
N LEU A 32 10.52 11.17 -4.86
CA LEU A 32 9.32 10.47 -5.29
C LEU A 32 8.61 11.21 -6.41
N THR A 33 8.81 12.52 -6.45
CA THR A 33 8.27 13.41 -7.49
C THR A 33 6.90 12.95 -8.01
N ASP A 34 5.93 12.81 -7.10
CA ASP A 34 4.54 12.44 -7.42
C ASP A 34 4.40 10.95 -7.72
N ALA A 35 5.30 10.42 -8.54
CA ALA A 35 5.23 9.02 -8.93
C ALA A 35 6.61 8.39 -9.13
N ALA A 36 7.16 7.87 -8.04
CA ALA A 36 8.39 7.09 -8.11
C ALA A 36 8.32 5.89 -7.18
N PRO A 37 8.19 4.69 -7.76
CA PRO A 37 8.13 3.44 -7.00
C PRO A 37 9.47 3.12 -6.32
N ILE A 38 9.54 3.43 -5.03
CA ILE A 38 10.75 3.18 -4.26
C ILE A 38 10.65 1.91 -3.42
N GLY A 39 9.43 1.52 -3.12
CA GLY A 39 9.23 0.30 -2.36
C GLY A 39 8.23 -0.66 -2.99
N PRO A 40 8.40 -1.00 -4.30
CA PRO A 40 7.58 -2.02 -4.96
C PRO A 40 7.60 -3.35 -4.21
N VAL A 41 6.47 -3.70 -3.60
CA VAL A 41 6.33 -4.92 -2.84
C VAL A 41 5.81 -6.05 -3.72
N THR A 42 6.37 -7.23 -3.55
CA THR A 42 5.90 -8.41 -4.27
C THR A 42 4.63 -8.97 -3.64
N VAL A 43 3.49 -8.62 -4.21
CA VAL A 43 2.22 -9.09 -3.70
C VAL A 43 1.68 -10.19 -4.59
N GLN A 44 1.60 -11.38 -4.04
CA GLN A 44 1.05 -12.52 -4.74
C GLN A 44 -0.29 -12.87 -4.12
N ALA A 45 -1.37 -12.59 -4.84
CA ALA A 45 -2.70 -12.88 -4.35
C ALA A 45 -3.03 -14.35 -4.51
N LEU A 46 -2.73 -15.11 -3.47
CA LEU A 46 -2.89 -16.56 -3.51
C LEU A 46 -4.31 -16.93 -3.13
N GLY A 47 -5.06 -17.46 -4.09
CA GLY A 47 -6.42 -17.87 -3.83
C GLY A 47 -7.44 -17.05 -4.59
N CYS A 48 -7.01 -15.90 -5.07
CA CYS A 48 -7.87 -15.07 -5.90
C CYS A 48 -8.02 -15.67 -7.29
N ASN A 49 -9.17 -16.26 -7.55
CA ASN A 49 -9.48 -16.81 -8.86
C ASN A 49 -10.49 -15.91 -9.55
N ALA A 50 -11.44 -15.43 -8.77
CA ALA A 50 -12.43 -14.47 -9.25
C ALA A 50 -12.74 -13.48 -8.14
N ARG A 51 -11.75 -12.71 -7.76
CA ARG A 51 -11.86 -11.81 -6.63
C ARG A 51 -11.05 -10.54 -6.86
N GLN A 52 -11.51 -9.44 -6.28
CA GLN A 52 -10.79 -8.17 -6.34
C GLN A 52 -9.76 -8.11 -5.22
N VAL A 53 -8.51 -7.85 -5.59
CA VAL A 53 -7.42 -7.79 -4.63
C VAL A 53 -7.25 -6.36 -4.14
N ALA A 54 -7.27 -6.15 -2.84
CA ALA A 54 -7.21 -4.82 -2.27
C ALA A 54 -6.03 -4.68 -1.34
N LEU A 55 -5.41 -3.52 -1.36
CA LEU A 55 -4.31 -3.23 -0.46
C LEU A 55 -4.81 -2.32 0.65
N LYS A 56 -4.85 -2.86 1.87
CA LYS A 56 -5.34 -2.11 3.01
C LYS A 56 -4.19 -1.75 3.94
N ALA A 57 -4.33 -0.65 4.64
CA ALA A 57 -3.35 -0.26 5.63
C ALA A 57 -3.83 -0.62 7.03
N ASP A 58 -2.92 -0.55 7.99
CA ASP A 58 -3.27 -0.76 9.37
C ASP A 58 -3.56 0.58 10.03
N THR A 59 -4.32 0.56 11.13
CA THR A 59 -4.71 1.79 11.84
C THR A 59 -3.49 2.66 12.19
N ASP A 60 -2.32 2.04 12.18
CA ASP A 60 -1.05 2.73 12.37
C ASP A 60 -0.87 3.88 11.38
N ASN A 61 -1.32 3.69 10.15
CA ASN A 61 -1.21 4.71 9.11
C ASN A 61 -2.51 4.84 8.33
N PHE A 62 -3.57 4.29 8.90
CA PHE A 62 -4.89 4.28 8.25
C PHE A 62 -5.88 5.05 9.11
N GLU A 63 -6.18 6.27 8.71
CA GLU A 63 -7.11 7.12 9.45
C GLU A 63 -8.48 7.12 8.77
N GLN A 64 -9.40 6.32 9.32
CA GLN A 64 -10.77 6.21 8.81
C GLN A 64 -10.82 5.47 7.48
N GLY A 65 -10.02 5.95 6.53
CA GLY A 65 -9.97 5.38 5.22
C GLY A 65 -8.93 6.08 4.37
N LYS A 66 -7.81 6.40 5.00
CA LYS A 66 -6.69 7.04 4.32
C LYS A 66 -5.40 6.39 4.81
N PHE A 67 -4.50 6.06 3.89
CA PHE A 67 -3.19 5.57 4.27
C PHE A 67 -2.10 6.55 3.83
N PHE A 68 -1.01 6.55 4.58
CA PHE A 68 0.07 7.51 4.37
C PHE A 68 1.38 6.96 4.91
N LEU A 69 2.44 7.73 4.71
CA LEU A 69 3.71 7.45 5.36
C LEU A 69 3.64 7.99 6.79
N ILE A 70 3.63 7.09 7.76
CA ILE A 70 3.56 7.51 9.15
C ILE A 70 4.91 7.28 9.84
N SER A 71 5.42 8.32 10.47
CA SER A 71 6.63 8.22 11.24
C SER A 71 6.37 7.40 12.50
N ASP A 72 7.39 6.75 13.01
CA ASP A 72 7.26 5.99 14.25
C ASP A 72 6.88 6.92 15.40
N ASN A 73 7.37 8.16 15.34
CA ASN A 73 7.06 9.15 16.35
C ASN A 73 5.68 9.77 16.12
N ASN A 74 5.03 9.30 15.04
CA ASN A 74 3.67 9.70 14.66
C ASN A 74 3.36 11.17 14.93
N ARG A 75 4.12 12.04 14.28
CA ARG A 75 3.86 13.47 14.35
C ARG A 75 3.76 14.05 12.94
N ASP A 76 4.16 13.25 11.97
CA ASP A 76 4.21 13.67 10.58
C ASP A 76 3.67 12.58 9.67
N LYS A 77 3.13 12.99 8.53
CA LYS A 77 2.54 12.04 7.58
C LYS A 77 2.52 12.62 6.17
N LEU A 78 2.55 11.75 5.17
CA LEU A 78 2.33 12.15 3.79
C LEU A 78 1.52 11.06 3.13
N TYR A 79 0.40 11.43 2.55
CA TYR A 79 -0.49 10.44 1.97
C TYR A 79 0.14 9.82 0.73
N VAL A 80 0.05 8.50 0.66
CA VAL A 80 0.61 7.75 -0.45
C VAL A 80 -0.44 6.82 -1.01
N ASN A 81 -0.09 6.14 -2.08
CA ASN A 81 -0.93 5.10 -2.63
C ASN A 81 -0.09 4.08 -3.37
N ILE A 82 -0.28 2.82 -3.02
CA ILE A 82 0.53 1.74 -3.54
C ILE A 82 0.07 1.35 -4.93
N ARG A 83 0.62 2.04 -5.92
CA ARG A 83 0.21 1.85 -7.31
C ARG A 83 0.99 0.70 -7.94
N PRO A 84 0.30 -0.16 -8.71
CA PRO A 84 0.96 -1.23 -9.45
C PRO A 84 2.12 -0.70 -10.30
N MET A 85 3.30 -1.28 -10.12
CA MET A 85 4.49 -0.82 -10.82
C MET A 85 4.46 -1.30 -12.27
N ASP A 86 3.74 -0.55 -13.11
CA ASP A 86 3.66 -0.80 -14.56
C ASP A 86 3.05 -2.16 -14.87
N ASN A 87 2.31 -2.72 -13.91
CA ASN A 87 1.72 -4.03 -14.08
C ASN A 87 0.33 -3.95 -14.68
N SER A 88 -0.53 -3.13 -14.09
CA SER A 88 -1.90 -3.00 -14.56
C SER A 88 -2.55 -1.79 -13.91
N ALA A 89 -3.80 -1.53 -14.26
CA ALA A 89 -4.53 -0.39 -13.72
C ALA A 89 -5.48 -0.82 -12.62
N TRP A 90 -5.32 -0.22 -11.45
CA TRP A 90 -6.14 -0.55 -10.30
C TRP A 90 -6.97 0.65 -9.88
N THR A 91 -8.02 0.41 -9.13
CA THR A 91 -8.85 1.49 -8.59
C THR A 91 -8.19 2.05 -7.34
N THR A 92 -7.76 3.31 -7.43
CA THR A 92 -6.96 3.91 -6.38
C THR A 92 -7.80 4.70 -5.39
N ASP A 93 -7.94 4.17 -4.20
CA ASP A 93 -8.53 4.89 -3.08
C ASP A 93 -7.47 5.01 -2.00
N ASN A 94 -7.66 5.92 -1.06
CA ASN A 94 -6.69 6.09 0.02
C ASN A 94 -6.96 5.11 1.15
N GLY A 95 -8.09 4.42 1.08
CA GLY A 95 -8.40 3.43 2.10
C GLY A 95 -8.10 2.03 1.61
N VAL A 96 -8.35 1.80 0.34
CA VAL A 96 -8.14 0.50 -0.26
C VAL A 96 -7.54 0.66 -1.64
N PHE A 97 -6.86 -0.36 -2.11
CA PHE A 97 -6.29 -0.31 -3.44
C PHE A 97 -6.58 -1.62 -4.13
N TYR A 98 -7.61 -1.62 -4.96
CA TYR A 98 -8.08 -2.87 -5.54
C TYR A 98 -8.30 -2.72 -7.03
N LYS A 99 -8.01 -3.79 -7.76
CA LYS A 99 -8.19 -3.79 -9.19
C LYS A 99 -9.67 -3.99 -9.54
N ASN A 100 -10.08 -3.41 -10.66
CA ASN A 100 -11.43 -3.60 -11.16
C ASN A 100 -11.57 -5.02 -11.72
N ASP A 101 -10.43 -5.60 -12.09
CA ASP A 101 -10.38 -6.97 -12.58
C ASP A 101 -10.60 -7.95 -11.43
N VAL A 102 -10.93 -9.19 -11.76
CA VAL A 102 -11.08 -10.22 -10.75
C VAL A 102 -10.14 -11.38 -11.04
N GLY A 103 -9.54 -11.92 -9.99
CA GLY A 103 -8.68 -13.07 -10.15
C GLY A 103 -7.29 -12.82 -9.62
N SER A 104 -6.32 -13.61 -10.08
CA SER A 104 -4.95 -13.46 -9.64
C SER A 104 -4.35 -12.17 -10.17
N TRP A 105 -3.21 -11.81 -9.63
CA TRP A 105 -2.52 -10.60 -10.04
C TRP A 105 -1.03 -10.78 -9.79
N GLY A 106 -0.72 -11.17 -8.56
CA GLY A 106 0.66 -11.43 -8.11
C GLY A 106 1.74 -10.65 -8.84
N GLY A 107 2.06 -9.48 -8.34
CA GLY A 107 3.07 -8.65 -8.98
C GLY A 107 3.66 -7.61 -8.03
N THR A 108 4.08 -6.48 -8.57
CA THR A 108 4.73 -5.46 -7.77
C THR A 108 3.89 -4.19 -7.63
N ILE A 109 3.65 -3.78 -6.40
CA ILE A 109 3.01 -2.50 -6.10
C ILE A 109 3.99 -1.60 -5.36
N GLY A 110 4.15 -0.37 -5.82
CA GLY A 110 5.16 0.49 -5.25
C GLY A 110 4.58 1.61 -4.43
N ILE A 111 5.39 2.19 -3.57
CA ILE A 111 4.97 3.32 -2.76
C ILE A 111 5.29 4.62 -3.48
N TYR A 112 4.24 5.34 -3.87
CA TYR A 112 4.38 6.65 -4.47
C TYR A 112 3.70 7.66 -3.54
N VAL A 113 4.41 8.71 -3.14
CA VAL A 113 3.77 9.78 -2.38
C VAL A 113 2.70 10.42 -3.25
N ASP A 114 1.48 10.48 -2.74
CA ASP A 114 0.38 11.03 -3.53
C ASP A 114 0.50 12.54 -3.56
N GLY A 115 1.25 13.02 -4.52
CA GLY A 115 1.61 14.41 -4.57
C GLY A 115 2.90 14.66 -3.84
N GLN A 116 3.95 15.02 -4.57
CA GLN A 116 5.25 15.26 -3.99
C GLN A 116 5.16 16.23 -2.82
N GLN A 117 5.46 15.70 -1.63
CA GLN A 117 5.30 16.46 -0.40
C GLN A 117 6.59 17.19 -0.03
N THR A 118 7.44 17.40 -1.04
CA THR A 118 8.63 18.25 -0.92
C THR A 118 9.73 17.61 -0.09
N ASN A 119 9.36 16.66 0.77
CA ASN A 119 10.28 16.03 1.70
C ASN A 119 10.68 17.02 2.80
N THR A 120 9.83 17.08 3.82
CA THR A 120 10.05 17.95 4.97
C THR A 120 10.53 17.07 6.14
N PRO A 121 11.37 17.62 7.06
CA PRO A 121 12.03 16.89 8.14
C PRO A 121 11.41 15.53 8.49
N PRO A 122 11.90 14.48 7.81
CA PRO A 122 11.39 13.12 7.95
C PRO A 122 11.91 12.38 9.17
N GLY A 123 12.00 11.07 9.01
CA GLY A 123 12.34 10.18 10.08
C GLY A 123 12.11 8.76 9.64
N ASN A 124 12.06 7.85 10.57
CA ASN A 124 11.81 6.46 10.22
C ASN A 124 10.31 6.26 9.99
N TYR A 125 9.91 6.20 8.73
CA TYR A 125 8.51 6.00 8.38
C TYR A 125 8.20 4.51 8.37
N THR A 126 7.18 4.14 9.12
CA THR A 126 6.82 2.75 9.26
C THR A 126 5.34 2.58 9.01
N LEU A 127 5.00 2.18 7.79
CA LEU A 127 3.61 2.05 7.39
C LEU A 127 3.22 0.59 7.34
N THR A 128 2.45 0.17 8.33
CA THR A 128 1.99 -1.19 8.45
C THR A 128 0.81 -1.44 7.49
N LEU A 129 0.97 -2.41 6.59
CA LEU A 129 -0.07 -2.74 5.64
C LEU A 129 -0.73 -4.08 6.00
N THR A 130 -2.02 -4.20 5.75
CA THR A 130 -2.75 -5.40 6.07
C THR A 130 -3.34 -6.02 4.80
N GLY A 131 -2.79 -7.15 4.38
CA GLY A 131 -3.23 -7.80 3.17
C GLY A 131 -4.60 -8.42 3.29
N GLY A 132 -5.22 -8.70 2.15
CA GLY A 132 -6.53 -9.32 2.15
C GLY A 132 -7.32 -8.94 0.92
N TYR A 133 -8.40 -9.65 0.67
CA TYR A 133 -9.21 -9.38 -0.51
C TYR A 133 -10.28 -8.34 -0.20
N TRP A 134 -11.16 -8.13 -1.16
CA TRP A 134 -12.19 -7.12 -1.07
C TRP A 134 -13.52 -7.65 -1.61
N ALA A 135 -14.62 -7.15 -1.06
CA ALA A 135 -15.95 -7.50 -1.53
C ALA A 135 -16.77 -6.24 -1.82
N LYS A 136 -17.66 -6.34 -2.82
CA LYS A 136 -18.53 -5.23 -3.23
C LYS A 136 -17.70 -4.14 -3.91
N ASP A 137 -18.05 -2.88 -3.67
CA ASP A 137 -17.28 -1.77 -4.22
C ASP A 137 -17.53 -0.48 -3.44
N ASN A 138 -16.43 0.21 -3.09
CA ASN A 138 -16.46 1.54 -2.45
C ASN A 138 -17.03 1.53 -1.03
N LYS A 139 -17.95 0.62 -0.75
CA LYS A 139 -18.54 0.49 0.57
C LYS A 139 -17.53 -0.03 1.59
N GLN A 140 -16.33 -0.32 1.09
CA GLN A 140 -15.21 -0.80 1.89
C GLN A 140 -15.49 -2.19 2.44
N GLY A 141 -15.70 -3.14 1.54
CA GLY A 141 -15.88 -4.52 1.94
C GLY A 141 -14.56 -5.24 2.00
N PHE A 142 -13.59 -4.62 2.65
CA PHE A 142 -12.24 -5.15 2.69
C PHE A 142 -12.16 -6.28 3.71
N THR A 143 -11.41 -7.32 3.38
CA THR A 143 -11.18 -8.41 4.30
C THR A 143 -9.70 -8.55 4.61
N PRO A 144 -9.33 -8.77 5.88
CA PRO A 144 -7.96 -9.09 6.27
C PRO A 144 -7.64 -10.56 6.04
N SER A 145 -6.77 -10.83 5.08
CA SER A 145 -6.42 -12.20 4.72
C SER A 145 -5.02 -12.26 4.13
N GLY A 146 -4.08 -12.81 4.88
CA GLY A 146 -2.73 -12.91 4.40
C GLY A 146 -1.72 -12.56 5.47
N THR A 147 -0.82 -11.65 5.15
CA THR A 147 0.23 -11.25 6.07
C THR A 147 0.21 -9.75 6.29
N THR A 148 0.54 -9.32 7.49
CA THR A 148 0.62 -7.90 7.79
C THR A 148 2.06 -7.44 7.58
N GLY A 149 2.31 -6.89 6.40
CA GLY A 149 3.65 -6.47 6.06
C GLY A 149 3.89 -5.03 6.40
N THR A 150 4.97 -4.76 7.10
CA THR A 150 5.29 -3.42 7.50
C THR A 150 6.26 -2.79 6.50
N THR A 151 5.77 -1.90 5.67
CA THR A 151 6.60 -1.21 4.71
C THR A 151 7.36 -0.11 5.43
N LYS A 152 8.66 -0.31 5.60
CA LYS A 152 9.45 0.62 6.36
C LYS A 152 10.27 1.51 5.44
N LEU A 153 9.88 2.76 5.39
CA LEU A 153 10.54 3.76 4.60
C LEU A 153 11.44 4.60 5.50
N THR A 154 12.70 4.25 5.54
CA THR A 154 13.65 4.93 6.40
C THR A 154 14.41 5.97 5.60
N VAL A 155 14.33 7.20 6.03
CA VAL A 155 14.98 8.28 5.34
C VAL A 155 16.49 8.25 5.59
N THR A 156 17.24 8.01 4.52
CA THR A 156 18.69 7.94 4.60
C THR A 156 19.30 8.36 3.28
N GLU A 14 -8.93 -22.23 2.79
CA GLU A 14 -8.97 -21.51 1.49
C GLU A 14 -9.32 -20.05 1.72
N GLU A 15 -8.52 -19.18 1.15
CA GLU A 15 -8.67 -17.74 1.38
C GLU A 15 -7.76 -16.97 0.42
N CYS A 16 -8.05 -15.70 0.24
CA CYS A 16 -7.21 -14.84 -0.58
C CYS A 16 -5.98 -14.39 0.19
N GLN A 17 -4.92 -15.18 0.12
CA GLN A 17 -3.68 -14.83 0.79
C GLN A 17 -2.85 -13.93 -0.10
N VAL A 18 -2.74 -12.67 0.30
CA VAL A 18 -1.92 -11.71 -0.43
C VAL A 18 -0.62 -11.48 0.33
N ARG A 19 0.49 -11.81 -0.31
CA ARG A 19 1.80 -11.69 0.32
C ARG A 19 2.33 -10.27 0.21
N VAL A 20 2.38 -9.59 1.35
CA VAL A 20 3.06 -8.32 1.45
C VAL A 20 4.15 -8.45 2.51
N GLY A 21 5.40 -8.27 2.10
CA GLY A 21 6.51 -8.49 3.01
C GLY A 21 7.06 -7.21 3.59
N ASP A 22 7.48 -7.28 4.85
CA ASP A 22 8.12 -6.15 5.54
C ASP A 22 9.41 -5.77 4.83
N LEU A 23 9.74 -4.49 4.83
CA LEU A 23 10.96 -4.03 4.18
C LEU A 23 11.43 -2.71 4.78
N THR A 24 12.69 -2.69 5.20
CA THR A 24 13.28 -1.46 5.69
C THR A 24 14.31 -0.95 4.68
N VAL A 25 14.01 0.21 4.10
CA VAL A 25 14.85 0.79 3.05
C VAL A 25 14.86 2.30 3.20
N ALA A 26 15.98 2.94 2.88
CA ALA A 26 16.13 4.37 3.07
C ALA A 26 15.76 5.18 1.83
N LYS A 27 14.84 6.13 2.00
CA LYS A 27 14.51 7.08 0.93
C LYS A 27 14.12 8.43 1.53
N THR A 28 14.03 9.43 0.68
CA THR A 28 13.44 10.71 1.05
C THR A 28 12.13 10.90 0.28
N ARG A 29 11.25 11.79 0.71
CA ARG A 29 10.04 12.05 -0.08
C ARG A 29 10.37 12.90 -1.30
N GLY A 30 11.65 13.26 -1.43
CA GLY A 30 12.11 13.93 -2.63
C GLY A 30 12.53 12.92 -3.68
N GLN A 31 12.93 11.75 -3.19
CA GLN A 31 13.17 10.58 -4.03
C GLN A 31 11.85 10.20 -4.69
N LEU A 32 10.78 10.49 -3.99
CA LEU A 32 9.44 10.38 -4.52
C LEU A 32 9.16 11.53 -5.47
N THR A 33 8.68 11.21 -6.65
CA THR A 33 8.44 12.21 -7.68
C THR A 33 7.00 12.04 -8.17
N ASP A 34 6.12 11.82 -7.20
CA ASP A 34 4.72 11.45 -7.43
C ASP A 34 4.63 9.99 -7.85
N ALA A 35 5.09 9.71 -9.05
CA ALA A 35 5.15 8.34 -9.52
C ALA A 35 6.56 7.79 -9.37
N ALA A 36 6.86 7.29 -8.18
CA ALA A 36 8.18 6.74 -7.89
C ALA A 36 8.07 5.51 -7.00
N PRO A 37 8.05 4.32 -7.61
CA PRO A 37 8.02 3.04 -6.89
C PRO A 37 9.33 2.79 -6.16
N ILE A 38 9.39 3.32 -4.95
CA ILE A 38 10.57 3.19 -4.10
C ILE A 38 10.55 1.87 -3.34
N GLY A 39 9.39 1.24 -3.28
CA GLY A 39 9.28 -0.03 -2.59
C GLY A 39 8.30 -0.98 -3.27
N PRO A 40 8.64 -1.49 -4.46
CA PRO A 40 7.83 -2.52 -5.13
C PRO A 40 7.92 -3.87 -4.43
N VAL A 41 6.84 -4.25 -3.77
CA VAL A 41 6.79 -5.50 -3.04
C VAL A 41 6.43 -6.65 -3.98
N THR A 42 7.05 -7.80 -3.76
CA THR A 42 6.74 -9.00 -4.53
C THR A 42 5.38 -9.54 -4.15
N VAL A 43 4.38 -9.19 -4.95
CA VAL A 43 3.01 -9.55 -4.65
C VAL A 43 2.68 -10.96 -5.11
N GLN A 44 1.89 -11.62 -4.30
CA GLN A 44 1.48 -12.98 -4.54
C GLN A 44 0.09 -13.16 -3.93
N ALA A 45 -0.90 -13.39 -4.79
CA ALA A 45 -2.28 -13.48 -4.34
C ALA A 45 -2.83 -14.87 -4.57
N LEU A 46 -2.95 -15.64 -3.49
CA LEU A 46 -3.49 -16.98 -3.57
C LEU A 46 -5.01 -16.92 -3.56
N GLY A 47 -5.63 -17.43 -4.61
CA GLY A 47 -7.08 -17.43 -4.69
C GLY A 47 -7.61 -16.19 -5.37
N CYS A 48 -8.75 -15.72 -4.90
CA CYS A 48 -9.40 -14.53 -5.47
C CYS A 48 -9.72 -14.72 -6.94
N ASN A 49 -10.03 -15.96 -7.31
CA ASN A 49 -10.29 -16.31 -8.71
C ASN A 49 -11.41 -15.43 -9.29
N ALA A 50 -12.32 -15.01 -8.44
CA ALA A 50 -13.35 -14.06 -8.81
C ALA A 50 -13.49 -12.98 -7.74
N ARG A 51 -12.38 -12.32 -7.42
CA ARG A 51 -12.36 -11.33 -6.36
C ARG A 51 -11.49 -10.12 -6.74
N GLN A 52 -11.85 -8.95 -6.22
CA GLN A 52 -11.10 -7.74 -6.47
C GLN A 52 -10.07 -7.54 -5.36
N VAL A 53 -8.86 -8.05 -5.58
CA VAL A 53 -7.76 -7.93 -4.63
C VAL A 53 -7.50 -6.46 -4.30
N ALA A 54 -7.35 -6.15 -3.02
CA ALA A 54 -7.16 -4.79 -2.59
C ALA A 54 -6.20 -4.71 -1.42
N LEU A 55 -5.50 -3.61 -1.32
CA LEU A 55 -4.55 -3.41 -0.23
C LEU A 55 -5.16 -2.47 0.79
N LYS A 56 -4.69 -2.56 2.02
CA LYS A 56 -5.14 -1.68 3.09
C LYS A 56 -3.95 -1.31 3.95
N ALA A 57 -4.00 -0.15 4.55
CA ALA A 57 -3.00 0.22 5.53
C ALA A 57 -3.41 -0.30 6.89
N ASP A 58 -2.44 -0.51 7.75
CA ASP A 58 -2.71 -0.99 9.09
C ASP A 58 -3.36 0.12 9.91
N THR A 59 -4.01 -0.25 11.01
CA THR A 59 -4.79 0.70 11.80
C THR A 59 -3.97 1.91 12.27
N ASP A 60 -2.65 1.76 12.34
CA ASP A 60 -1.78 2.86 12.76
C ASP A 60 -1.53 3.86 11.63
N ASN A 61 -1.82 3.42 10.40
CA ASN A 61 -1.59 4.24 9.22
C ASN A 61 -2.88 4.41 8.44
N PHE A 62 -3.97 3.96 9.04
CA PHE A 62 -5.26 3.94 8.36
C PHE A 62 -6.33 4.54 9.26
N GLU A 63 -6.81 5.72 8.90
CA GLU A 63 -7.88 6.35 9.65
C GLU A 63 -8.94 6.90 8.70
N GLN A 64 -10.18 6.47 8.91
CA GLN A 64 -11.32 6.93 8.10
C GLN A 64 -11.08 6.71 6.61
N GLY A 65 -10.47 5.58 6.28
CA GLY A 65 -10.22 5.25 4.90
C GLY A 65 -9.14 6.11 4.27
N LYS A 66 -8.13 6.45 5.04
CA LYS A 66 -6.98 7.18 4.54
C LYS A 66 -5.70 6.52 5.03
N PHE A 67 -4.74 6.34 4.13
CA PHE A 67 -3.45 5.78 4.52
C PHE A 67 -2.32 6.77 4.30
N PHE A 68 -1.38 6.78 5.24
CA PHE A 68 -0.28 7.73 5.23
C PHE A 68 0.91 7.15 5.99
N LEU A 69 2.08 7.70 5.74
CA LEU A 69 3.25 7.37 6.54
C LEU A 69 3.24 8.17 7.83
N ILE A 70 3.68 7.56 8.91
CA ILE A 70 3.71 8.25 10.19
C ILE A 70 5.12 8.30 10.74
N SER A 71 5.44 9.38 11.44
CA SER A 71 6.78 9.61 11.95
C SER A 71 6.89 9.25 13.43
N ASP A 72 8.12 9.33 13.95
CA ASP A 72 8.39 9.11 15.37
C ASP A 72 7.51 10.02 16.22
N ASN A 73 7.39 11.26 15.77
CA ASN A 73 6.69 12.29 16.53
C ASN A 73 5.19 12.26 16.26
N ASN A 74 4.80 11.52 15.22
CA ASN A 74 3.41 11.53 14.73
C ASN A 74 3.02 12.93 14.27
N ARG A 75 4.02 13.76 14.00
CA ARG A 75 3.82 15.14 13.63
C ARG A 75 3.69 15.29 12.13
N ASP A 76 4.64 14.71 11.40
CA ASP A 76 4.65 14.81 9.95
C ASP A 76 4.10 13.52 9.35
N LYS A 77 3.22 13.67 8.38
CA LYS A 77 2.61 12.54 7.72
C LYS A 77 2.40 12.85 6.24
N LEU A 78 2.35 11.82 5.42
CA LEU A 78 2.15 11.98 3.99
C LEU A 78 1.45 10.77 3.44
N TYR A 79 0.47 11.00 2.60
CA TYR A 79 -0.33 9.94 2.03
C TYR A 79 0.42 9.28 0.88
N VAL A 80 0.48 7.96 0.90
CA VAL A 80 1.20 7.21 -0.11
C VAL A 80 0.29 6.19 -0.77
N ASN A 81 0.30 6.17 -2.10
CA ASN A 81 -0.59 5.30 -2.84
C ASN A 81 0.15 4.06 -3.31
N ILE A 82 -0.33 2.90 -2.91
CA ILE A 82 0.28 1.63 -3.29
C ILE A 82 -0.21 1.22 -4.67
N ARG A 83 0.47 1.68 -5.69
CA ARG A 83 0.03 1.48 -7.06
C ARG A 83 0.79 0.32 -7.69
N PRO A 84 0.12 -0.47 -8.55
CA PRO A 84 0.76 -1.54 -9.30
C PRO A 84 2.02 -1.07 -10.03
N MET A 85 3.05 -1.92 -10.03
CA MET A 85 4.27 -1.62 -10.75
C MET A 85 4.07 -1.88 -12.24
N ASP A 86 3.33 -0.96 -12.87
CA ASP A 86 2.92 -1.08 -14.28
C ASP A 86 2.42 -2.49 -14.59
N ASN A 87 1.16 -2.76 -14.31
CA ASN A 87 0.64 -4.11 -14.42
C ASN A 87 -0.82 -4.07 -14.87
N SER A 88 -1.69 -3.56 -14.00
CA SER A 88 -3.11 -3.46 -14.30
C SER A 88 -3.68 -2.18 -13.73
N ALA A 89 -4.86 -1.79 -14.17
CA ALA A 89 -5.50 -0.58 -13.67
C ALA A 89 -6.29 -0.88 -12.41
N TRP A 90 -5.78 -0.41 -11.29
CA TRP A 90 -6.43 -0.58 -10.01
C TRP A 90 -7.12 0.72 -9.60
N THR A 91 -8.33 0.60 -9.08
CA THR A 91 -9.07 1.75 -8.59
C THR A 91 -8.41 2.29 -7.31
N THR A 92 -7.88 3.49 -7.39
CA THR A 92 -7.09 4.03 -6.30
C THR A 92 -7.93 4.86 -5.34
N ASP A 93 -8.20 4.27 -4.18
CA ASP A 93 -8.77 5.00 -3.06
C ASP A 93 -7.67 5.20 -2.02
N ASN A 94 -7.85 6.14 -1.12
CA ASN A 94 -6.83 6.38 -0.10
C ASN A 94 -7.03 5.46 1.10
N GLY A 95 -7.99 4.56 0.99
CA GLY A 95 -8.19 3.58 2.04
C GLY A 95 -7.93 2.18 1.56
N VAL A 96 -8.37 1.90 0.35
CA VAL A 96 -8.17 0.60 -0.24
C VAL A 96 -7.66 0.75 -1.65
N PHE A 97 -7.00 -0.27 -2.14
CA PHE A 97 -6.46 -0.24 -3.49
C PHE A 97 -6.82 -1.54 -4.16
N TYR A 98 -7.88 -1.53 -4.95
CA TYR A 98 -8.37 -2.74 -5.58
C TYR A 98 -8.49 -2.58 -7.07
N LYS A 99 -8.17 -3.61 -7.81
CA LYS A 99 -8.36 -3.60 -9.24
C LYS A 99 -9.84 -3.71 -9.55
N ASN A 100 -10.27 -3.03 -10.59
CA ASN A 100 -11.67 -3.10 -11.02
C ASN A 100 -11.87 -4.39 -11.83
N ASP A 101 -11.30 -5.46 -11.30
CA ASP A 101 -11.22 -6.74 -11.97
C ASP A 101 -11.24 -7.85 -10.96
N VAL A 102 -11.70 -9.03 -11.36
CA VAL A 102 -11.77 -10.16 -10.47
C VAL A 102 -10.83 -11.27 -10.94
N GLY A 103 -9.94 -11.69 -10.05
CA GLY A 103 -9.01 -12.74 -10.39
C GLY A 103 -7.70 -12.64 -9.62
N SER A 104 -6.83 -13.62 -9.80
CA SER A 104 -5.54 -13.64 -9.14
C SER A 104 -4.60 -12.64 -9.80
N TRP A 105 -4.06 -11.71 -9.01
CA TRP A 105 -3.24 -10.66 -9.57
C TRP A 105 -1.75 -10.94 -9.40
N GLY A 106 -1.35 -11.41 -8.22
CA GLY A 106 0.07 -11.59 -7.91
C GLY A 106 0.84 -10.32 -8.21
N GLY A 107 1.84 -10.40 -9.08
CA GLY A 107 2.44 -9.21 -9.63
C GLY A 107 3.32 -8.45 -8.65
N THR A 108 3.30 -7.13 -8.77
CA THR A 108 4.11 -6.26 -7.92
C THR A 108 3.43 -4.89 -7.77
N ILE A 109 3.37 -4.40 -6.54
CA ILE A 109 2.86 -3.05 -6.27
C ILE A 109 3.90 -2.26 -5.50
N GLY A 110 3.91 -0.94 -5.67
CA GLY A 110 4.90 -0.13 -5.02
C GLY A 110 4.31 1.09 -4.34
N ILE A 111 5.10 1.74 -3.52
CA ILE A 111 4.66 2.94 -2.83
C ILE A 111 4.98 4.19 -3.65
N TYR A 112 3.94 4.86 -4.12
CA TYR A 112 4.08 6.11 -4.85
C TYR A 112 3.47 7.23 -4.01
N VAL A 113 4.25 8.26 -3.72
CA VAL A 113 3.76 9.41 -2.96
C VAL A 113 2.51 10.02 -3.62
N ASP A 114 1.53 10.40 -2.82
CA ASP A 114 0.38 11.11 -3.34
C ASP A 114 0.68 12.60 -3.37
N GLY A 115 1.36 13.03 -4.43
CA GLY A 115 1.86 14.39 -4.49
C GLY A 115 3.16 14.54 -3.74
N GLN A 116 4.29 14.54 -4.47
CA GLN A 116 5.61 14.66 -3.87
C GLN A 116 5.66 15.72 -2.77
N GLN A 117 6.01 15.28 -1.55
CA GLN A 117 6.10 16.18 -0.42
C GLN A 117 7.38 17.02 -0.50
N THR A 118 8.20 16.75 -1.52
CA THR A 118 9.41 17.53 -1.80
C THR A 118 10.46 17.34 -0.69
N ASN A 119 10.37 16.21 0.01
CA ASN A 119 11.31 15.87 1.08
C ASN A 119 11.27 16.90 2.21
N THR A 120 10.18 16.87 2.95
CA THR A 120 10.07 17.61 4.19
C THR A 120 10.72 16.79 5.29
N PRO A 121 11.47 17.45 6.21
CA PRO A 121 12.24 16.82 7.29
C PRO A 121 11.72 15.45 7.73
N PRO A 122 12.29 14.39 7.16
CA PRO A 122 11.89 13.03 7.42
C PRO A 122 12.62 12.41 8.62
N GLY A 123 12.35 11.12 8.82
CA GLY A 123 12.92 10.40 9.93
C GLY A 123 12.63 8.92 9.79
N ASN A 124 11.95 8.36 10.77
CA ASN A 124 11.46 6.99 10.65
C ASN A 124 9.98 7.03 10.27
N TYR A 125 9.68 6.63 9.05
CA TYR A 125 8.31 6.62 8.61
C TYR A 125 7.79 5.19 8.51
N THR A 126 6.98 4.84 9.47
CA THR A 126 6.42 3.51 9.55
C THR A 126 5.03 3.49 8.96
N LEU A 127 4.85 2.71 7.91
CA LEU A 127 3.54 2.54 7.31
C LEU A 127 3.27 1.07 7.05
N THR A 128 2.56 0.43 7.96
CA THR A 128 2.25 -0.98 7.83
C THR A 128 1.15 -1.18 6.79
N LEU A 129 1.39 -2.05 5.83
CA LEU A 129 0.42 -2.32 4.79
C LEU A 129 -0.02 -3.77 4.86
N THR A 130 -1.32 -3.98 4.93
CA THR A 130 -1.86 -5.32 5.07
C THR A 130 -2.50 -5.78 3.76
N GLY A 131 -2.06 -6.95 3.29
CA GLY A 131 -2.65 -7.51 2.09
C GLY A 131 -3.99 -8.16 2.37
N GLY A 132 -4.81 -8.29 1.35
CA GLY A 132 -6.11 -8.90 1.52
C GLY A 132 -6.95 -8.78 0.28
N TYR A 133 -8.22 -9.11 0.40
CA TYR A 133 -9.13 -8.97 -0.71
C TYR A 133 -10.15 -7.87 -0.43
N TRP A 134 -11.03 -7.66 -1.38
CA TRP A 134 -12.06 -6.66 -1.27
C TRP A 134 -13.33 -7.16 -1.97
N ALA A 135 -14.48 -6.75 -1.46
CA ALA A 135 -15.75 -7.10 -2.06
C ALA A 135 -16.59 -5.86 -2.36
N LYS A 136 -17.32 -5.92 -3.47
CA LYS A 136 -18.20 -4.85 -3.94
C LYS A 136 -17.35 -3.64 -4.37
N ASP A 137 -17.76 -2.43 -4.00
CA ASP A 137 -17.00 -1.24 -4.37
C ASP A 137 -17.39 -0.06 -3.48
N ASN A 138 -16.37 0.70 -3.06
CA ASN A 138 -16.50 1.90 -2.21
C ASN A 138 -17.02 1.59 -0.79
N LYS A 139 -18.00 0.70 -0.69
CA LYS A 139 -18.68 0.38 0.57
C LYS A 139 -17.73 -0.21 1.61
N GLN A 140 -16.48 -0.43 1.20
CA GLN A 140 -15.45 -0.98 2.06
C GLN A 140 -15.74 -2.45 2.39
N GLY A 141 -15.66 -3.30 1.37
CA GLY A 141 -15.76 -4.71 1.59
C GLY A 141 -14.40 -5.35 1.71
N PHE A 142 -13.50 -4.65 2.38
CA PHE A 142 -12.11 -5.06 2.46
C PHE A 142 -11.93 -6.12 3.54
N THR A 143 -10.95 -6.99 3.36
CA THR A 143 -10.61 -7.98 4.38
C THR A 143 -9.11 -8.28 4.37
N PRO A 144 -8.45 -8.14 5.54
CA PRO A 144 -7.04 -8.48 5.69
C PRO A 144 -6.82 -9.99 5.67
N SER A 145 -6.13 -10.46 4.65
CA SER A 145 -5.93 -11.89 4.47
C SER A 145 -4.61 -12.17 3.73
N GLY A 146 -3.78 -13.02 4.32
CA GLY A 146 -2.51 -13.35 3.72
C GLY A 146 -1.34 -12.94 4.58
N THR A 147 -0.57 -11.98 4.10
CA THR A 147 0.59 -11.51 4.84
C THR A 147 0.58 -9.98 4.93
N THR A 148 0.87 -9.46 6.12
CA THR A 148 0.95 -8.02 6.31
C THR A 148 2.41 -7.59 6.30
N GLY A 149 2.69 -6.45 5.68
CA GLY A 149 4.06 -6.00 5.54
C GLY A 149 4.24 -4.57 5.97
N THR A 150 5.08 -4.37 6.96
CA THR A 150 5.37 -3.03 7.45
C THR A 150 6.34 -2.34 6.50
N THR A 151 5.83 -1.42 5.71
CA THR A 151 6.68 -0.67 4.81
C THR A 151 7.38 0.42 5.62
N LYS A 152 8.67 0.25 5.82
CA LYS A 152 9.45 1.18 6.61
C LYS A 152 10.20 2.14 5.70
N LEU A 153 9.79 3.39 5.76
CA LEU A 153 10.42 4.44 5.03
C LEU A 153 11.32 5.24 5.98
N THR A 154 12.58 4.87 6.00
CA THR A 154 13.55 5.57 6.83
C THR A 154 14.44 6.43 5.94
N VAL A 155 14.84 7.59 6.43
CA VAL A 155 15.77 8.42 5.68
C VAL A 155 17.21 8.16 6.12
N THR A 156 18.10 8.04 5.17
CA THR A 156 19.51 7.82 5.45
C THR A 156 20.36 8.60 4.48
N GLU A 14 -6.27 -21.67 0.21
CA GLU A 14 -7.63 -21.57 0.80
C GLU A 14 -8.47 -20.54 0.05
N GLU A 15 -8.26 -19.28 0.39
CA GLU A 15 -9.00 -18.18 -0.20
C GLU A 15 -8.05 -17.30 -0.99
N CYS A 16 -8.50 -16.10 -1.37
CA CYS A 16 -7.62 -15.11 -1.99
C CYS A 16 -6.60 -14.62 -0.96
N GLN A 17 -5.51 -15.34 -0.86
CA GLN A 17 -4.49 -15.06 0.13
C GLN A 17 -3.40 -14.18 -0.46
N VAL A 18 -3.21 -13.03 0.14
CA VAL A 18 -2.24 -12.07 -0.38
C VAL A 18 -0.95 -12.12 0.43
N ARG A 19 0.12 -12.53 -0.23
CA ARG A 19 1.42 -12.56 0.39
C ARG A 19 2.03 -11.16 0.41
N VAL A 20 2.09 -10.57 1.60
CA VAL A 20 2.65 -9.24 1.76
C VAL A 20 3.91 -9.33 2.62
N GLY A 21 5.02 -8.85 2.07
CA GLY A 21 6.27 -8.90 2.80
C GLY A 21 6.56 -7.60 3.52
N ASP A 22 7.57 -7.63 4.37
CA ASP A 22 7.97 -6.43 5.12
C ASP A 22 9.13 -5.75 4.42
N LEU A 23 8.95 -4.49 4.10
CA LEU A 23 9.96 -3.74 3.37
C LEU A 23 10.66 -2.74 4.27
N THR A 24 11.97 -2.86 4.39
CA THR A 24 12.77 -1.86 5.05
C THR A 24 13.68 -1.20 4.01
N VAL A 25 13.44 0.08 3.75
CA VAL A 25 14.19 0.81 2.73
C VAL A 25 14.43 2.23 3.18
N ALA A 26 15.56 2.79 2.77
CA ALA A 26 15.91 4.15 3.16
C ALA A 26 15.89 5.09 1.96
N LYS A 27 15.29 6.27 2.16
CA LYS A 27 15.24 7.30 1.13
C LYS A 27 14.48 8.49 1.64
N THR A 28 14.63 9.62 0.97
CA THR A 28 13.87 10.81 1.29
C THR A 28 12.52 10.77 0.60
N ARG A 29 11.58 11.57 1.08
CA ARG A 29 10.28 11.70 0.42
C ARG A 29 10.41 12.65 -0.77
N GLY A 30 11.63 13.16 -0.94
CA GLY A 30 11.92 14.02 -2.07
C GLY A 30 12.55 13.22 -3.19
N GLN A 31 13.05 12.03 -2.86
CA GLN A 31 13.54 11.09 -3.85
C GLN A 31 12.34 10.51 -4.59
N LEU A 32 11.19 10.57 -3.93
CA LEU A 32 9.93 10.20 -4.52
C LEU A 32 9.34 11.41 -5.23
N THR A 33 9.19 11.32 -6.54
CA THR A 33 8.73 12.44 -7.34
C THR A 33 7.34 12.18 -7.88
N ASP A 34 6.34 12.33 -7.01
CA ASP A 34 4.94 12.03 -7.31
C ASP A 34 4.77 10.56 -7.67
N ALA A 35 5.03 10.23 -8.92
CA ALA A 35 4.90 8.87 -9.39
C ALA A 35 6.28 8.25 -9.62
N ALA A 36 6.83 7.72 -8.53
CA ALA A 36 8.10 7.02 -8.58
C ALA A 36 8.09 5.91 -7.54
N PRO A 37 7.59 4.72 -7.92
CA PRO A 37 7.50 3.59 -7.00
C PRO A 37 8.86 3.00 -6.64
N ILE A 38 9.39 3.45 -5.51
CA ILE A 38 10.70 2.99 -5.05
C ILE A 38 10.54 2.16 -3.79
N GLY A 39 9.34 1.61 -3.63
CA GLY A 39 9.13 0.61 -2.62
C GLY A 39 8.20 -0.49 -3.11
N PRO A 40 8.51 -1.11 -4.28
CA PRO A 40 7.70 -2.21 -4.82
C PRO A 40 7.53 -3.37 -3.85
N VAL A 41 6.29 -3.58 -3.43
CA VAL A 41 5.94 -4.71 -2.58
C VAL A 41 5.61 -5.91 -3.44
N THR A 42 6.22 -7.05 -3.14
CA THR A 42 5.96 -8.27 -3.89
C THR A 42 4.62 -8.88 -3.46
N VAL A 43 3.56 -8.44 -4.13
CA VAL A 43 2.21 -8.86 -3.78
C VAL A 43 1.82 -10.10 -4.57
N GLN A 44 1.61 -11.19 -3.87
CA GLN A 44 1.21 -12.43 -4.51
C GLN A 44 -0.20 -12.81 -4.06
N ALA A 45 -1.13 -12.77 -5.00
CA ALA A 45 -2.52 -13.07 -4.72
C ALA A 45 -2.82 -14.52 -5.06
N LEU A 46 -2.86 -15.36 -4.03
CA LEU A 46 -3.02 -16.79 -4.22
C LEU A 46 -4.48 -17.20 -4.07
N GLY A 47 -5.01 -17.89 -5.06
CA GLY A 47 -6.32 -18.50 -4.95
C GLY A 47 -7.48 -17.52 -4.98
N CYS A 48 -7.30 -16.39 -5.63
CA CYS A 48 -8.37 -15.41 -5.75
C CYS A 48 -9.32 -15.82 -6.87
N ASN A 49 -8.83 -15.78 -8.11
CA ASN A 49 -9.54 -16.29 -9.30
C ASN A 49 -10.78 -15.47 -9.69
N ALA A 50 -11.62 -15.13 -8.72
CA ALA A 50 -12.87 -14.41 -9.01
C ALA A 50 -13.13 -13.30 -7.99
N ARG A 51 -12.06 -12.75 -7.42
CA ARG A 51 -12.20 -11.71 -6.40
C ARG A 51 -11.25 -10.55 -6.70
N GLN A 52 -11.53 -9.39 -6.11
CA GLN A 52 -10.61 -8.26 -6.18
C GLN A 52 -9.66 -8.29 -5.00
N VAL A 53 -8.42 -7.95 -5.25
CA VAL A 53 -7.42 -7.83 -4.21
C VAL A 53 -7.35 -6.39 -3.73
N ALA A 54 -7.29 -6.18 -2.42
CA ALA A 54 -7.32 -4.85 -1.86
C ALA A 54 -6.16 -4.63 -0.92
N LEU A 55 -5.52 -3.49 -1.05
CA LEU A 55 -4.42 -3.13 -0.19
C LEU A 55 -4.90 -2.12 0.83
N LYS A 56 -5.07 -2.56 2.06
CA LYS A 56 -5.53 -1.68 3.12
C LYS A 56 -4.38 -1.43 4.06
N ALA A 57 -4.07 -0.17 4.28
CA ALA A 57 -3.00 0.17 5.19
C ALA A 57 -3.43 -0.08 6.63
N ASP A 58 -2.46 -0.26 7.50
CA ASP A 58 -2.73 -0.52 8.90
C ASP A 58 -3.25 0.75 9.57
N THR A 59 -4.12 0.58 10.56
CA THR A 59 -4.84 1.71 11.16
C THR A 59 -3.90 2.72 11.84
N ASP A 60 -2.62 2.42 11.91
CA ASP A 60 -1.66 3.35 12.47
C ASP A 60 -1.31 4.43 11.43
N ASN A 61 -1.39 4.06 10.16
CA ASN A 61 -1.10 4.97 9.05
C ASN A 61 -2.30 5.02 8.11
N PHE A 62 -3.46 4.62 8.64
CA PHE A 62 -4.69 4.51 7.86
C PHE A 62 -5.86 5.06 8.68
N GLU A 63 -6.35 6.22 8.29
CA GLU A 63 -7.44 6.87 9.02
C GLU A 63 -8.76 6.70 8.27
N GLN A 64 -9.53 5.69 8.70
CA GLN A 64 -10.85 5.39 8.13
C GLN A 64 -10.74 4.86 6.70
N GLY A 65 -10.04 5.59 5.85
CA GLY A 65 -9.89 5.21 4.47
C GLY A 65 -8.94 6.13 3.73
N LYS A 66 -7.90 6.55 4.43
CA LYS A 66 -6.81 7.32 3.82
C LYS A 66 -5.51 6.80 4.41
N PHE A 67 -4.51 6.54 3.57
CA PHE A 67 -3.24 6.06 4.07
C PHE A 67 -2.10 7.02 3.76
N PHE A 68 -1.15 7.06 4.67
CA PHE A 68 0.01 7.92 4.57
C PHE A 68 1.19 7.28 5.26
N LEU A 69 2.32 7.97 5.25
CA LEU A 69 3.45 7.55 6.06
C LEU A 69 3.32 8.22 7.42
N ILE A 70 3.27 7.44 8.48
CA ILE A 70 3.20 8.00 9.82
C ILE A 70 4.54 7.81 10.50
N SER A 71 5.19 8.91 10.82
CA SER A 71 6.50 8.85 11.42
C SER A 71 6.40 8.38 12.86
N ASP A 72 7.43 7.66 13.31
CA ASP A 72 7.53 7.25 14.71
C ASP A 72 7.75 8.47 15.59
N ASN A 73 7.98 9.61 14.94
CA ASN A 73 8.12 10.90 15.61
C ASN A 73 6.78 11.63 15.63
N ASN A 74 5.78 11.01 14.97
CA ASN A 74 4.40 11.52 14.87
C ASN A 74 4.31 13.01 14.55
N ARG A 75 5.31 13.54 13.86
CA ARG A 75 5.33 14.95 13.51
C ARG A 75 4.57 15.21 12.22
N ASP A 76 4.94 14.50 11.17
CA ASP A 76 4.37 14.73 9.85
C ASP A 76 3.81 13.43 9.28
N LYS A 77 2.91 13.57 8.31
CA LYS A 77 2.33 12.43 7.62
C LYS A 77 2.07 12.79 6.15
N LEU A 78 2.47 11.92 5.25
CA LEU A 78 2.37 12.20 3.81
C LEU A 78 1.66 11.06 3.12
N TYR A 79 0.71 11.38 2.27
CA TYR A 79 -0.06 10.35 1.58
C TYR A 79 0.77 9.72 0.48
N VAL A 80 0.66 8.40 0.37
CA VAL A 80 1.34 7.66 -0.68
C VAL A 80 0.35 6.98 -1.58
N ASN A 81 0.83 6.50 -2.70
CA ASN A 81 0.01 5.70 -3.59
C ASN A 81 0.68 4.34 -3.78
N ILE A 82 0.05 3.31 -3.22
CA ILE A 82 0.48 1.95 -3.48
C ILE A 82 -0.22 1.42 -4.70
N ARG A 83 0.33 1.72 -5.85
CA ARG A 83 -0.31 1.40 -7.10
C ARG A 83 0.55 0.41 -7.86
N PRO A 84 -0.08 -0.62 -8.44
CA PRO A 84 0.63 -1.62 -9.24
C PRO A 84 1.65 -1.00 -10.18
N MET A 85 2.90 -1.40 -10.03
CA MET A 85 3.99 -0.81 -10.79
C MET A 85 3.87 -1.18 -12.27
N ASP A 86 3.12 -0.36 -12.99
CA ASP A 86 2.89 -0.56 -14.42
C ASP A 86 2.44 -1.99 -14.72
N ASN A 87 1.25 -2.34 -14.23
CA ASN A 87 0.73 -3.69 -14.40
C ASN A 87 -0.75 -3.68 -14.70
N SER A 88 -1.53 -3.02 -13.85
CA SER A 88 -2.98 -2.98 -14.01
C SER A 88 -3.55 -1.68 -13.48
N ALA A 89 -4.76 -1.35 -13.88
CA ALA A 89 -5.43 -0.14 -13.43
C ALA A 89 -6.43 -0.49 -12.34
N TRP A 90 -5.94 -0.53 -11.11
CA TRP A 90 -6.79 -0.84 -9.96
C TRP A 90 -7.62 0.38 -9.57
N THR A 91 -8.72 0.15 -8.87
CA THR A 91 -9.53 1.22 -8.33
C THR A 91 -8.77 1.91 -7.21
N THR A 92 -8.45 3.18 -7.42
CA THR A 92 -7.55 3.88 -6.52
C THR A 92 -8.30 4.72 -5.50
N ASP A 93 -8.47 4.15 -4.32
CA ASP A 93 -8.93 4.90 -3.16
C ASP A 93 -7.74 5.29 -2.32
N ASN A 94 -7.88 6.29 -1.47
CA ASN A 94 -6.76 6.72 -0.66
C ASN A 94 -6.57 5.79 0.53
N GLY A 95 -7.50 4.88 0.72
CA GLY A 95 -7.41 3.97 1.85
C GLY A 95 -7.31 2.52 1.42
N VAL A 96 -8.01 2.17 0.36
CA VAL A 96 -8.01 0.80 -0.12
C VAL A 96 -7.60 0.79 -1.57
N PHE A 97 -7.00 -0.29 -2.02
CA PHE A 97 -6.55 -0.36 -3.40
C PHE A 97 -6.94 -1.70 -3.95
N TYR A 98 -7.99 -1.70 -4.75
CA TYR A 98 -8.54 -2.95 -5.24
C TYR A 98 -8.86 -2.86 -6.71
N LYS A 99 -8.59 -3.92 -7.42
CA LYS A 99 -8.81 -3.96 -8.85
C LYS A 99 -10.26 -4.28 -9.17
N ASN A 100 -10.78 -3.61 -10.18
CA ASN A 100 -12.13 -3.86 -10.67
C ASN A 100 -12.16 -5.26 -11.29
N ASP A 101 -11.03 -5.61 -11.90
CA ASP A 101 -10.81 -6.95 -12.44
C ASP A 101 -10.95 -8.01 -11.35
N VAL A 102 -11.82 -8.98 -11.55
CA VAL A 102 -11.92 -10.08 -10.61
C VAL A 102 -10.95 -11.19 -11.02
N GLY A 103 -10.18 -11.67 -10.06
CA GLY A 103 -9.20 -12.70 -10.35
C GLY A 103 -7.96 -12.57 -9.50
N SER A 104 -6.90 -13.24 -9.88
CA SER A 104 -5.63 -13.13 -9.18
C SER A 104 -4.89 -11.89 -9.67
N TRP A 105 -3.65 -11.72 -9.25
CA TRP A 105 -2.83 -10.63 -9.72
C TRP A 105 -1.36 -10.99 -9.61
N GLY A 106 -0.93 -11.27 -8.39
CA GLY A 106 0.45 -11.68 -8.11
C GLY A 106 1.52 -10.95 -8.92
N GLY A 107 1.98 -9.82 -8.39
CA GLY A 107 2.99 -9.05 -9.07
C GLY A 107 3.66 -8.06 -8.13
N THR A 108 3.92 -6.87 -8.62
CA THR A 108 4.57 -5.85 -7.80
C THR A 108 3.85 -4.51 -7.87
N ILE A 109 3.48 -4.00 -6.70
CA ILE A 109 2.93 -2.66 -6.59
C ILE A 109 4.04 -1.74 -6.12
N GLY A 110 3.87 -0.44 -6.29
CA GLY A 110 4.92 0.47 -5.89
C GLY A 110 4.44 1.59 -5.00
N ILE A 111 5.31 2.03 -4.09
CA ILE A 111 5.00 3.14 -3.19
C ILE A 111 5.66 4.42 -3.68
N TYR A 112 4.83 5.42 -3.94
CA TYR A 112 5.32 6.74 -4.26
C TYR A 112 4.48 7.80 -3.57
N VAL A 113 5.08 8.95 -3.35
CA VAL A 113 4.48 10.00 -2.54
C VAL A 113 3.53 10.85 -3.37
N ASP A 114 2.37 11.14 -2.81
CA ASP A 114 1.34 11.89 -3.50
C ASP A 114 1.79 13.33 -3.77
N GLY A 115 2.19 13.59 -5.01
CA GLY A 115 2.54 14.93 -5.43
C GLY A 115 3.83 15.45 -4.83
N GLN A 116 4.80 14.55 -4.64
CA GLN A 116 6.11 14.87 -4.05
C GLN A 116 6.03 15.89 -2.90
N GLN A 117 6.02 15.36 -1.68
CA GLN A 117 5.77 16.17 -0.48
C GLN A 117 7.01 16.92 -0.03
N THR A 118 7.99 17.04 -0.94
CA THR A 118 9.15 17.91 -0.78
C THR A 118 10.19 17.33 0.19
N ASN A 119 9.72 16.55 1.16
CA ASN A 119 10.56 15.91 2.15
C ASN A 119 10.97 16.90 3.24
N THR A 120 10.09 17.05 4.21
CA THR A 120 10.33 17.89 5.37
C THR A 120 10.92 17.05 6.51
N PRO A 121 11.95 17.57 7.23
CA PRO A 121 12.73 16.87 8.27
C PRO A 121 12.05 15.65 8.88
N PRO A 122 12.34 14.47 8.30
CA PRO A 122 11.79 13.19 8.73
C PRO A 122 12.70 12.39 9.66
N GLY A 123 12.48 11.08 9.65
CA GLY A 123 13.26 10.15 10.42
C GLY A 123 12.88 8.73 10.05
N ASN A 124 12.13 8.08 10.93
CA ASN A 124 11.53 6.79 10.59
C ASN A 124 10.06 6.99 10.29
N TYR A 125 9.61 6.45 9.17
CA TYR A 125 8.22 6.54 8.77
C TYR A 125 7.61 5.14 8.66
N THR A 126 6.57 4.92 9.44
CA THR A 126 5.91 3.63 9.49
C THR A 126 4.67 3.62 8.59
N LEU A 127 4.53 2.55 7.83
CA LEU A 127 3.35 2.35 7.01
C LEU A 127 3.13 0.86 6.78
N THR A 128 2.31 0.26 7.62
CA THR A 128 2.02 -1.16 7.53
C THR A 128 0.92 -1.41 6.51
N LEU A 129 1.05 -2.46 5.73
CA LEU A 129 0.08 -2.80 4.71
C LEU A 129 -0.55 -4.15 4.99
N THR A 130 -1.86 -4.17 5.16
CA THR A 130 -2.59 -5.40 5.42
C THR A 130 -3.22 -5.91 4.13
N GLY A 131 -2.86 -7.13 3.75
CA GLY A 131 -3.36 -7.71 2.52
C GLY A 131 -4.76 -8.27 2.68
N GLY A 132 -5.12 -9.16 1.78
CA GLY A 132 -6.42 -9.79 1.84
C GLY A 132 -7.31 -9.31 0.71
N TYR A 133 -8.41 -10.01 0.49
CA TYR A 133 -9.28 -9.64 -0.61
C TYR A 133 -10.33 -8.64 -0.16
N TRP A 134 -11.12 -8.22 -1.12
CA TRP A 134 -12.10 -7.17 -0.91
C TRP A 134 -13.48 -7.64 -1.42
N ALA A 135 -14.53 -7.10 -0.82
CA ALA A 135 -15.89 -7.41 -1.21
C ALA A 135 -16.70 -6.11 -1.38
N LYS A 136 -17.68 -6.14 -2.28
CA LYS A 136 -18.50 -4.96 -2.61
C LYS A 136 -17.64 -3.86 -3.24
N ASP A 137 -17.99 -2.60 -2.99
CA ASP A 137 -17.20 -1.48 -3.48
C ASP A 137 -17.32 -0.28 -2.54
N ASN A 138 -16.17 0.34 -2.28
CA ASN A 138 -15.99 1.57 -1.48
C ASN A 138 -16.62 1.54 -0.07
N LYS A 139 -17.40 0.52 0.26
CA LYS A 139 -17.98 0.39 1.60
C LYS A 139 -16.95 -0.19 2.55
N GLN A 140 -15.79 -0.50 1.99
CA GLN A 140 -14.67 -1.08 2.71
C GLN A 140 -14.98 -2.51 3.15
N GLY A 141 -15.37 -3.33 2.18
CA GLY A 141 -15.49 -4.73 2.43
C GLY A 141 -14.19 -5.42 2.15
N PHE A 142 -13.52 -5.88 3.18
CA PHE A 142 -12.24 -6.53 3.00
C PHE A 142 -12.05 -7.56 4.09
N THR A 143 -11.00 -8.36 3.97
CA THR A 143 -10.63 -9.29 5.03
C THR A 143 -9.12 -9.51 5.01
N PRO A 144 -8.51 -9.70 6.19
CA PRO A 144 -7.09 -10.07 6.30
C PRO A 144 -6.84 -11.48 5.80
N SER A 145 -6.23 -11.58 4.63
CA SER A 145 -5.92 -12.86 4.02
C SER A 145 -4.47 -12.89 3.56
N GLY A 146 -3.70 -13.84 4.06
CA GLY A 146 -2.29 -13.89 3.75
C GLY A 146 -1.45 -13.39 4.90
N THR A 147 -0.83 -12.23 4.70
CA THR A 147 -0.02 -11.61 5.75
C THR A 147 -0.16 -10.09 5.70
N THR A 148 0.48 -9.42 6.65
CA THR A 148 0.56 -7.98 6.65
C THR A 148 2.02 -7.55 6.77
N GLY A 149 2.46 -6.67 5.90
CA GLY A 149 3.85 -6.26 5.87
C GLY A 149 4.04 -4.85 6.35
N THR A 150 5.07 -4.62 7.14
CA THR A 150 5.34 -3.31 7.68
C THR A 150 6.44 -2.64 6.85
N THR A 151 6.04 -1.71 6.00
CA THR A 151 6.99 -0.96 5.22
C THR A 151 7.57 0.17 6.06
N LYS A 152 8.85 0.08 6.37
CA LYS A 152 9.50 1.12 7.14
C LYS A 152 10.28 2.02 6.22
N LEU A 153 9.77 3.22 6.07
CA LEU A 153 10.39 4.22 5.24
C LEU A 153 11.33 5.07 6.10
N THR A 154 12.60 4.71 6.09
CA THR A 154 13.59 5.44 6.86
C THR A 154 14.25 6.49 5.97
N VAL A 155 14.24 7.73 6.43
CA VAL A 155 14.77 8.82 5.64
C VAL A 155 16.12 9.30 6.17
N THR A 156 17.17 8.95 5.48
CA THR A 156 18.49 9.45 5.79
C THR A 156 19.05 10.22 4.60
N GLU A 14 -11.25 -21.49 -3.19
CA GLU A 14 -11.57 -21.47 -1.74
C GLU A 14 -11.00 -20.22 -1.07
N GLU A 15 -9.79 -19.82 -1.47
CA GLU A 15 -9.15 -18.65 -0.88
C GLU A 15 -8.03 -18.14 -1.77
N CYS A 16 -8.15 -16.89 -2.17
CA CYS A 16 -7.05 -16.18 -2.80
C CYS A 16 -6.26 -15.43 -1.74
N GLN A 17 -5.12 -15.98 -1.37
CA GLN A 17 -4.32 -15.41 -0.30
C GLN A 17 -3.23 -14.51 -0.86
N VAL A 18 -2.97 -13.40 -0.17
CA VAL A 18 -1.94 -12.46 -0.57
C VAL A 18 -0.86 -12.36 0.51
N ARG A 19 0.35 -12.75 0.15
CA ARG A 19 1.46 -12.73 1.10
C ARG A 19 2.16 -11.39 1.07
N VAL A 20 1.94 -10.59 2.11
CA VAL A 20 2.60 -9.31 2.25
C VAL A 20 3.55 -9.34 3.45
N GLY A 21 4.84 -9.20 3.17
CA GLY A 21 5.81 -9.21 4.24
C GLY A 21 6.34 -7.82 4.54
N ASP A 22 7.26 -7.71 5.48
CA ASP A 22 7.84 -6.42 5.83
C ASP A 22 9.08 -6.16 4.97
N LEU A 23 9.30 -4.90 4.64
CA LEU A 23 10.45 -4.50 3.86
C LEU A 23 11.01 -3.19 4.40
N THR A 24 12.33 -3.07 4.39
CA THR A 24 12.98 -1.91 4.96
C THR A 24 13.75 -1.15 3.89
N VAL A 25 13.35 0.09 3.63
CA VAL A 25 13.98 0.92 2.63
C VAL A 25 14.47 2.23 3.23
N ALA A 26 15.64 2.68 2.80
CA ALA A 26 16.19 3.93 3.28
C ALA A 26 16.33 4.91 2.13
N LYS A 27 15.54 5.97 2.17
CA LYS A 27 15.55 6.98 1.11
C LYS A 27 14.86 8.26 1.58
N THR A 28 14.81 9.24 0.70
CA THR A 28 14.17 10.51 0.98
C THR A 28 12.81 10.59 0.28
N ARG A 29 11.90 11.45 0.74
CA ARG A 29 10.55 11.50 0.17
C ARG A 29 10.53 12.30 -1.13
N GLY A 30 11.64 12.97 -1.42
CA GLY A 30 11.79 13.63 -2.70
C GLY A 30 12.01 12.64 -3.82
N GLN A 31 12.36 11.41 -3.42
CA GLN A 31 12.54 10.30 -4.35
C GLN A 31 11.23 9.94 -5.03
N LEU A 32 10.14 10.11 -4.30
CA LEU A 32 8.83 9.56 -4.70
C LEU A 32 8.04 10.55 -5.54
N THR A 33 8.73 11.54 -6.12
CA THR A 33 8.10 12.66 -6.83
C THR A 33 6.85 12.27 -7.62
N ASP A 34 5.69 12.45 -6.96
CA ASP A 34 4.36 12.17 -7.52
C ASP A 34 4.12 10.68 -7.72
N ALA A 35 5.03 10.02 -8.42
CA ALA A 35 4.94 8.58 -8.60
C ALA A 35 6.31 7.98 -8.94
N ALA A 36 7.13 7.82 -7.92
CA ALA A 36 8.40 7.12 -8.04
C ALA A 36 8.60 6.24 -6.81
N PRO A 37 8.68 4.92 -7.00
CA PRO A 37 8.66 3.96 -5.90
C PRO A 37 10.00 3.79 -5.18
N ILE A 38 9.94 3.83 -3.86
CA ILE A 38 11.08 3.46 -3.03
C ILE A 38 11.22 1.95 -2.97
N GLY A 39 10.16 1.30 -2.53
CA GLY A 39 10.14 -0.13 -2.41
C GLY A 39 8.83 -0.73 -2.88
N PRO A 40 8.77 -1.23 -4.11
CA PRO A 40 7.57 -1.88 -4.63
C PRO A 40 7.31 -3.21 -3.92
N VAL A 41 6.11 -3.35 -3.40
CA VAL A 41 5.73 -4.55 -2.67
C VAL A 41 5.39 -5.66 -3.66
N THR A 42 6.06 -6.78 -3.52
CA THR A 42 5.81 -7.94 -4.36
C THR A 42 4.54 -8.66 -3.90
N VAL A 43 3.39 -8.06 -4.20
CA VAL A 43 2.12 -8.65 -3.84
C VAL A 43 1.84 -9.85 -4.70
N GLN A 44 1.83 -11.02 -4.09
CA GLN A 44 1.58 -12.26 -4.80
C GLN A 44 0.29 -12.89 -4.29
N ALA A 45 -0.60 -13.17 -5.23
CA ALA A 45 -1.90 -13.74 -4.90
C ALA A 45 -1.99 -15.17 -5.40
N LEU A 46 -2.41 -16.07 -4.53
CA LEU A 46 -2.47 -17.49 -4.84
C LEU A 46 -3.90 -17.99 -4.94
N GLY A 47 -4.28 -18.43 -6.14
CA GLY A 47 -5.59 -19.05 -6.34
C GLY A 47 -6.74 -18.10 -6.13
N CYS A 48 -6.93 -17.17 -7.05
CA CYS A 48 -7.98 -16.19 -6.91
C CYS A 48 -9.13 -16.45 -7.87
N ASN A 49 -8.87 -16.27 -9.17
CA ASN A 49 -9.86 -16.47 -10.23
C ASN A 49 -10.97 -15.41 -10.18
N ALA A 50 -11.54 -15.18 -9.02
CA ALA A 50 -12.58 -14.18 -8.84
C ALA A 50 -12.46 -13.51 -7.48
N ARG A 51 -11.41 -12.71 -7.32
CA ARG A 51 -11.14 -12.05 -6.05
C ARG A 51 -10.44 -10.71 -6.29
N GLN A 52 -10.93 -9.67 -5.64
CA GLN A 52 -10.31 -8.36 -5.76
C GLN A 52 -9.18 -8.22 -4.75
N VAL A 53 -7.99 -7.91 -5.26
CA VAL A 53 -6.82 -7.79 -4.41
C VAL A 53 -6.61 -6.35 -4.00
N ALA A 54 -6.84 -6.07 -2.72
CA ALA A 54 -6.77 -4.72 -2.21
C ALA A 54 -5.66 -4.58 -1.17
N LEU A 55 -5.02 -3.44 -1.16
CA LEU A 55 -4.06 -3.13 -0.11
C LEU A 55 -4.67 -2.16 0.87
N LYS A 56 -4.59 -2.49 2.14
CA LYS A 56 -5.13 -1.65 3.19
C LYS A 56 -4.03 -1.25 4.12
N ALA A 57 -4.17 -0.11 4.75
CA ALA A 57 -3.19 0.32 5.72
C ALA A 57 -3.61 -0.12 7.11
N ASP A 58 -2.66 -0.18 8.01
CA ASP A 58 -2.94 -0.57 9.38
C ASP A 58 -3.33 0.66 10.17
N THR A 59 -3.81 0.49 11.40
CA THR A 59 -4.36 1.60 12.17
C THR A 59 -3.28 2.64 12.53
N ASP A 60 -2.04 2.37 12.14
CA ASP A 60 -0.94 3.29 12.39
C ASP A 60 -0.80 4.29 11.25
N ASN A 61 -1.22 3.92 10.04
CA ASN A 61 -1.16 4.82 8.90
C ASN A 61 -2.48 4.87 8.14
N PHE A 62 -3.53 4.32 8.74
CA PHE A 62 -4.86 4.32 8.13
C PHE A 62 -5.80 5.17 8.99
N GLU A 63 -6.06 6.38 8.55
CA GLU A 63 -6.95 7.28 9.29
C GLU A 63 -8.37 7.19 8.73
N GLN A 64 -9.17 6.32 9.34
CA GLN A 64 -10.58 6.10 8.97
C GLN A 64 -10.71 5.43 7.59
N GLY A 65 -10.04 5.98 6.60
CA GLY A 65 -10.04 5.42 5.26
C GLY A 65 -9.05 6.12 4.37
N LYS A 66 -7.92 6.50 4.95
CA LYS A 66 -6.86 7.19 4.23
C LYS A 66 -5.51 6.60 4.65
N PHE A 67 -4.64 6.34 3.69
CA PHE A 67 -3.32 5.83 4.02
C PHE A 67 -2.20 6.77 3.58
N PHE A 68 -1.12 6.75 4.34
CA PHE A 68 -0.01 7.68 4.15
C PHE A 68 1.29 7.12 4.72
N LEU A 69 2.35 7.86 4.54
CA LEU A 69 3.61 7.60 5.22
C LEU A 69 3.60 8.37 6.53
N ILE A 70 3.53 7.66 7.65
CA ILE A 70 3.57 8.32 8.95
C ILE A 70 4.92 8.06 9.62
N SER A 71 5.47 9.09 10.25
CA SER A 71 6.78 8.98 10.84
C SER A 71 6.69 8.80 12.35
N ASP A 72 7.70 8.15 12.92
CA ASP A 72 7.75 7.80 14.34
C ASP A 72 7.42 8.99 15.25
N ASN A 73 7.96 10.16 14.93
CA ASN A 73 7.78 11.34 15.78
C ASN A 73 6.32 11.79 15.82
N ASN A 74 5.54 11.39 14.81
CA ASN A 74 4.15 11.80 14.69
C ASN A 74 4.07 13.31 14.49
N ARG A 75 4.23 13.74 13.24
CA ARG A 75 4.26 15.17 12.92
C ARG A 75 3.84 15.41 11.49
N ASP A 76 4.28 14.54 10.59
CA ASP A 76 3.96 14.66 9.18
C ASP A 76 3.49 13.33 8.63
N LYS A 77 2.69 13.40 7.59
CA LYS A 77 2.17 12.21 6.94
C LYS A 77 1.88 12.49 5.47
N LEU A 78 2.41 11.66 4.60
CA LEU A 78 2.27 11.89 3.17
C LEU A 78 1.44 10.78 2.55
N TYR A 79 0.30 11.14 1.97
CA TYR A 79 -0.61 10.15 1.42
C TYR A 79 0.02 9.47 0.21
N VAL A 80 0.03 8.15 0.23
CA VAL A 80 0.67 7.38 -0.82
C VAL A 80 -0.31 6.45 -1.51
N ASN A 81 -0.41 6.60 -2.81
CA ASN A 81 -1.27 5.73 -3.60
C ASN A 81 -0.44 4.62 -4.21
N ILE A 82 -0.66 3.41 -3.74
CA ILE A 82 0.10 2.25 -4.16
C ILE A 82 -0.34 1.80 -5.55
N ARG A 83 0.25 2.40 -6.57
CA ARG A 83 -0.14 2.12 -7.94
C ARG A 83 0.75 1.02 -8.52
N PRO A 84 0.18 0.13 -9.35
CA PRO A 84 0.93 -0.98 -9.95
C PRO A 84 2.21 -0.52 -10.62
N MET A 85 3.30 -1.24 -10.36
CA MET A 85 4.59 -0.94 -10.96
C MET A 85 4.60 -1.38 -12.42
N ASP A 86 3.89 -0.63 -13.25
CA ASP A 86 3.74 -0.92 -14.67
C ASP A 86 3.28 -2.36 -14.88
N ASN A 87 2.00 -2.60 -14.63
CA ASN A 87 1.43 -3.94 -14.73
C ASN A 87 -0.01 -3.90 -15.21
N SER A 88 -0.87 -3.23 -14.44
CA SER A 88 -2.29 -3.20 -14.74
C SER A 88 -2.93 -1.90 -14.25
N ALA A 89 -4.23 -1.78 -14.50
CA ALA A 89 -4.99 -0.63 -14.04
C ALA A 89 -5.89 -1.04 -12.87
N TRP A 90 -5.70 -0.37 -11.74
CA TRP A 90 -6.46 -0.70 -10.54
C TRP A 90 -7.40 0.45 -10.15
N THR A 91 -8.31 0.17 -9.23
CA THR A 91 -9.18 1.18 -8.67
C THR A 91 -8.49 1.84 -7.48
N THR A 92 -8.49 3.17 -7.46
CA THR A 92 -7.71 3.90 -6.48
C THR A 92 -8.57 4.56 -5.41
N ASP A 93 -8.42 4.07 -4.19
CA ASP A 93 -9.01 4.72 -3.02
C ASP A 93 -7.90 4.94 -2.00
N ASN A 94 -8.11 5.82 -1.04
CA ASN A 94 -7.08 6.06 -0.02
C ASN A 94 -7.21 5.07 1.11
N GLY A 95 -8.25 4.26 1.07
CA GLY A 95 -8.41 3.23 2.08
C GLY A 95 -7.96 1.89 1.58
N VAL A 96 -8.24 1.61 0.32
CA VAL A 96 -7.87 0.34 -0.28
C VAL A 96 -7.39 0.55 -1.70
N PHE A 97 -6.60 -0.37 -2.20
CA PHE A 97 -6.13 -0.30 -3.57
C PHE A 97 -6.33 -1.66 -4.21
N TYR A 98 -7.28 -1.75 -5.12
CA TYR A 98 -7.65 -3.03 -5.71
C TYR A 98 -8.04 -2.85 -7.16
N LYS A 99 -7.80 -3.86 -7.98
CA LYS A 99 -8.27 -3.82 -9.34
C LYS A 99 -9.73 -4.20 -9.39
N ASN A 100 -10.48 -3.52 -10.23
CA ASN A 100 -11.90 -3.81 -10.39
C ASN A 100 -12.11 -5.26 -10.81
N ASP A 101 -11.17 -5.79 -11.59
CA ASP A 101 -11.21 -7.18 -12.02
C ASP A 101 -11.14 -8.14 -10.85
N VAL A 102 -12.13 -9.00 -10.73
CA VAL A 102 -12.10 -10.06 -9.74
C VAL A 102 -11.25 -11.22 -10.25
N GLY A 103 -10.05 -11.37 -9.71
CA GLY A 103 -9.18 -12.44 -10.16
C GLY A 103 -7.78 -12.31 -9.61
N SER A 104 -6.85 -13.02 -10.22
CA SER A 104 -5.48 -13.02 -9.77
C SER A 104 -4.73 -11.82 -10.33
N TRP A 105 -3.58 -11.53 -9.74
CA TRP A 105 -2.74 -10.44 -10.21
C TRP A 105 -1.28 -10.78 -9.94
N GLY A 106 -0.97 -10.94 -8.65
CA GLY A 106 0.39 -11.28 -8.21
C GLY A 106 1.52 -10.62 -8.98
N GLY A 107 1.97 -9.46 -8.51
CA GLY A 107 3.05 -8.76 -9.18
C GLY A 107 3.76 -7.78 -8.27
N THR A 108 3.87 -6.53 -8.71
CA THR A 108 4.57 -5.51 -7.95
C THR A 108 3.79 -4.18 -7.94
N ILE A 109 3.67 -3.60 -6.75
CA ILE A 109 3.01 -2.31 -6.58
C ILE A 109 3.90 -1.40 -5.74
N GLY A 110 4.06 -0.16 -6.18
CA GLY A 110 5.04 0.71 -5.56
C GLY A 110 4.43 1.78 -4.69
N ILE A 111 5.21 2.28 -3.73
CA ILE A 111 4.76 3.34 -2.87
C ILE A 111 5.26 4.69 -3.37
N TYR A 112 4.32 5.55 -3.73
CA TYR A 112 4.64 6.87 -4.26
C TYR A 112 3.92 7.93 -3.44
N VAL A 113 4.63 8.98 -3.05
CA VAL A 113 3.99 10.11 -2.38
C VAL A 113 3.04 10.79 -3.37
N ASP A 114 1.75 10.83 -3.05
CA ASP A 114 0.77 11.42 -3.93
C ASP A 114 0.91 12.94 -3.92
N GLY A 115 1.84 13.41 -4.73
CA GLY A 115 2.23 14.79 -4.70
C GLY A 115 3.56 14.97 -4.01
N GLN A 116 4.64 14.98 -4.81
CA GLN A 116 6.00 15.23 -4.32
C GLN A 116 6.06 16.18 -3.12
N GLN A 117 6.31 15.61 -1.95
CA GLN A 117 6.43 16.40 -0.73
C GLN A 117 7.82 16.99 -0.60
N THR A 118 8.76 16.47 -1.39
CA THR A 118 10.14 16.94 -1.39
C THR A 118 10.80 16.71 -0.02
N ASN A 119 10.29 15.72 0.71
CA ASN A 119 10.90 15.26 1.96
C ASN A 119 10.87 16.35 3.04
N THR A 120 9.80 16.36 3.81
CA THR A 120 9.69 17.24 4.96
C THR A 120 10.24 16.53 6.19
N PRO A 121 11.09 17.22 7.00
CA PRO A 121 11.86 16.67 8.12
C PRO A 121 11.35 15.33 8.66
N PRO A 122 11.86 14.23 8.10
CA PRO A 122 11.42 12.89 8.39
C PRO A 122 12.33 12.14 9.38
N GLY A 123 12.19 10.82 9.37
CA GLY A 123 12.98 9.97 10.23
C GLY A 123 12.72 8.51 9.93
N ASN A 124 11.91 7.87 10.77
CA ASN A 124 11.52 6.49 10.54
C ASN A 124 10.03 6.44 10.23
N TYR A 125 9.69 6.10 8.99
CA TYR A 125 8.30 6.05 8.59
C TYR A 125 7.76 4.63 8.71
N THR A 126 6.65 4.52 9.39
CA THR A 126 6.06 3.24 9.69
C THR A 126 4.70 3.11 9.00
N LEU A 127 4.69 2.44 7.87
CA LEU A 127 3.46 2.25 7.12
C LEU A 127 3.16 0.77 6.98
N THR A 128 2.25 0.28 7.81
CA THR A 128 1.90 -1.12 7.80
C THR A 128 0.77 -1.38 6.80
N LEU A 129 0.94 -2.41 5.98
CA LEU A 129 -0.05 -2.74 4.98
C LEU A 129 -0.67 -4.11 5.28
N THR A 130 -1.99 -4.14 5.37
CA THR A 130 -2.71 -5.36 5.65
C THR A 130 -3.10 -6.06 4.34
N GLY A 131 -2.51 -7.21 4.10
CA GLY A 131 -2.85 -7.98 2.91
C GLY A 131 -4.17 -8.70 3.07
N GLY A 132 -5.10 -8.43 2.16
CA GLY A 132 -6.40 -9.07 2.25
C GLY A 132 -7.23 -8.82 1.03
N TYR A 133 -8.47 -9.30 1.05
CA TYR A 133 -9.36 -9.09 -0.07
C TYR A 133 -10.36 -8.00 0.26
N TRP A 134 -11.20 -7.69 -0.71
CA TRP A 134 -12.19 -6.65 -0.58
C TRP A 134 -13.41 -7.07 -1.40
N ALA A 135 -14.60 -6.64 -0.98
CA ALA A 135 -15.80 -6.88 -1.73
C ALA A 135 -16.58 -5.58 -1.95
N LYS A 136 -17.21 -5.48 -3.13
CA LYS A 136 -18.07 -4.36 -3.49
C LYS A 136 -17.25 -3.11 -3.83
N ASP A 137 -17.74 -1.92 -3.48
CA ASP A 137 -17.03 -0.69 -3.80
C ASP A 137 -17.30 0.42 -2.79
N ASN A 138 -16.21 0.93 -2.20
CA ASN A 138 -16.22 2.08 -1.28
C ASN A 138 -16.90 1.80 0.06
N LYS A 139 -17.86 0.88 0.08
CA LYS A 139 -18.57 0.51 1.31
C LYS A 139 -17.63 -0.16 2.31
N GLN A 140 -16.39 -0.35 1.88
CA GLN A 140 -15.34 -0.95 2.69
C GLN A 140 -15.64 -2.41 2.96
N GLY A 141 -15.62 -3.21 1.91
CA GLY A 141 -15.83 -4.63 2.08
C GLY A 141 -14.52 -5.36 2.27
N PHE A 142 -13.69 -4.82 3.15
CA PHE A 142 -12.33 -5.30 3.30
C PHE A 142 -12.27 -6.49 4.28
N THR A 143 -11.40 -7.44 4.01
CA THR A 143 -11.15 -8.54 4.94
C THR A 143 -9.71 -9.04 4.80
N PRO A 144 -9.00 -9.22 5.94
CA PRO A 144 -7.62 -9.73 5.93
C PRO A 144 -7.52 -11.12 5.31
N SER A 145 -6.55 -11.29 4.42
CA SER A 145 -6.35 -12.56 3.72
C SER A 145 -4.92 -12.68 3.24
N GLY A 146 -4.09 -13.34 4.04
CA GLY A 146 -2.69 -13.50 3.69
C GLY A 146 -1.78 -13.13 4.83
N THR A 147 -1.19 -11.94 4.76
CA THR A 147 -0.26 -11.49 5.79
C THR A 147 -0.25 -9.96 5.87
N THR A 148 -0.05 -9.42 7.06
CA THR A 148 0.11 -7.99 7.25
C THR A 148 1.59 -7.65 7.41
N GLY A 149 2.09 -6.71 6.63
CA GLY A 149 3.50 -6.37 6.68
C GLY A 149 3.73 -4.87 6.76
N THR A 150 4.73 -4.48 7.55
CA THR A 150 5.04 -3.07 7.71
C THR A 150 6.15 -2.65 6.74
N THR A 151 5.86 -1.66 5.93
CA THR A 151 6.86 -1.08 5.06
C THR A 151 7.61 0.00 5.84
N LYS A 152 8.89 -0.21 6.08
CA LYS A 152 9.67 0.72 6.87
C LYS A 152 10.49 1.62 5.97
N LEU A 153 10.12 2.89 5.96
CA LEU A 153 10.78 3.87 5.14
C LEU A 153 11.61 4.82 6.00
N THR A 154 12.91 4.58 6.03
CA THR A 154 13.84 5.39 6.81
C THR A 154 14.41 6.50 5.93
N VAL A 155 14.63 7.68 6.50
CA VAL A 155 15.17 8.79 5.73
C VAL A 155 16.65 8.60 5.38
N THR A 156 16.97 8.84 4.12
CA THR A 156 18.34 8.85 3.63
C THR A 156 18.42 9.75 2.39
N GLU A 14 -14.38 -17.35 -2.29
CA GLU A 14 -13.06 -17.42 -2.92
C GLU A 14 -11.98 -16.88 -1.99
N GLU A 15 -11.23 -17.78 -1.37
CA GLU A 15 -10.16 -17.40 -0.47
C GLU A 15 -8.83 -17.46 -1.20
N CYS A 16 -8.02 -16.46 -0.96
CA CYS A 16 -6.74 -16.32 -1.60
C CYS A 16 -5.79 -15.66 -0.64
N GLN A 17 -4.61 -16.20 -0.46
CA GLN A 17 -3.68 -15.65 0.50
C GLN A 17 -2.86 -14.53 -0.12
N VAL A 18 -2.92 -13.37 0.49
CA VAL A 18 -2.16 -12.22 0.03
C VAL A 18 -0.85 -12.12 0.78
N ARG A 19 0.25 -12.36 0.08
CA ARG A 19 1.57 -12.27 0.67
C ARG A 19 2.03 -10.82 0.71
N VAL A 20 1.79 -10.19 1.84
CA VAL A 20 2.34 -8.87 2.10
C VAL A 20 3.44 -9.01 3.15
N GLY A 21 4.66 -8.71 2.76
CA GLY A 21 5.78 -8.86 3.66
C GLY A 21 6.33 -7.53 4.13
N ASP A 22 7.40 -7.58 4.89
CA ASP A 22 8.05 -6.38 5.36
C ASP A 22 9.27 -6.07 4.52
N LEU A 23 9.54 -4.79 4.33
CA LEU A 23 10.69 -4.36 3.55
C LEU A 23 11.15 -3.00 4.04
N THR A 24 12.45 -2.81 4.13
CA THR A 24 13.01 -1.55 4.58
C THR A 24 13.64 -0.80 3.40
N VAL A 25 13.09 0.35 3.08
CA VAL A 25 13.62 1.18 2.02
C VAL A 25 14.24 2.44 2.61
N ALA A 26 15.49 2.69 2.26
CA ALA A 26 16.21 3.82 2.81
C ALA A 26 16.35 4.91 1.77
N LYS A 27 15.56 5.97 1.93
CA LYS A 27 15.59 7.09 0.99
C LYS A 27 14.73 8.23 1.50
N THR A 28 14.66 9.31 0.74
CA THR A 28 13.92 10.48 1.13
C THR A 28 12.64 10.62 0.32
N ARG A 29 11.70 11.44 0.81
CA ARG A 29 10.47 11.70 0.07
C ARG A 29 10.72 12.73 -1.02
N GLY A 30 11.97 13.20 -1.09
CA GLY A 30 12.35 14.15 -2.12
C GLY A 30 12.61 13.45 -3.44
N GLN A 31 12.81 12.14 -3.36
CA GLN A 31 12.92 11.31 -4.56
C GLN A 31 11.55 11.15 -5.19
N LEU A 32 10.54 11.34 -4.35
CA LEU A 32 9.16 11.15 -4.76
C LEU A 32 8.59 12.42 -5.37
N THR A 33 8.62 12.49 -6.69
CA THR A 33 8.05 13.60 -7.42
C THR A 33 6.70 13.18 -7.98
N ASP A 34 5.75 12.99 -7.06
CA ASP A 34 4.39 12.49 -7.37
C ASP A 34 4.44 11.03 -7.81
N ALA A 35 5.11 10.76 -8.91
CA ALA A 35 5.20 9.39 -9.41
C ALA A 35 6.64 8.90 -9.35
N ALA A 36 6.95 8.14 -8.31
CA ALA A 36 8.29 7.57 -8.15
C ALA A 36 8.24 6.31 -7.28
N PRO A 37 8.10 5.13 -7.92
CA PRO A 37 8.11 3.84 -7.23
C PRO A 37 9.45 3.54 -6.57
N ILE A 38 9.65 4.12 -5.40
CA ILE A 38 10.89 3.94 -4.64
C ILE A 38 11.00 2.53 -4.07
N GLY A 39 9.99 2.09 -3.33
CA GLY A 39 10.05 0.79 -2.70
C GLY A 39 8.87 -0.11 -3.06
N PRO A 40 8.71 -0.48 -4.34
CA PRO A 40 7.71 -1.45 -4.80
C PRO A 40 7.68 -2.71 -3.94
N VAL A 41 6.60 -2.89 -3.21
CA VAL A 41 6.40 -4.08 -2.39
C VAL A 41 5.81 -5.18 -3.25
N THR A 42 6.36 -6.38 -3.12
CA THR A 42 5.90 -7.51 -3.90
C THR A 42 4.76 -8.23 -3.19
N VAL A 43 3.54 -7.99 -3.65
CA VAL A 43 2.38 -8.67 -3.13
C VAL A 43 2.05 -9.89 -3.98
N GLN A 44 2.16 -11.05 -3.37
CA GLN A 44 1.89 -12.30 -4.06
C GLN A 44 0.50 -12.83 -3.69
N ALA A 45 -0.31 -13.09 -4.69
CA ALA A 45 -1.66 -13.59 -4.48
C ALA A 45 -1.78 -15.01 -4.98
N LEU A 46 -2.00 -15.95 -4.08
CA LEU A 46 -2.02 -17.36 -4.43
C LEU A 46 -3.45 -17.92 -4.45
N GLY A 47 -3.92 -18.24 -5.65
CA GLY A 47 -5.21 -18.89 -5.80
C GLY A 47 -6.37 -17.98 -5.52
N CYS A 48 -6.43 -16.84 -6.20
CA CYS A 48 -7.52 -15.89 -6.02
C CYS A 48 -8.70 -16.25 -6.93
N ASN A 49 -8.40 -16.47 -8.22
CA ASN A 49 -9.39 -16.89 -9.22
C ASN A 49 -10.39 -15.79 -9.58
N ALA A 50 -11.19 -15.38 -8.61
CA ALA A 50 -12.23 -14.39 -8.83
C ALA A 50 -12.37 -13.53 -7.58
N ARG A 51 -11.37 -12.70 -7.36
CA ARG A 51 -11.24 -11.98 -6.11
C ARG A 51 -10.63 -10.60 -6.33
N GLN A 52 -11.24 -9.57 -5.74
CA GLN A 52 -10.71 -8.22 -5.81
C GLN A 52 -9.64 -8.04 -4.75
N VAL A 53 -8.39 -8.20 -5.17
CA VAL A 53 -7.25 -8.07 -4.26
C VAL A 53 -7.02 -6.61 -3.90
N ALA A 54 -7.16 -6.29 -2.63
CA ALA A 54 -7.04 -4.93 -2.16
C ALA A 54 -5.91 -4.78 -1.16
N LEU A 55 -5.29 -3.62 -1.15
CA LEU A 55 -4.24 -3.33 -0.19
C LEU A 55 -4.81 -2.43 0.90
N LYS A 56 -4.88 -2.95 2.10
CA LYS A 56 -5.43 -2.21 3.22
C LYS A 56 -4.32 -1.73 4.12
N ALA A 57 -4.28 -0.44 4.37
CA ALA A 57 -3.32 0.08 5.31
C ALA A 57 -3.77 -0.21 6.73
N ASP A 58 -2.82 -0.51 7.60
CA ASP A 58 -3.15 -0.78 8.98
C ASP A 58 -3.44 0.54 9.69
N THR A 59 -4.33 0.51 10.68
CA THR A 59 -4.82 1.73 11.32
C THR A 59 -3.69 2.58 11.90
N ASP A 60 -2.50 2.00 12.07
CA ASP A 60 -1.34 2.76 12.52
C ASP A 60 -0.99 3.86 11.52
N ASN A 61 -1.26 3.59 10.24
CA ASN A 61 -1.03 4.54 9.16
C ASN A 61 -2.29 4.68 8.31
N PHE A 62 -3.43 4.39 8.94
CA PHE A 62 -4.74 4.45 8.29
C PHE A 62 -5.73 5.16 9.20
N GLU A 63 -6.11 6.37 8.83
CA GLU A 63 -7.08 7.12 9.60
C GLU A 63 -8.33 7.37 8.78
N GLN A 64 -9.45 6.82 9.26
CA GLN A 64 -10.77 6.97 8.62
C GLN A 64 -10.86 6.19 7.30
N GLY A 65 -9.90 6.41 6.44
CA GLY A 65 -9.89 5.78 5.13
C GLY A 65 -8.82 6.39 4.26
N LYS A 66 -7.74 6.81 4.90
CA LYS A 66 -6.59 7.39 4.22
C LYS A 66 -5.33 6.71 4.71
N PHE A 67 -4.42 6.44 3.81
CA PHE A 67 -3.16 5.85 4.20
C PHE A 67 -1.99 6.74 3.82
N PHE A 68 -0.95 6.68 4.64
CA PHE A 68 0.16 7.60 4.54
C PHE A 68 1.41 7.01 5.19
N LEU A 69 2.50 7.73 5.06
CA LEU A 69 3.72 7.41 5.77
C LEU A 69 3.63 8.03 7.16
N ILE A 70 3.54 7.22 8.20
CA ILE A 70 3.47 7.75 9.55
C ILE A 70 4.78 7.56 10.26
N SER A 71 5.31 8.65 10.76
CA SER A 71 6.59 8.64 11.43
C SER A 71 6.47 8.06 12.83
N ASP A 72 7.41 7.19 13.18
CA ASP A 72 7.52 6.69 14.55
C ASP A 72 7.75 7.88 15.48
N ASN A 73 8.47 8.86 14.97
CA ASN A 73 8.78 10.09 15.70
C ASN A 73 7.52 10.93 15.89
N ASN A 74 6.54 10.73 14.99
CA ASN A 74 5.28 11.47 14.99
C ASN A 74 5.52 12.96 14.73
N ARG A 75 5.35 13.36 13.47
CA ARG A 75 5.54 14.75 13.06
C ARG A 75 4.96 14.99 11.66
N ASP A 76 5.24 14.06 10.76
CA ASP A 76 4.79 14.16 9.38
C ASP A 76 4.02 12.92 8.99
N LYS A 77 2.94 13.11 8.25
CA LYS A 77 2.24 11.99 7.65
C LYS A 77 1.89 12.32 6.20
N LEU A 78 2.62 11.71 5.30
CA LEU A 78 2.45 11.97 3.89
C LEU A 78 1.78 10.81 3.19
N TYR A 79 0.70 11.12 2.49
CA TYR A 79 -0.11 10.13 1.84
C TYR A 79 0.60 9.58 0.62
N VAL A 80 0.47 8.28 0.39
CA VAL A 80 1.12 7.64 -0.75
C VAL A 80 0.17 6.67 -1.43
N ASN A 81 0.24 6.61 -2.74
CA ASN A 81 -0.62 5.73 -3.51
C ASN A 81 0.15 4.50 -3.95
N ILE A 82 -0.33 3.34 -3.53
CA ILE A 82 0.31 2.09 -3.87
C ILE A 82 -0.14 1.63 -5.25
N ARG A 83 0.57 2.09 -6.28
CA ARG A 83 0.16 1.84 -7.65
C ARG A 83 0.87 0.62 -8.20
N PRO A 84 0.10 -0.33 -8.76
CA PRO A 84 0.64 -1.52 -9.41
C PRO A 84 1.71 -1.17 -10.43
N MET A 85 2.75 -1.99 -10.46
CA MET A 85 3.86 -1.80 -11.39
C MET A 85 3.44 -2.17 -12.83
N ASP A 86 2.50 -1.41 -13.38
CA ASP A 86 2.05 -1.53 -14.78
C ASP A 86 1.42 -2.90 -15.06
N ASN A 87 1.08 -3.65 -14.01
CA ASN A 87 0.56 -5.00 -14.20
C ASN A 87 -0.91 -4.98 -14.61
N SER A 88 -1.66 -4.01 -14.10
CA SER A 88 -3.07 -3.87 -14.47
C SER A 88 -3.62 -2.56 -13.91
N ALA A 89 -4.85 -2.23 -14.30
CA ALA A 89 -5.51 -1.03 -13.82
C ALA A 89 -6.27 -1.33 -12.53
N TRP A 90 -6.03 -0.52 -11.51
CA TRP A 90 -6.66 -0.72 -10.22
C TRP A 90 -7.54 0.47 -9.87
N THR A 91 -8.52 0.24 -9.02
CA THR A 91 -9.36 1.30 -8.51
C THR A 91 -8.73 1.88 -7.24
N THR A 92 -8.30 3.12 -7.31
CA THR A 92 -7.54 3.72 -6.24
C THR A 92 -8.45 4.39 -5.21
N ASP A 93 -8.28 3.96 -3.98
CA ASP A 93 -8.87 4.62 -2.82
C ASP A 93 -7.77 4.82 -1.79
N ASN A 94 -7.95 5.72 -0.85
CA ASN A 94 -6.93 5.97 0.15
C ASN A 94 -7.04 5.00 1.31
N GLY A 95 -8.06 4.16 1.29
CA GLY A 95 -8.20 3.15 2.30
C GLY A 95 -7.85 1.77 1.77
N VAL A 96 -8.22 1.53 0.53
CA VAL A 96 -7.96 0.27 -0.11
C VAL A 96 -7.48 0.48 -1.54
N PHE A 97 -6.77 -0.49 -2.06
CA PHE A 97 -6.29 -0.41 -3.42
C PHE A 97 -6.51 -1.75 -4.08
N TYR A 98 -7.48 -1.83 -4.97
CA TYR A 98 -7.84 -3.11 -5.58
C TYR A 98 -8.10 -2.96 -7.06
N LYS A 99 -7.77 -4.00 -7.82
CA LYS A 99 -7.99 -3.99 -9.25
C LYS A 99 -9.44 -4.26 -9.57
N ASN A 100 -9.85 -3.84 -10.75
CA ASN A 100 -11.21 -4.05 -11.22
C ASN A 100 -11.33 -5.42 -11.88
N ASP A 101 -10.27 -6.20 -11.76
CA ASP A 101 -10.24 -7.57 -12.28
C ASP A 101 -10.34 -8.55 -11.11
N VAL A 102 -11.26 -9.48 -11.17
CA VAL A 102 -11.39 -10.47 -10.11
C VAL A 102 -10.52 -11.70 -10.41
N GLY A 103 -9.43 -11.82 -9.68
CA GLY A 103 -8.52 -12.94 -9.85
C GLY A 103 -7.22 -12.69 -9.15
N SER A 104 -6.20 -13.45 -9.51
CA SER A 104 -4.90 -13.33 -8.87
C SER A 104 -4.11 -12.21 -9.53
N TRP A 105 -3.29 -11.53 -8.75
CA TRP A 105 -2.49 -10.44 -9.24
C TRP A 105 -1.02 -10.76 -9.03
N GLY A 106 -0.66 -10.95 -7.77
CA GLY A 106 0.70 -11.34 -7.37
C GLY A 106 1.81 -10.74 -8.20
N GLY A 107 2.30 -9.58 -7.79
CA GLY A 107 3.40 -8.94 -8.49
C GLY A 107 4.08 -7.90 -7.64
N THR A 108 4.16 -6.67 -8.13
CA THR A 108 4.79 -5.59 -7.39
C THR A 108 3.97 -4.29 -7.50
N ILE A 109 3.75 -3.65 -6.37
CA ILE A 109 3.09 -2.35 -6.33
C ILE A 109 4.06 -1.33 -5.73
N GLY A 110 4.15 -0.17 -6.34
CA GLY A 110 5.11 0.81 -5.89
C GLY A 110 4.49 1.88 -5.03
N ILE A 111 5.30 2.54 -4.23
CA ILE A 111 4.81 3.64 -3.42
C ILE A 111 5.04 4.95 -4.14
N TYR A 112 3.95 5.59 -4.54
CA TYR A 112 4.01 6.87 -5.23
C TYR A 112 3.46 7.95 -4.31
N VAL A 113 4.28 8.95 -4.01
CA VAL A 113 3.87 10.04 -3.13
C VAL A 113 2.64 10.76 -3.68
N ASP A 114 1.68 11.07 -2.83
CA ASP A 114 0.55 11.87 -3.27
C ASP A 114 0.93 13.34 -3.19
N GLY A 115 1.61 13.81 -4.22
CA GLY A 115 2.17 15.15 -4.21
C GLY A 115 3.44 15.24 -3.37
N GLN A 116 4.58 15.43 -4.04
CA GLN A 116 5.87 15.58 -3.37
C GLN A 116 5.77 16.43 -2.10
N GLN A 117 6.23 15.86 -0.98
CA GLN A 117 6.14 16.53 0.32
C GLN A 117 7.43 17.31 0.59
N THR A 118 8.16 17.64 -0.48
CA THR A 118 9.36 18.48 -0.41
C THR A 118 10.53 17.79 0.30
N ASN A 119 10.25 16.66 0.96
CA ASN A 119 11.23 15.96 1.77
C ASN A 119 11.61 16.77 3.00
N THR A 120 10.83 16.56 4.05
CA THR A 120 11.11 17.12 5.35
C THR A 120 11.97 16.17 6.13
N PRO A 121 12.88 16.68 6.99
CA PRO A 121 13.81 15.87 7.78
C PRO A 121 13.17 14.59 8.30
N PRO A 122 13.32 13.51 7.54
CA PRO A 122 12.61 12.27 7.76
C PRO A 122 13.17 11.45 8.92
N GLY A 123 12.56 10.31 9.15
CA GLY A 123 12.99 9.40 10.17
C GLY A 123 12.55 8.00 9.83
N ASN A 124 11.84 7.39 10.75
CA ASN A 124 11.23 6.09 10.50
C ASN A 124 9.77 6.31 10.12
N TYR A 125 9.46 6.11 8.84
CA TYR A 125 8.08 6.18 8.38
C TYR A 125 7.54 4.77 8.18
N THR A 126 6.68 4.37 9.10
CA THR A 126 6.14 3.04 9.10
C THR A 126 4.77 3.01 8.43
N LEU A 127 4.61 2.12 7.46
CA LEU A 127 3.33 1.95 6.81
C LEU A 127 3.03 0.46 6.66
N THR A 128 2.09 -0.01 7.46
CA THR A 128 1.75 -1.42 7.50
C THR A 128 0.58 -1.71 6.57
N LEU A 129 0.66 -2.83 5.87
CA LEU A 129 -0.37 -3.21 4.92
C LEU A 129 -0.91 -4.60 5.24
N THR A 130 -2.22 -4.70 5.39
CA THR A 130 -2.86 -5.97 5.70
C THR A 130 -3.48 -6.57 4.43
N GLY A 131 -2.96 -7.73 4.04
CA GLY A 131 -3.46 -8.38 2.84
C GLY A 131 -4.89 -8.87 2.98
N GLY A 132 -5.62 -8.85 1.88
CA GLY A 132 -6.98 -9.35 1.89
C GLY A 132 -7.74 -8.94 0.66
N TYR A 133 -9.00 -9.35 0.58
CA TYR A 133 -9.83 -8.96 -0.54
C TYR A 133 -10.78 -7.86 -0.13
N TRP A 134 -11.50 -7.36 -1.09
CA TRP A 134 -12.47 -6.31 -0.86
C TRP A 134 -13.77 -6.67 -1.56
N ALA A 135 -14.89 -6.29 -0.96
CA ALA A 135 -16.19 -6.54 -1.53
C ALA A 135 -16.93 -5.25 -1.83
N LYS A 136 -17.63 -5.27 -2.95
CA LYS A 136 -18.48 -4.17 -3.41
C LYS A 136 -17.64 -2.98 -3.88
N ASP A 137 -18.13 -1.78 -3.65
CA ASP A 137 -17.44 -0.57 -4.10
C ASP A 137 -17.66 0.59 -3.13
N ASN A 138 -16.54 1.14 -2.65
CA ASN A 138 -16.46 2.32 -1.76
C ASN A 138 -17.28 2.24 -0.47
N LYS A 139 -18.07 1.19 -0.31
CA LYS A 139 -18.85 0.98 0.90
C LYS A 139 -17.97 0.43 2.00
N GLN A 140 -16.71 0.18 1.65
CA GLN A 140 -15.71 -0.37 2.55
C GLN A 140 -16.04 -1.82 2.91
N GLY A 141 -15.86 -2.71 1.93
CA GLY A 141 -16.08 -4.12 2.16
C GLY A 141 -14.79 -4.90 2.23
N PHE A 142 -13.80 -4.35 2.92
CA PHE A 142 -12.49 -4.96 2.97
C PHE A 142 -12.48 -6.14 3.94
N THR A 143 -11.97 -7.27 3.48
CA THR A 143 -11.85 -8.45 4.32
C THR A 143 -10.39 -8.90 4.40
N PRO A 144 -9.80 -8.92 5.60
CA PRO A 144 -8.42 -9.38 5.82
C PRO A 144 -8.25 -10.86 5.49
N SER A 145 -7.32 -11.15 4.59
CA SER A 145 -7.03 -12.53 4.19
C SER A 145 -5.62 -12.62 3.63
N GLY A 146 -4.68 -12.98 4.50
CA GLY A 146 -3.29 -13.04 4.13
C GLY A 146 -2.39 -12.64 5.28
N THR A 147 -1.27 -12.01 4.97
CA THR A 147 -0.35 -11.57 6.01
C THR A 147 -0.36 -10.05 6.15
N THR A 148 0.07 -9.58 7.31
CA THR A 148 0.20 -8.16 7.56
C THR A 148 1.66 -7.74 7.40
N GLY A 149 1.97 -7.17 6.25
CA GLY A 149 3.34 -6.77 5.97
C GLY A 149 3.58 -5.32 6.35
N THR A 150 4.83 -4.95 6.51
CA THR A 150 5.17 -3.60 6.94
C THR A 150 6.18 -2.96 5.99
N THR A 151 5.72 -1.99 5.22
CA THR A 151 6.59 -1.21 4.38
C THR A 151 7.24 -0.11 5.22
N LYS A 152 8.56 -0.18 5.36
CA LYS A 152 9.25 0.77 6.19
C LYS A 152 10.11 1.68 5.35
N LEU A 153 9.69 2.92 5.25
CA LEU A 153 10.43 3.94 4.55
C LEU A 153 11.26 4.73 5.57
N THR A 154 12.55 4.53 5.52
CA THR A 154 13.44 5.09 6.51
C THR A 154 14.49 5.98 5.86
N VAL A 155 14.86 7.06 6.54
CA VAL A 155 15.95 7.89 6.08
C VAL A 155 17.28 7.28 6.54
N THR A 156 18.28 7.36 5.69
CA THR A 156 19.60 6.84 6.01
C THR A 156 20.67 7.72 5.39
N GLU A 14 -5.88 -21.55 -2.15
CA GLU A 14 -6.84 -21.35 -1.05
C GLU A 14 -7.28 -19.90 -0.99
N GLU A 15 -8.59 -19.67 -1.15
CA GLU A 15 -9.23 -18.35 -1.05
C GLU A 15 -8.44 -17.25 -1.77
N CYS A 16 -8.54 -16.02 -1.28
CA CYS A 16 -7.75 -14.93 -1.81
C CYS A 16 -6.74 -14.48 -0.77
N GLN A 17 -5.58 -15.13 -0.77
CA GLN A 17 -4.56 -14.83 0.23
C GLN A 17 -3.45 -14.00 -0.39
N VAL A 18 -3.34 -12.75 0.05
CA VAL A 18 -2.36 -11.83 -0.51
C VAL A 18 -1.23 -11.57 0.48
N ARG A 19 0.00 -11.80 0.04
CA ARG A 19 1.15 -11.57 0.90
C ARG A 19 1.68 -10.15 0.71
N VAL A 20 2.13 -9.56 1.81
CA VAL A 20 2.79 -8.27 1.77
C VAL A 20 4.18 -8.42 2.36
N GLY A 21 5.20 -8.22 1.53
CA GLY A 21 6.56 -8.38 1.99
C GLY A 21 6.99 -7.28 2.93
N ASP A 22 7.49 -7.64 4.09
CA ASP A 22 8.03 -6.68 5.04
C ASP A 22 9.31 -6.09 4.48
N LEU A 23 9.22 -4.87 4.00
CA LEU A 23 10.36 -4.21 3.37
C LEU A 23 10.94 -3.16 4.28
N THR A 24 12.22 -2.90 4.12
CA THR A 24 12.87 -1.80 4.80
C THR A 24 13.71 -1.01 3.81
N VAL A 25 13.32 0.23 3.55
CA VAL A 25 13.97 1.04 2.54
C VAL A 25 14.61 2.28 3.18
N ALA A 26 15.79 2.64 2.71
CA ALA A 26 16.45 3.83 3.19
C ALA A 26 16.55 4.86 2.07
N LYS A 27 15.68 5.87 2.13
CA LYS A 27 15.66 6.93 1.13
C LYS A 27 14.85 8.11 1.66
N THR A 28 14.80 9.18 0.89
CA THR A 28 14.07 10.37 1.28
C THR A 28 12.67 10.38 0.65
N ARG A 29 11.77 11.22 1.18
CA ARG A 29 10.43 11.34 0.59
C ARG A 29 10.47 12.38 -0.51
N GLY A 30 11.65 12.99 -0.68
CA GLY A 30 11.87 13.89 -1.79
C GLY A 30 12.17 13.12 -3.04
N GLN A 31 12.75 11.93 -2.87
CA GLN A 31 12.97 11.01 -3.99
C GLN A 31 11.61 10.65 -4.59
N LEU A 32 10.63 10.48 -3.71
CA LEU A 32 9.25 10.32 -4.12
C LEU A 32 8.75 11.59 -4.79
N THR A 33 8.47 11.52 -6.09
CA THR A 33 8.00 12.67 -6.83
C THR A 33 6.75 12.32 -7.63
N ASP A 34 5.59 12.42 -6.97
CA ASP A 34 4.29 12.09 -7.55
C ASP A 34 4.18 10.61 -7.92
N ALA A 35 4.85 10.23 -9.00
CA ALA A 35 4.84 8.85 -9.46
C ALA A 35 6.25 8.30 -9.53
N ALA A 36 6.76 7.88 -8.38
CA ALA A 36 8.08 7.26 -8.29
C ALA A 36 8.07 6.20 -7.20
N PRO A 37 7.95 4.92 -7.60
CA PRO A 37 7.87 3.80 -6.66
C PRO A 37 9.19 3.51 -5.96
N ILE A 38 9.27 3.89 -4.69
CA ILE A 38 10.47 3.62 -3.90
C ILE A 38 10.29 2.35 -3.08
N GLY A 39 9.05 2.03 -2.75
CA GLY A 39 8.78 0.79 -2.04
C GLY A 39 7.89 -0.17 -2.80
N PRO A 40 8.23 -0.54 -4.05
CA PRO A 40 7.54 -1.63 -4.77
C PRO A 40 7.58 -2.94 -4.00
N VAL A 41 6.41 -3.39 -3.57
CA VAL A 41 6.29 -4.61 -2.79
C VAL A 41 6.15 -5.81 -3.71
N THR A 42 6.86 -6.88 -3.40
CA THR A 42 6.73 -8.13 -4.13
C THR A 42 5.43 -8.83 -3.76
N VAL A 43 4.46 -8.70 -4.64
CA VAL A 43 3.10 -9.14 -4.38
C VAL A 43 2.87 -10.56 -4.90
N GLN A 44 2.12 -11.30 -4.12
CA GLN A 44 1.68 -12.63 -4.50
C GLN A 44 0.31 -12.89 -3.92
N ALA A 45 -0.66 -13.11 -4.79
CA ALA A 45 -2.02 -13.38 -4.37
C ALA A 45 -2.39 -14.82 -4.67
N LEU A 46 -2.43 -15.64 -3.63
CA LEU A 46 -2.78 -17.03 -3.79
C LEU A 46 -4.28 -17.17 -3.96
N GLY A 47 -4.69 -17.60 -5.16
CA GLY A 47 -6.10 -17.71 -5.45
C GLY A 47 -6.68 -16.43 -5.99
N CYS A 48 -7.69 -15.90 -5.30
CA CYS A 48 -8.33 -14.65 -5.67
C CYS A 48 -9.04 -14.75 -7.02
N ASN A 49 -9.18 -15.98 -7.52
CA ASN A 49 -9.70 -16.23 -8.87
C ASN A 49 -11.14 -15.75 -9.04
N ALA A 50 -11.79 -15.43 -7.93
CA ALA A 50 -13.11 -14.83 -7.97
C ALA A 50 -13.24 -13.82 -6.84
N ARG A 51 -12.39 -12.81 -6.88
CA ARG A 51 -12.37 -11.76 -5.88
C ARG A 51 -11.47 -10.62 -6.33
N GLN A 52 -11.66 -9.45 -5.75
CA GLN A 52 -10.77 -8.33 -6.00
C GLN A 52 -9.70 -8.30 -4.91
N VAL A 53 -8.48 -7.93 -5.28
CA VAL A 53 -7.38 -7.83 -4.34
C VAL A 53 -7.21 -6.39 -3.92
N ALA A 54 -7.31 -6.13 -2.62
CA ALA A 54 -7.26 -4.77 -2.11
C ALA A 54 -6.14 -4.61 -1.10
N LEU A 55 -5.48 -3.47 -1.15
CA LEU A 55 -4.44 -3.15 -0.21
C LEU A 55 -4.98 -2.17 0.82
N LYS A 56 -4.84 -2.52 2.09
CA LYS A 56 -5.32 -1.67 3.15
C LYS A 56 -4.16 -1.26 4.04
N ALA A 57 -4.28 -0.10 4.65
CA ALA A 57 -3.31 0.32 5.63
C ALA A 57 -3.79 -0.04 7.02
N ASP A 58 -2.85 -0.22 7.92
CA ASP A 58 -3.16 -0.52 9.31
C ASP A 58 -3.47 0.79 10.03
N THR A 59 -4.08 0.73 11.22
CA THR A 59 -4.41 1.94 11.97
C THR A 59 -3.15 2.78 12.21
N ASP A 60 -1.99 2.13 12.07
CA ASP A 60 -0.69 2.78 12.13
C ASP A 60 -0.58 3.90 11.10
N ASN A 61 -1.14 3.69 9.91
CA ASN A 61 -1.02 4.66 8.82
C ASN A 61 -2.33 4.79 8.04
N PHE A 62 -3.43 4.43 8.68
CA PHE A 62 -4.77 4.51 8.06
C PHE A 62 -5.68 5.37 8.92
N GLU A 63 -5.89 6.61 8.50
CA GLU A 63 -6.72 7.54 9.25
C GLU A 63 -8.08 7.68 8.59
N GLN A 64 -9.09 7.06 9.21
CA GLN A 64 -10.48 7.06 8.71
C GLN A 64 -10.61 6.25 7.41
N GLY A 65 -9.83 6.63 6.41
CA GLY A 65 -9.88 5.98 5.12
C GLY A 65 -8.82 6.54 4.21
N LYS A 66 -7.68 6.88 4.79
CA LYS A 66 -6.55 7.41 4.04
C LYS A 66 -5.28 6.73 4.51
N PHE A 67 -4.43 6.33 3.58
CA PHE A 67 -3.16 5.75 3.96
C PHE A 67 -1.99 6.65 3.60
N PHE A 68 -1.01 6.67 4.48
CA PHE A 68 0.15 7.55 4.35
C PHE A 68 1.36 6.90 5.01
N LEU A 69 2.48 7.63 5.01
CA LEU A 69 3.66 7.21 5.76
C LEU A 69 3.70 7.98 7.07
N ILE A 70 3.74 7.27 8.20
CA ILE A 70 3.75 7.96 9.48
C ILE A 70 5.13 7.90 10.13
N SER A 71 5.65 9.07 10.46
CA SER A 71 6.87 9.15 11.24
C SER A 71 6.56 8.67 12.65
N ASP A 72 7.32 7.68 13.12
CA ASP A 72 7.05 7.03 14.40
C ASP A 72 7.04 8.03 15.57
N ASN A 73 7.76 9.14 15.41
CA ASN A 73 7.83 10.16 16.45
C ASN A 73 6.66 11.12 16.37
N ASN A 74 5.79 10.91 15.37
CA ASN A 74 4.61 11.74 15.14
C ASN A 74 4.99 13.21 14.94
N ARG A 75 5.25 13.57 13.69
CA ARG A 75 5.60 14.95 13.37
C ARG A 75 5.27 15.27 11.91
N ASP A 76 5.50 14.30 11.03
CA ASP A 76 5.23 14.49 9.61
C ASP A 76 4.61 13.23 9.02
N LYS A 77 3.71 13.41 8.08
CA LYS A 77 3.09 12.31 7.38
C LYS A 77 2.78 12.70 5.94
N LEU A 78 2.89 11.73 5.04
CA LEU A 78 2.65 11.98 3.63
C LEU A 78 1.86 10.83 3.03
N TYR A 79 0.81 11.16 2.30
CA TYR A 79 -0.06 10.17 1.72
C TYR A 79 0.60 9.53 0.51
N VAL A 80 0.64 8.21 0.51
CA VAL A 80 1.26 7.46 -0.58
C VAL A 80 0.25 6.60 -1.26
N ASN A 81 0.32 6.59 -2.57
CA ASN A 81 -0.57 5.77 -3.36
C ASN A 81 0.12 4.47 -3.72
N ILE A 82 -0.35 3.38 -3.14
CA ILE A 82 0.15 2.07 -3.48
C ILE A 82 -0.50 1.62 -4.76
N ARG A 83 0.22 1.71 -5.86
CA ARG A 83 -0.35 1.44 -7.17
C ARG A 83 0.44 0.36 -7.86
N PRO A 84 -0.26 -0.53 -8.56
CA PRO A 84 0.35 -1.58 -9.36
C PRO A 84 1.45 -1.02 -10.26
N MET A 85 2.60 -1.69 -10.27
CA MET A 85 3.74 -1.23 -11.04
C MET A 85 3.42 -1.23 -12.54
N ASP A 86 2.88 -2.36 -13.01
CA ASP A 86 2.39 -2.47 -14.39
C ASP A 86 1.80 -3.86 -14.63
N ASN A 87 0.47 -3.93 -14.70
CA ASN A 87 -0.22 -5.20 -14.88
C ASN A 87 -1.66 -4.99 -15.38
N SER A 88 -2.46 -4.33 -14.56
CA SER A 88 -3.87 -4.13 -14.87
C SER A 88 -4.39 -2.88 -14.16
N ALA A 89 -5.53 -2.39 -14.60
CA ALA A 89 -6.13 -1.19 -14.03
C ALA A 89 -6.79 -1.48 -12.68
N TRP A 90 -6.42 -0.71 -11.68
CA TRP A 90 -6.98 -0.86 -10.35
C TRP A 90 -7.84 0.36 -9.99
N THR A 91 -8.84 0.15 -9.15
CA THR A 91 -9.66 1.24 -8.65
C THR A 91 -8.96 1.89 -7.46
N THR A 92 -8.76 3.19 -7.53
CA THR A 92 -7.94 3.88 -6.55
C THR A 92 -8.78 4.59 -5.49
N ASP A 93 -8.54 4.23 -4.25
CA ASP A 93 -9.03 4.97 -3.11
C ASP A 93 -7.89 5.09 -2.11
N ASN A 94 -7.96 6.05 -1.20
CA ASN A 94 -6.91 6.20 -0.20
C ASN A 94 -7.12 5.25 0.96
N GLY A 95 -8.24 4.55 0.94
CA GLY A 95 -8.49 3.57 1.97
C GLY A 95 -8.20 2.17 1.51
N VAL A 96 -8.57 1.87 0.27
CA VAL A 96 -8.34 0.56 -0.29
C VAL A 96 -7.87 0.69 -1.73
N PHE A 97 -7.15 -0.31 -2.22
CA PHE A 97 -6.66 -0.28 -3.58
C PHE A 97 -6.85 -1.66 -4.17
N TYR A 98 -7.78 -1.78 -5.12
CA TYR A 98 -8.17 -3.07 -5.63
C TYR A 98 -8.39 -3.04 -7.12
N LYS A 99 -8.02 -4.11 -7.81
CA LYS A 99 -8.25 -4.20 -9.23
C LYS A 99 -9.71 -4.51 -9.51
N ASN A 100 -10.27 -3.83 -10.49
CA ASN A 100 -11.66 -4.02 -10.86
C ASN A 100 -11.88 -5.44 -11.36
N ASP A 101 -10.81 -6.04 -11.85
CA ASP A 101 -10.86 -7.40 -12.36
C ASP A 101 -10.95 -8.40 -11.21
N VAL A 102 -11.63 -9.51 -11.44
CA VAL A 102 -11.58 -10.63 -10.51
C VAL A 102 -10.53 -11.61 -10.99
N GLY A 103 -9.81 -12.21 -10.06
CA GLY A 103 -8.75 -13.11 -10.41
C GLY A 103 -7.48 -12.81 -9.65
N SER A 104 -6.42 -13.53 -9.97
CA SER A 104 -5.14 -13.34 -9.34
C SER A 104 -4.50 -12.03 -9.82
N TRP A 105 -3.31 -11.73 -9.34
CA TRP A 105 -2.60 -10.54 -9.77
C TRP A 105 -1.10 -10.69 -9.54
N GLY A 106 -0.75 -11.24 -8.38
CA GLY A 106 0.66 -11.33 -7.99
C GLY A 106 1.36 -10.00 -8.13
N GLY A 107 2.39 -9.95 -8.95
CA GLY A 107 2.90 -8.68 -9.43
C GLY A 107 3.68 -7.89 -8.40
N THR A 108 3.65 -6.58 -8.56
CA THR A 108 4.35 -5.66 -7.67
C THR A 108 3.58 -4.35 -7.56
N ILE A 109 3.42 -3.87 -6.33
CA ILE A 109 2.75 -2.59 -6.10
C ILE A 109 3.78 -1.56 -5.68
N GLY A 110 3.77 -0.42 -6.34
CA GLY A 110 4.74 0.60 -6.05
C GLY A 110 4.16 1.67 -5.18
N ILE A 111 5.01 2.27 -4.36
CA ILE A 111 4.59 3.35 -3.50
C ILE A 111 4.97 4.70 -4.10
N TYR A 112 3.95 5.47 -4.45
CA TYR A 112 4.13 6.78 -5.05
C TYR A 112 3.59 7.84 -4.09
N VAL A 113 4.36 8.88 -3.85
CA VAL A 113 3.91 9.96 -2.96
C VAL A 113 2.79 10.78 -3.64
N ASP A 114 1.74 11.07 -2.90
CA ASP A 114 0.63 11.85 -3.43
C ASP A 114 1.02 13.33 -3.53
N GLY A 115 1.55 13.72 -4.68
CA GLY A 115 1.83 15.13 -4.93
C GLY A 115 3.22 15.57 -4.50
N GLN A 116 4.09 14.59 -4.19
CA GLN A 116 5.46 14.85 -3.74
C GLN A 116 5.49 15.62 -2.41
N GLN A 117 5.99 14.95 -1.38
CA GLN A 117 6.12 15.55 -0.05
C GLN A 117 7.33 16.47 -0.04
N THR A 118 8.30 16.16 -0.90
CA THR A 118 9.54 16.92 -1.00
C THR A 118 10.35 16.76 0.30
N ASN A 119 10.03 15.70 1.05
CA ASN A 119 10.78 15.31 2.24
C ASN A 119 10.77 16.40 3.32
N THR A 120 9.75 16.36 4.16
CA THR A 120 9.67 17.26 5.30
C THR A 120 10.29 16.56 6.51
N PRO A 121 11.00 17.31 7.39
CA PRO A 121 11.75 16.79 8.55
C PRO A 121 11.32 15.41 9.02
N PRO A 122 11.94 14.37 8.44
CA PRO A 122 11.54 12.99 8.63
C PRO A 122 12.27 12.27 9.77
N GLY A 123 12.34 10.97 9.63
CA GLY A 123 12.92 10.08 10.61
C GLY A 123 12.71 8.66 10.16
N ASN A 124 12.22 7.81 11.04
CA ASN A 124 11.81 6.48 10.61
C ASN A 124 10.30 6.49 10.37
N TYR A 125 9.89 6.12 9.17
CA TYR A 125 8.49 6.11 8.82
C TYR A 125 7.99 4.68 8.76
N THR A 126 6.91 4.45 9.45
CA THR A 126 6.28 3.15 9.47
C THR A 126 5.00 3.20 8.64
N LEU A 127 4.83 2.20 7.80
CA LEU A 127 3.61 2.08 7.03
C LEU A 127 3.18 0.63 6.99
N THR A 128 2.38 0.26 7.97
CA THR A 128 1.92 -1.11 8.12
C THR A 128 0.79 -1.41 7.13
N LEU A 129 1.04 -2.33 6.20
CA LEU A 129 0.08 -2.64 5.17
C LEU A 129 -0.60 -3.98 5.44
N THR A 130 -1.91 -4.01 5.26
CA THR A 130 -2.68 -5.22 5.50
C THR A 130 -3.18 -5.80 4.17
N GLY A 131 -2.69 -6.99 3.84
CA GLY A 131 -3.10 -7.64 2.60
C GLY A 131 -4.43 -8.35 2.74
N GLY A 132 -4.99 -8.75 1.61
CA GLY A 132 -6.25 -9.46 1.64
C GLY A 132 -7.12 -9.11 0.46
N TYR A 133 -8.34 -9.64 0.45
CA TYR A 133 -9.24 -9.40 -0.65
C TYR A 133 -10.23 -8.28 -0.32
N TRP A 134 -11.14 -8.05 -1.24
CA TRP A 134 -12.17 -7.04 -1.10
C TRP A 134 -13.40 -7.49 -1.89
N ALA A 135 -14.58 -7.09 -1.42
CA ALA A 135 -15.82 -7.46 -2.08
C ALA A 135 -16.64 -6.22 -2.47
N LYS A 136 -17.32 -6.32 -3.61
CA LYS A 136 -18.18 -5.26 -4.15
C LYS A 136 -17.38 -4.02 -4.53
N ASP A 137 -17.93 -2.82 -4.34
CA ASP A 137 -17.23 -1.59 -4.70
C ASP A 137 -17.59 -0.43 -3.79
N ASN A 138 -16.56 0.17 -3.18
CA ASN A 138 -16.66 1.38 -2.35
C ASN A 138 -17.51 1.19 -1.08
N LYS A 139 -18.32 0.14 -1.05
CA LYS A 139 -19.16 -0.17 0.10
C LYS A 139 -18.32 -0.68 1.26
N GLN A 140 -17.02 -0.84 0.99
CA GLN A 140 -16.07 -1.37 1.96
C GLN A 140 -16.30 -2.85 2.20
N GLY A 141 -15.86 -3.68 1.26
CA GLY A 141 -15.90 -5.10 1.45
C GLY A 141 -14.51 -5.66 1.68
N PHE A 142 -13.64 -4.88 2.30
CA PHE A 142 -12.26 -5.27 2.48
C PHE A 142 -12.14 -6.34 3.57
N THR A 143 -11.21 -7.27 3.37
CA THR A 143 -10.94 -8.29 4.36
C THR A 143 -9.43 -8.60 4.40
N PRO A 144 -8.84 -8.69 5.60
CA PRO A 144 -7.44 -9.09 5.76
C PRO A 144 -7.24 -10.57 5.51
N SER A 145 -6.32 -10.89 4.61
CA SER A 145 -6.05 -12.28 4.24
C SER A 145 -4.61 -12.43 3.78
N GLY A 146 -3.82 -13.17 4.54
CA GLY A 146 -2.41 -13.34 4.22
C GLY A 146 -1.53 -12.93 5.38
N THR A 147 -0.89 -11.78 5.27
CA THR A 147 -0.04 -11.30 6.33
C THR A 147 -0.03 -9.77 6.34
N THR A 148 0.24 -9.19 7.50
CA THR A 148 0.33 -7.76 7.63
C THR A 148 1.78 -7.31 7.49
N GLY A 149 2.14 -6.89 6.28
CA GLY A 149 3.51 -6.51 6.01
C GLY A 149 3.80 -5.08 6.41
N THR A 150 4.89 -4.88 7.11
CA THR A 150 5.29 -3.56 7.55
C THR A 150 6.40 -3.02 6.67
N THR A 151 6.08 -2.03 5.86
CA THR A 151 7.09 -1.38 5.06
C THR A 151 7.72 -0.27 5.88
N LYS A 152 9.01 -0.40 6.14
CA LYS A 152 9.72 0.57 6.94
C LYS A 152 10.57 1.45 6.06
N LEU A 153 10.40 2.74 6.22
CA LEU A 153 11.08 3.70 5.39
C LEU A 153 11.85 4.71 6.25
N THR A 154 13.16 4.52 6.33
CA THR A 154 14.02 5.40 7.09
C THR A 154 14.70 6.39 6.16
N VAL A 155 14.86 7.62 6.62
CA VAL A 155 15.52 8.64 5.80
C VAL A 155 17.02 8.71 6.11
N THR A 156 17.81 8.18 5.20
CA THR A 156 19.27 8.23 5.30
C THR A 156 19.88 8.10 3.90
#